data_3HKC
#
_entry.id   3HKC
#
_cell.length_a   329.240
_cell.length_b   329.240
_cell.length_c   53.870
_cell.angle_alpha   90.00
_cell.angle_beta   90.00
_cell.angle_gamma   120.00
#
_symmetry.space_group_name_H-M   'P 65'
#
loop_
_entity.id
_entity.type
_entity.pdbx_description
1 polymer 'Tubulin alpha chain'
2 polymer 'Tubulin beta chain'
3 polymer Stathmin-4
4 non-polymer "GUANOSINE-5'-TRIPHOSPHATE"
5 non-polymer 'MAGNESIUM ION'
6 non-polymer "GUANOSINE-5'-DIPHOSPHATE"
7 non-polymer N-{2-[(4-hydroxyphenyl)amino]pyridin-3-yl}-4-methoxybenzenesulfonamide
#
loop_
_entity_poly.entity_id
_entity_poly.type
_entity_poly.pdbx_seq_one_letter_code
_entity_poly.pdbx_strand_id
1 'polypeptide(L)'
;MRECISIHVGQAGVQIGNACWELYCLEHGIQPDGQMPSDKTIGGGDDSFNTFFSETGAGKHVPRAVFVDLEPTVIDEVRT
GTYRQLFHPEQLITGKEDAANNYARGHYTIGKEIIDLVLDRIRKLADQCTGLQGFLVFHSFGGGTGSGFTSLLMERLSVD
YGKKSKLEFSIYPAPQVSTAVVEPYNSILTTHTTLEHSDCAFMVDNEAIYDICRRNLDIERPTYTNLNRLIGQIVSSITA
SLRFDGALNVDLTEFQTNLVPYPRIHFPLATYAPVISAEKAYHEQLSVAEITNACFEPANQMVKCDPRHGKYMACCLLYR
GDVVPKDVNAAIATIKTKRTIQFVDWCPTGFKVGINYQPPTVVPGGDLAKVQRAVCMLSNTTAIAEAWARLDHKFDLMYA
KRAFVHWYVGEGMEEGEFSEAREDMAALEKDYEEVGVDSVEGEGEEEGEEY
;
A,C
2 'polypeptide(L)'
;MREIVHIQAGQCGNQIGAKFWEVISDEHGIDPTGSYHGDSDLQLERINVYYNEATGNKYVPRAILVDLEPGTMDSVRSGP
FGQIFRPDNFVFGQSGAGNNWAKGHYTEGAELVDSVLDVVRKESESCDCLQGFQLTHSLGGGTGSGMGTLLISKIREEYP
DRIMNTFSVMPSPKVSDTVVEPYNATLSVHQLVENTDETYSIDNEALYDICFRTLKLTTPTYGDLNHLVSATMSGVTTCL
RFPGQLNADLRKLAVNMVPFPRLHFFMPGFAPLTSRGSQQYRALTVPELTQQMFDSKNMMAACDPRHGRYLTVAAVFRGR
MSMKEVDEQMLNVQNKNSSYFVEWIPNNVKTAVCDIPPRGLKMSATFIGNSTAIQELFKRISEQFTAMFRRKAFLHWYTG
EGMDEMEFTEAESNMNDLVSEYQQYQDATADEQGEFEEEEGEDEA
;
B,D
3 'polypeptide(L)'
;ADMEVIELNKCTSGQSFEVILKPPSFDGVPEFNASLPRRRDPSLEEIQKKLEAAEERRKYQEAELLKHLAEKREHEREVI
QKAIEENNNFIKMAKEKLAQKMESNKENREAHLAAMLERLQEKDKHAEEVRKNKELKEEASR
;
E
#
# COMPACT_ATOMS: atom_id res chain seq x y z
N ARG A 2 -65.75 -23.06 -35.46
CA ARG A 2 -66.46 -21.77 -35.15
C ARG A 2 -65.51 -20.55 -34.90
N GLU A 3 -65.10 -20.33 -33.64
CA GLU A 3 -64.25 -19.17 -33.27
C GLU A 3 -62.76 -19.44 -33.44
N CYS A 4 -61.90 -18.55 -32.94
CA CYS A 4 -60.46 -18.69 -33.20
C CYS A 4 -59.49 -17.70 -32.50
N ILE A 5 -58.91 -18.12 -31.38
CA ILE A 5 -58.06 -17.25 -30.57
C ILE A 5 -56.57 -17.22 -31.03
N SER A 6 -56.07 -16.00 -31.25
CA SER A 6 -54.64 -15.75 -31.42
C SER A 6 -53.87 -15.53 -30.08
N ILE A 7 -52.71 -16.17 -29.94
CA ILE A 7 -51.78 -15.87 -28.87
C ILE A 7 -50.47 -15.48 -29.48
N HIS A 8 -49.92 -14.35 -29.07
CA HIS A 8 -48.57 -13.99 -29.52
C HIS A 8 -47.60 -13.76 -28.38
N VAL A 9 -46.67 -14.68 -28.19
CA VAL A 9 -45.71 -14.55 -27.10
C VAL A 9 -44.32 -14.25 -27.62
N GLY A 10 -43.65 -13.31 -26.96
CA GLY A 10 -42.27 -12.99 -27.28
C GLY A 10 -42.16 -11.88 -28.29
N GLN A 11 -41.23 -10.97 -28.03
CA GLN A 11 -40.98 -9.81 -28.90
C GLN A 11 -41.21 -10.05 -30.41
N ALA A 12 -40.76 -11.20 -30.92
CA ALA A 12 -40.99 -11.54 -32.31
C ALA A 12 -42.43 -11.88 -32.39
N GLY A 13 -42.83 -12.99 -31.76
CA GLY A 13 -44.22 -13.35 -31.67
C GLY A 13 -45.11 -12.11 -31.76
N VAL A 14 -44.88 -11.14 -30.89
CA VAL A 14 -45.73 -9.96 -30.80
C VAL A 14 -45.70 -9.11 -32.07
N GLN A 15 -44.53 -8.71 -32.53
CA GLN A 15 -44.45 -7.81 -33.66
C GLN A 15 -45.04 -8.46 -34.90
N ILE A 16 -44.81 -9.77 -35.08
CA ILE A 16 -45.38 -10.51 -36.21
C ILE A 16 -46.87 -10.30 -36.14
N GLY A 17 -47.42 -10.49 -34.94
CA GLY A 17 -48.85 -10.36 -34.72
C GLY A 17 -49.35 -9.00 -35.08
N ASN A 18 -48.86 -8.03 -34.31
CA ASN A 18 -49.12 -6.61 -34.48
C ASN A 18 -49.24 -6.18 -35.95
N ALA A 19 -48.48 -6.87 -36.82
CA ALA A 19 -48.35 -6.52 -38.23
C ALA A 19 -49.06 -7.53 -39.16
N CYS A 20 -49.62 -8.56 -38.56
CA CYS A 20 -50.58 -9.28 -39.34
C CYS A 20 -52.01 -9.02 -38.89
N TRP A 21 -52.21 -8.66 -37.62
CA TRP A 21 -53.51 -8.09 -37.23
C TRP A 21 -53.85 -6.88 -38.10
N GLU A 22 -52.91 -5.94 -38.14
CA GLU A 22 -52.93 -4.82 -39.07
C GLU A 22 -53.42 -5.25 -40.44
N LEU A 23 -52.92 -6.36 -40.95
CA LEU A 23 -53.29 -6.77 -42.29
C LEU A 23 -54.66 -7.40 -42.32
N TYR A 24 -55.04 -8.05 -41.22
CA TYR A 24 -56.37 -8.57 -41.16
C TYR A 24 -57.25 -7.36 -41.29
N CYS A 25 -57.08 -6.38 -40.42
CA CYS A 25 -57.90 -5.16 -40.51
C CYS A 25 -58.10 -4.57 -41.90
N LEU A 26 -57.03 -4.33 -42.64
CA LEU A 26 -57.12 -3.63 -43.92
C LEU A 26 -57.90 -4.49 -44.86
N GLU A 27 -57.71 -5.80 -44.71
CA GLU A 27 -58.40 -6.81 -45.50
C GLU A 27 -59.89 -6.85 -45.16
N HIS A 28 -60.23 -6.53 -43.92
CA HIS A 28 -61.62 -6.53 -43.48
C HIS A 28 -62.22 -5.10 -43.33
N GLY A 29 -61.51 -4.09 -43.83
CA GLY A 29 -61.96 -2.69 -43.82
C GLY A 29 -62.44 -2.21 -42.47
N ILE A 30 -61.66 -2.54 -41.45
CA ILE A 30 -61.90 -2.09 -40.09
C ILE A 30 -60.98 -0.91 -39.86
N GLN A 31 -61.54 0.26 -39.55
CA GLN A 31 -60.69 1.37 -39.18
C GLN A 31 -60.13 1.10 -37.81
N PRO A 32 -58.82 1.28 -37.65
CA PRO A 32 -58.15 1.28 -36.35
C PRO A 32 -59.00 1.56 -35.10
N ASP A 33 -59.91 2.52 -35.07
CA ASP A 33 -60.75 2.69 -33.88
C ASP A 33 -61.48 1.39 -33.48
N GLY A 34 -61.67 0.51 -34.44
CA GLY A 34 -62.43 -0.70 -34.23
C GLY A 34 -63.69 -0.79 -35.09
N GLN A 35 -64.35 0.35 -35.38
CA GLN A 35 -65.61 0.37 -36.12
C GLN A 35 -65.36 0.12 -37.59
N MET A 36 -66.26 -0.63 -38.22
CA MET A 36 -66.29 -0.73 -39.68
C MET A 36 -67.62 -0.14 -40.04
N PRO A 37 -67.70 0.62 -41.14
CA PRO A 37 -68.96 0.88 -41.84
C PRO A 37 -69.18 -0.09 -43.03
N ASP A 47 -71.77 -13.54 -38.28
CA ASP A 47 -70.86 -14.51 -38.90
C ASP A 47 -69.82 -13.90 -39.95
N SER A 48 -68.98 -14.78 -40.55
CA SER A 48 -68.08 -14.55 -41.73
C SER A 48 -66.63 -14.33 -41.30
N PHE A 49 -66.35 -13.07 -40.94
CA PHE A 49 -65.09 -12.59 -40.34
C PHE A 49 -65.14 -12.61 -38.81
N ASN A 50 -66.29 -12.98 -38.27
CA ASN A 50 -66.49 -13.21 -36.85
C ASN A 50 -65.55 -14.29 -36.35
N THR A 51 -65.04 -15.08 -37.31
CA THR A 51 -64.15 -16.18 -37.05
C THR A 51 -62.97 -15.70 -36.19
N PHE A 52 -62.59 -14.43 -36.31
CA PHE A 52 -61.39 -13.87 -35.65
C PHE A 52 -61.66 -12.71 -34.72
N PHE A 53 -62.75 -12.01 -34.89
CA PHE A 53 -63.02 -10.87 -34.04
C PHE A 53 -64.33 -11.11 -33.31
N SER A 54 -64.49 -10.47 -32.13
CA SER A 54 -65.77 -10.39 -31.41
C SER A 54 -66.36 -9.00 -31.61
N GLU A 55 -67.64 -8.94 -31.97
CA GLU A 55 -68.36 -7.66 -32.07
C GLU A 55 -68.61 -7.19 -30.62
N THR A 56 -67.72 -6.37 -30.07
CA THR A 56 -67.87 -5.89 -28.69
C THR A 56 -68.61 -4.55 -28.68
N GLY A 57 -69.43 -4.35 -27.63
CA GLY A 57 -70.23 -3.14 -27.42
C GLY A 57 -71.11 -2.86 -28.62
N ALA A 58 -71.39 -1.59 -28.87
CA ALA A 58 -72.06 -1.19 -30.12
C ALA A 58 -71.30 -0.11 -30.87
N GLY A 59 -70.34 -0.58 -31.66
CA GLY A 59 -69.52 0.28 -32.50
C GLY A 59 -68.30 -0.51 -32.91
N LYS A 60 -67.68 -1.18 -31.92
CA LYS A 60 -66.31 -1.73 -31.98
C LYS A 60 -66.17 -3.09 -32.70
N HIS A 61 -64.95 -3.64 -32.76
CA HIS A 61 -64.69 -4.91 -33.46
C HIS A 61 -63.47 -5.71 -32.97
N VAL A 62 -63.12 -5.58 -31.68
CA VAL A 62 -61.91 -6.21 -31.06
C VAL A 62 -61.45 -7.59 -31.60
N PRO A 63 -60.14 -7.76 -31.86
CA PRO A 63 -59.58 -9.09 -32.15
C PRO A 63 -59.73 -10.06 -31.00
N ARG A 64 -59.72 -11.33 -31.32
CA ARG A 64 -59.73 -12.35 -30.31
C ARG A 64 -58.29 -12.72 -30.19
N ALA A 65 -57.58 -11.93 -29.41
CA ALA A 65 -56.15 -12.07 -29.39
C ALA A 65 -55.63 -11.84 -27.98
N VAL A 66 -54.54 -12.52 -27.60
CA VAL A 66 -53.72 -12.12 -26.43
C VAL A 66 -52.27 -11.94 -26.81
N PHE A 67 -51.66 -10.93 -26.20
CA PHE A 67 -50.29 -10.62 -26.46
C PHE A 67 -49.54 -10.74 -25.17
N VAL A 68 -48.50 -11.55 -25.12
CA VAL A 68 -47.68 -11.65 -23.91
C VAL A 68 -46.23 -11.41 -24.18
N ASP A 69 -45.60 -10.73 -23.25
CA ASP A 69 -44.16 -10.51 -23.30
C ASP A 69 -43.67 -10.39 -21.87
N LEU A 70 -42.42 -10.79 -21.59
CA LEU A 70 -41.93 -10.63 -20.23
C LEU A 70 -41.24 -9.27 -19.86
N GLU A 71 -40.94 -8.42 -20.86
CA GLU A 71 -40.61 -6.99 -20.70
C GLU A 71 -41.81 -6.22 -21.14
N PRO A 72 -42.01 -5.00 -20.72
CA PRO A 72 -42.98 -4.13 -21.37
C PRO A 72 -42.50 -3.79 -22.80
N THR A 73 -41.55 -2.85 -22.94
CA THR A 73 -41.07 -2.36 -24.25
C THR A 73 -42.05 -2.59 -25.42
N VAL A 74 -42.11 -3.83 -25.91
CA VAL A 74 -42.84 -4.15 -27.13
C VAL A 74 -44.36 -4.11 -27.04
N ILE A 75 -44.90 -4.57 -25.92
CA ILE A 75 -46.32 -4.50 -25.68
C ILE A 75 -46.71 -3.04 -25.50
N ASP A 76 -45.79 -2.24 -24.95
CA ASP A 76 -46.05 -0.82 -24.74
C ASP A 76 -46.23 -0.08 -26.05
N GLU A 77 -45.39 -0.43 -27.03
CA GLU A 77 -45.49 0.17 -28.36
C GLU A 77 -46.88 -0.05 -28.99
N VAL A 78 -47.58 -1.13 -28.62
CA VAL A 78 -48.92 -1.43 -29.16
C VAL A 78 -49.98 -0.53 -28.59
N ARG A 79 -49.99 -0.35 -27.28
CA ARG A 79 -50.90 0.60 -26.69
C ARG A 79 -50.29 2.01 -26.75
N THR A 80 -49.51 2.27 -27.80
CA THR A 80 -48.97 3.62 -28.10
C THR A 80 -49.50 4.24 -29.46
N GLY A 81 -49.24 3.52 -30.55
CA GLY A 81 -49.53 3.96 -31.91
C GLY A 81 -50.72 3.24 -32.47
N THR A 82 -51.58 4.01 -33.13
CA THR A 82 -52.96 3.61 -33.41
C THR A 82 -53.09 2.16 -33.80
N TYR A 83 -54.24 1.63 -33.42
CA TYR A 83 -54.41 0.23 -33.04
C TYR A 83 -54.46 0.26 -31.51
N ARG A 84 -53.79 1.23 -30.91
CA ARG A 84 -54.00 1.56 -29.51
C ARG A 84 -55.47 1.37 -29.16
N GLN A 85 -56.34 1.73 -30.10
CA GLN A 85 -57.76 1.67 -29.85
C GLN A 85 -58.38 0.31 -30.10
N LEU A 86 -57.76 -0.45 -30.99
CA LEU A 86 -58.28 -1.72 -31.47
C LEU A 86 -58.50 -2.78 -30.41
N PHE A 87 -57.42 -3.22 -29.78
CA PHE A 87 -57.47 -4.23 -28.73
C PHE A 87 -58.06 -3.68 -27.46
N HIS A 88 -58.22 -4.55 -26.48
CA HIS A 88 -58.71 -4.14 -25.18
C HIS A 88 -57.57 -4.13 -24.14
N PRO A 89 -57.45 -3.07 -23.34
CA PRO A 89 -56.34 -2.92 -22.39
C PRO A 89 -55.98 -4.24 -21.71
N GLU A 90 -56.96 -5.09 -21.47
CA GLU A 90 -56.66 -6.33 -20.80
C GLU A 90 -56.10 -7.43 -21.65
N GLN A 91 -56.13 -7.32 -22.96
CA GLN A 91 -55.66 -8.44 -23.77
C GLN A 91 -54.15 -8.47 -23.93
N LEU A 92 -53.49 -7.41 -23.46
CA LEU A 92 -52.04 -7.28 -23.60
C LEU A 92 -51.35 -7.48 -22.28
N ILE A 93 -50.63 -8.59 -22.12
CA ILE A 93 -49.99 -8.86 -20.85
C ILE A 93 -48.48 -8.64 -20.88
N THR A 94 -47.98 -8.00 -19.82
CA THR A 94 -46.58 -7.60 -19.72
C THR A 94 -45.96 -7.89 -18.34
N GLY A 95 -44.68 -8.27 -18.32
CA GLY A 95 -44.11 -8.85 -17.12
C GLY A 95 -42.90 -8.26 -16.38
N LYS A 96 -42.60 -6.98 -16.61
CA LYS A 96 -41.57 -6.20 -15.84
C LYS A 96 -40.09 -6.62 -15.98
N GLU A 97 -39.78 -7.89 -15.74
CA GLU A 97 -38.42 -8.35 -15.90
C GLU A 97 -38.38 -9.29 -17.05
N ASP A 98 -37.27 -9.22 -17.74
CA ASP A 98 -37.01 -9.98 -18.95
C ASP A 98 -36.89 -11.51 -18.83
N ALA A 99 -36.89 -12.17 -19.97
CA ALA A 99 -36.67 -13.61 -20.06
C ALA A 99 -35.18 -13.91 -20.16
N ALA A 100 -34.44 -12.89 -20.59
CA ALA A 100 -32.98 -12.92 -20.79
C ALA A 100 -32.44 -14.11 -21.60
N ASN A 101 -33.06 -14.32 -22.76
CA ASN A 101 -32.46 -15.14 -23.78
C ASN A 101 -32.27 -16.58 -23.38
N ASN A 102 -33.03 -17.05 -22.40
CA ASN A 102 -32.99 -18.50 -22.13
C ASN A 102 -34.27 -19.19 -21.70
N TYR A 103 -34.43 -20.39 -22.29
CA TYR A 103 -35.60 -21.21 -22.13
C TYR A 103 -35.78 -21.34 -20.65
N ALA A 104 -34.72 -21.79 -19.99
CA ALA A 104 -34.76 -22.04 -18.56
C ALA A 104 -35.57 -20.99 -17.84
N ARG A 105 -35.18 -19.74 -18.07
CA ARG A 105 -35.74 -18.61 -17.34
C ARG A 105 -37.21 -18.48 -17.64
N GLY A 106 -37.54 -18.43 -18.93
CA GLY A 106 -38.93 -18.29 -19.32
C GLY A 106 -39.83 -19.39 -18.77
N HIS A 107 -39.44 -20.62 -19.05
CA HIS A 107 -40.23 -21.76 -18.64
C HIS A 107 -40.40 -21.84 -17.12
N TYR A 108 -39.28 -21.77 -16.40
CA TYR A 108 -39.29 -22.12 -14.98
C TYR A 108 -39.29 -20.95 -14.00
N THR A 109 -38.47 -19.95 -14.28
CA THR A 109 -38.16 -18.96 -13.26
C THR A 109 -39.02 -17.73 -13.37
N ILE A 110 -38.84 -16.96 -14.44
CA ILE A 110 -39.66 -15.78 -14.61
C ILE A 110 -41.03 -16.10 -15.23
N GLY A 111 -41.19 -17.31 -15.75
CA GLY A 111 -42.46 -17.77 -16.33
C GLY A 111 -43.52 -18.31 -15.36
N LYS A 112 -43.10 -19.21 -14.48
CA LYS A 112 -43.92 -19.68 -13.38
C LYS A 112 -44.92 -18.66 -12.87
N GLU A 113 -44.55 -17.38 -12.91
CA GLU A 113 -45.29 -16.31 -12.22
C GLU A 113 -46.48 -15.77 -13.00
N ILE A 114 -46.24 -15.50 -14.27
CA ILE A 114 -47.21 -14.78 -15.11
C ILE A 114 -48.24 -15.73 -15.76
N ILE A 115 -47.92 -17.02 -15.78
CA ILE A 115 -48.70 -18.03 -16.51
C ILE A 115 -50.14 -18.15 -16.06
N ASP A 116 -50.37 -17.92 -14.79
CA ASP A 116 -51.70 -18.10 -14.26
C ASP A 116 -52.61 -16.96 -14.69
N LEU A 117 -51.99 -15.81 -14.92
CA LEU A 117 -52.73 -14.64 -15.37
C LEU A 117 -53.05 -14.68 -16.85
N VAL A 118 -52.11 -15.16 -17.64
CA VAL A 118 -52.26 -15.21 -19.08
C VAL A 118 -53.31 -16.24 -19.38
N LEU A 119 -53.18 -17.42 -18.76
CA LEU A 119 -54.08 -18.55 -19.00
C LEU A 119 -55.52 -18.23 -18.62
N ASP A 120 -55.65 -17.37 -17.61
CA ASP A 120 -56.93 -16.82 -17.18
C ASP A 120 -57.49 -15.96 -18.31
N ARG A 121 -56.82 -14.85 -18.63
CA ARG A 121 -57.28 -13.92 -19.68
C ARG A 121 -57.74 -14.59 -21.01
N ILE A 122 -57.03 -15.66 -21.38
CA ILE A 122 -57.32 -16.45 -22.55
C ILE A 122 -58.71 -16.97 -22.37
N ARG A 123 -58.96 -17.57 -21.21
CA ARG A 123 -60.27 -18.12 -20.87
C ARG A 123 -61.40 -17.11 -20.86
N LYS A 124 -61.11 -15.88 -20.44
CA LYS A 124 -62.04 -14.75 -20.59
C LYS A 124 -62.50 -14.60 -22.03
N LEU A 125 -61.58 -14.80 -22.99
CA LEU A 125 -61.89 -14.75 -24.41
C LEU A 125 -62.64 -15.99 -24.91
N ALA A 126 -62.21 -17.16 -24.44
CA ALA A 126 -62.87 -18.42 -24.72
C ALA A 126 -64.29 -18.36 -24.20
N ASP A 127 -64.51 -17.58 -23.15
CA ASP A 127 -65.80 -17.52 -22.47
C ASP A 127 -66.92 -16.99 -23.37
N GLN A 128 -66.61 -16.04 -24.24
CA GLN A 128 -67.62 -15.54 -25.19
C GLN A 128 -67.44 -16.14 -26.60
N CYS A 129 -67.47 -17.47 -26.65
CA CYS A 129 -67.30 -18.20 -27.88
C CYS A 129 -68.19 -19.45 -27.88
N THR A 130 -69.28 -19.42 -28.65
CA THR A 130 -70.16 -20.58 -28.75
C THR A 130 -69.60 -21.58 -29.75
N GLY A 131 -68.57 -22.30 -29.29
CA GLY A 131 -67.87 -23.29 -30.10
C GLY A 131 -66.44 -22.95 -30.56
N LEU A 132 -65.65 -22.36 -29.67
CA LEU A 132 -64.27 -21.96 -30.01
C LEU A 132 -63.53 -23.14 -30.62
N GLN A 133 -62.69 -22.83 -31.60
CA GLN A 133 -62.03 -23.86 -32.35
C GLN A 133 -60.64 -24.18 -31.80
N GLY A 134 -59.72 -23.24 -31.92
CA GLY A 134 -58.39 -23.58 -31.54
C GLY A 134 -57.55 -22.41 -31.16
N PHE A 135 -56.25 -22.62 -31.15
CA PHE A 135 -55.31 -21.58 -30.83
C PHE A 135 -54.22 -21.43 -31.85
N LEU A 136 -53.99 -20.20 -32.25
CA LEU A 136 -52.91 -19.92 -33.16
C LEU A 136 -51.84 -19.30 -32.32
N VAL A 137 -50.77 -20.03 -32.05
CA VAL A 137 -49.71 -19.51 -31.19
C VAL A 137 -48.56 -18.97 -32.04
N PHE A 138 -48.28 -17.69 -31.95
CA PHE A 138 -47.14 -17.17 -32.68
C PHE A 138 -45.97 -16.96 -31.72
N HIS A 139 -44.78 -17.46 -32.07
CA HIS A 139 -43.60 -17.27 -31.19
C HIS A 139 -42.22 -17.39 -31.84
N SER A 140 -41.21 -16.83 -31.19
CA SER A 140 -39.82 -16.94 -31.66
C SER A 140 -39.26 -18.30 -31.29
N PHE A 141 -38.45 -18.88 -32.17
CA PHE A 141 -37.95 -20.24 -31.97
C PHE A 141 -36.83 -20.27 -30.94
N GLY A 142 -35.76 -19.52 -31.22
CA GLY A 142 -34.73 -19.21 -30.25
C GLY A 142 -35.21 -17.92 -29.62
N GLY A 143 -34.45 -17.38 -28.69
CA GLY A 143 -34.94 -16.22 -27.97
C GLY A 143 -35.75 -16.59 -26.73
N GLY A 144 -35.68 -15.72 -25.72
CA GLY A 144 -36.00 -16.05 -24.33
C GLY A 144 -37.38 -16.56 -23.96
N THR A 145 -38.37 -15.68 -23.99
CA THR A 145 -39.72 -16.08 -23.64
C THR A 145 -40.40 -16.87 -24.76
N GLY A 146 -40.06 -16.55 -26.01
CA GLY A 146 -40.56 -17.23 -27.17
C GLY A 146 -40.39 -18.74 -27.07
N SER A 147 -39.23 -19.20 -26.62
CA SER A 147 -39.01 -20.64 -26.44
C SER A 147 -39.67 -21.15 -25.17
N GLY A 148 -39.21 -20.59 -24.05
CA GLY A 148 -39.55 -21.00 -22.70
C GLY A 148 -40.98 -20.84 -22.25
N PHE A 149 -41.53 -19.61 -22.36
CA PHE A 149 -42.89 -19.36 -21.92
C PHE A 149 -43.93 -19.98 -22.82
N THR A 150 -43.68 -19.95 -24.14
CA THR A 150 -44.53 -20.60 -25.13
C THR A 150 -44.71 -22.05 -24.83
N SER A 151 -43.58 -22.71 -24.56
CA SER A 151 -43.55 -24.08 -24.11
C SER A 151 -44.51 -24.28 -22.93
N LEU A 152 -44.16 -23.75 -21.75
CA LEU A 152 -45.06 -23.78 -20.59
C LEU A 152 -46.52 -23.49 -20.93
N LEU A 153 -46.76 -22.63 -21.92
CA LEU A 153 -48.13 -22.30 -22.32
C LEU A 153 -48.77 -23.51 -22.90
N MET A 154 -48.21 -24.00 -23.99
CA MET A 154 -48.77 -25.14 -24.73
C MET A 154 -49.08 -26.39 -23.88
N GLU A 155 -48.23 -26.66 -22.90
CA GLU A 155 -48.45 -27.76 -21.96
C GLU A 155 -49.80 -27.55 -21.30
N ARG A 156 -49.93 -26.38 -20.70
CA ARG A 156 -51.09 -26.00 -19.93
C ARG A 156 -52.36 -25.85 -20.75
N LEU A 157 -52.21 -25.34 -21.97
CA LEU A 157 -53.30 -25.13 -22.89
C LEU A 157 -53.73 -26.48 -23.29
N SER A 158 -52.77 -27.37 -23.48
CA SER A 158 -53.11 -28.75 -23.74
C SER A 158 -53.90 -29.38 -22.60
N VAL A 159 -53.79 -28.84 -21.39
CA VAL A 159 -54.54 -29.39 -20.27
C VAL A 159 -55.95 -28.79 -20.11
N ASP A 160 -56.04 -27.46 -20.12
CA ASP A 160 -57.32 -26.80 -19.94
C ASP A 160 -58.23 -26.94 -21.19
N TYR A 161 -57.68 -27.40 -22.32
CA TYR A 161 -58.40 -27.44 -23.62
C TYR A 161 -58.21 -28.74 -24.45
N GLY A 162 -59.02 -29.75 -24.12
CA GLY A 162 -58.86 -31.15 -24.54
C GLY A 162 -58.49 -31.48 -25.97
N LYS A 163 -59.49 -31.45 -26.86
CA LYS A 163 -59.28 -31.64 -28.30
C LYS A 163 -58.62 -30.42 -28.90
N LYS A 164 -59.45 -29.39 -29.11
CA LYS A 164 -59.05 -28.01 -29.47
C LYS A 164 -57.61 -27.85 -29.98
N SER A 165 -57.51 -27.76 -31.30
CA SER A 165 -56.21 -27.78 -31.97
C SER A 165 -55.32 -26.60 -31.60
N LYS A 166 -54.04 -26.78 -31.83
CA LYS A 166 -53.13 -25.71 -31.64
C LYS A 166 -52.26 -25.71 -32.89
N LEU A 167 -52.13 -24.53 -33.48
CA LEU A 167 -51.37 -24.31 -34.70
C LEU A 167 -50.28 -23.34 -34.40
N GLU A 168 -49.01 -23.75 -34.51
CA GLU A 168 -47.94 -22.80 -34.17
C GLU A 168 -47.21 -22.21 -35.39
N PHE A 169 -46.85 -20.93 -35.31
CA PHE A 169 -46.12 -20.22 -36.35
C PHE A 169 -44.76 -19.87 -35.76
N SER A 170 -43.77 -20.77 -35.84
CA SER A 170 -42.42 -20.53 -35.26
C SER A 170 -41.51 -19.66 -36.14
N ILE A 171 -40.63 -18.87 -35.51
CA ILE A 171 -39.65 -18.05 -36.24
C ILE A 171 -38.25 -18.56 -36.04
N TYR A 172 -37.90 -19.45 -36.96
CA TYR A 172 -36.61 -20.18 -37.04
C TYR A 172 -35.45 -19.18 -37.26
N PRO A 173 -34.49 -19.20 -36.34
CA PRO A 173 -33.62 -18.04 -36.07
C PRO A 173 -32.58 -17.98 -37.11
N ALA A 174 -32.13 -16.81 -37.52
CA ALA A 174 -31.11 -16.80 -38.59
C ALA A 174 -29.84 -16.03 -38.28
N PRO A 175 -28.65 -16.65 -38.50
CA PRO A 175 -27.36 -15.99 -38.29
C PRO A 175 -27.41 -14.46 -38.38
N GLN A 176 -27.68 -13.96 -39.60
CA GLN A 176 -27.66 -12.51 -39.89
C GLN A 176 -28.64 -11.63 -39.06
N VAL A 177 -29.89 -12.03 -38.93
CA VAL A 177 -30.78 -11.28 -38.06
C VAL A 177 -31.18 -12.08 -36.83
N SER A 178 -30.34 -11.94 -35.81
CA SER A 178 -30.49 -12.70 -34.56
C SER A 178 -30.11 -11.83 -33.39
N THR A 179 -30.46 -12.29 -32.20
CA THR A 179 -30.12 -11.57 -30.98
C THR A 179 -29.01 -12.27 -30.26
N ALA A 180 -29.17 -13.60 -30.12
CA ALA A 180 -28.51 -14.40 -29.09
C ALA A 180 -27.63 -15.54 -29.59
N VAL A 181 -26.56 -15.79 -28.84
CA VAL A 181 -25.60 -16.81 -29.14
C VAL A 181 -26.15 -18.16 -28.76
N VAL A 182 -26.85 -18.18 -27.65
CA VAL A 182 -27.46 -19.39 -27.06
C VAL A 182 -28.76 -19.86 -27.79
N GLU A 183 -29.13 -19.16 -28.87
CA GLU A 183 -30.33 -19.41 -29.66
C GLU A 183 -30.61 -20.86 -29.99
N PRO A 184 -29.64 -21.56 -30.59
CA PRO A 184 -29.79 -23.00 -30.85
C PRO A 184 -30.31 -23.77 -29.64
N TYR A 185 -29.68 -23.62 -28.49
CA TYR A 185 -30.14 -24.30 -27.28
C TYR A 185 -31.64 -24.15 -27.11
N ASN A 186 -32.13 -22.92 -26.95
CA ASN A 186 -33.56 -22.67 -26.75
C ASN A 186 -34.43 -23.31 -27.80
N SER A 187 -34.06 -23.12 -29.06
CA SER A 187 -34.78 -23.72 -30.19
C SER A 187 -35.03 -25.23 -29.93
N ILE A 188 -33.94 -26.00 -29.82
CA ILE A 188 -33.99 -27.45 -29.66
C ILE A 188 -34.64 -27.83 -28.34
N LEU A 189 -34.53 -26.93 -27.37
CA LEU A 189 -35.08 -27.10 -26.04
C LEU A 189 -36.58 -27.07 -26.13
N THR A 190 -37.14 -25.94 -26.56
CA THR A 190 -38.59 -25.78 -26.71
C THR A 190 -39.23 -26.82 -27.67
N THR A 191 -38.92 -26.68 -28.94
CA THR A 191 -39.31 -27.61 -29.96
C THR A 191 -39.48 -29.06 -29.45
N HIS A 192 -38.77 -29.40 -28.39
CA HIS A 192 -38.87 -30.73 -27.80
C HIS A 192 -40.12 -30.88 -26.92
N THR A 193 -40.26 -29.99 -25.94
CA THR A 193 -41.45 -29.99 -25.05
C THR A 193 -42.66 -29.68 -25.88
N THR A 194 -42.44 -28.80 -26.83
CA THR A 194 -43.48 -28.06 -27.53
C THR A 194 -44.18 -28.94 -28.58
N LEU A 195 -43.45 -29.92 -29.10
CA LEU A 195 -43.87 -30.70 -30.29
C LEU A 195 -45.03 -31.66 -30.06
N GLU A 196 -45.19 -32.17 -28.84
CA GLU A 196 -46.27 -33.12 -28.61
C GLU A 196 -47.49 -32.49 -27.97
N HIS A 197 -47.55 -31.16 -28.00
CA HIS A 197 -48.72 -30.44 -27.49
C HIS A 197 -49.39 -29.59 -28.59
N SER A 198 -48.78 -29.62 -29.78
CA SER A 198 -49.15 -28.82 -30.94
C SER A 198 -49.67 -29.74 -32.02
N ASP A 199 -50.46 -29.24 -32.98
CA ASP A 199 -51.05 -30.11 -34.02
C ASP A 199 -50.39 -30.04 -35.42
N CYS A 200 -50.34 -28.82 -35.97
CA CYS A 200 -49.52 -28.50 -37.13
C CYS A 200 -48.79 -27.15 -36.91
N ALA A 201 -47.56 -27.07 -37.45
CA ALA A 201 -46.60 -26.02 -37.10
C ALA A 201 -45.87 -25.41 -38.29
N PHE A 202 -46.15 -24.13 -38.54
CA PHE A 202 -45.60 -23.43 -39.70
C PHE A 202 -44.29 -22.75 -39.38
N MET A 203 -43.21 -23.32 -39.87
CA MET A 203 -41.95 -22.71 -39.58
C MET A 203 -41.78 -21.56 -40.51
N VAL A 204 -41.06 -20.54 -40.04
CA VAL A 204 -40.70 -19.40 -40.85
C VAL A 204 -39.25 -19.14 -40.67
N ASP A 205 -38.46 -19.40 -41.69
CA ASP A 205 -37.03 -19.13 -41.60
C ASP A 205 -36.72 -17.64 -41.80
N ASN A 206 -36.27 -16.97 -40.74
CA ASN A 206 -35.93 -15.55 -40.86
C ASN A 206 -35.00 -15.28 -42.01
N GLU A 207 -33.92 -16.04 -42.11
CA GLU A 207 -33.06 -15.95 -43.28
C GLU A 207 -33.89 -15.93 -44.56
N ALA A 208 -34.67 -17.00 -44.79
CA ALA A 208 -35.47 -17.10 -46.00
C ALA A 208 -36.17 -15.81 -46.33
N ILE A 209 -36.81 -15.22 -45.33
CA ILE A 209 -37.59 -14.02 -45.52
C ILE A 209 -36.71 -12.83 -45.78
N TYR A 210 -35.55 -12.82 -45.19
CA TYR A 210 -34.64 -11.73 -45.40
C TYR A 210 -34.05 -11.86 -46.79
N ASP A 211 -33.96 -13.09 -47.29
CA ASP A 211 -33.51 -13.32 -48.66
C ASP A 211 -34.50 -12.74 -49.66
N ILE A 212 -35.79 -13.07 -49.48
CA ILE A 212 -36.87 -12.60 -50.36
C ILE A 212 -36.85 -11.09 -50.45
N CYS A 213 -36.59 -10.47 -49.31
CA CYS A 213 -36.55 -9.03 -49.20
C CYS A 213 -35.38 -8.42 -49.88
N ARG A 214 -34.51 -9.26 -50.41
CA ARG A 214 -33.28 -8.74 -50.94
C ARG A 214 -33.26 -8.96 -52.42
N ARG A 215 -33.84 -10.07 -52.82
CA ARG A 215 -33.95 -10.36 -54.23
C ARG A 215 -35.17 -9.65 -54.77
N ASN A 216 -36.30 -9.84 -54.09
CA ASN A 216 -37.55 -9.53 -54.73
C ASN A 216 -38.00 -8.13 -54.41
N LEU A 217 -37.67 -7.70 -53.20
CA LEU A 217 -38.14 -6.42 -52.70
C LEU A 217 -37.12 -5.32 -52.78
N ASP A 218 -35.85 -5.71 -52.94
CA ASP A 218 -34.83 -4.74 -53.29
C ASP A 218 -34.41 -3.93 -52.09
N ILE A 219 -34.70 -4.40 -50.89
CA ILE A 219 -34.40 -3.62 -49.70
C ILE A 219 -33.01 -3.92 -49.20
N GLU A 220 -32.11 -2.95 -49.37
CA GLU A 220 -30.68 -3.19 -49.14
C GLU A 220 -30.38 -3.99 -47.90
N ARG A 221 -30.88 -3.54 -46.74
CA ARG A 221 -30.69 -4.25 -45.47
C ARG A 221 -31.94 -4.15 -44.66
N PRO A 222 -32.82 -5.14 -44.82
CA PRO A 222 -34.20 -5.09 -44.33
C PRO A 222 -34.41 -5.08 -42.82
N THR A 223 -35.46 -4.38 -42.39
CA THR A 223 -35.82 -4.20 -40.98
C THR A 223 -36.53 -5.42 -40.51
N TYR A 224 -36.83 -5.43 -39.24
CA TYR A 224 -37.72 -6.42 -38.70
C TYR A 224 -39.06 -6.11 -39.28
N THR A 225 -39.48 -4.85 -39.18
CA THR A 225 -40.81 -4.45 -39.66
C THR A 225 -40.88 -4.53 -41.19
N ASN A 226 -39.72 -4.70 -41.83
CA ASN A 226 -39.68 -5.11 -43.21
C ASN A 226 -40.07 -6.57 -43.36
N LEU A 227 -39.33 -7.45 -42.71
CA LEU A 227 -39.60 -8.86 -42.73
C LEU A 227 -41.02 -9.15 -42.28
N ASN A 228 -41.41 -8.53 -41.18
CA ASN A 228 -42.71 -8.76 -40.58
C ASN A 228 -43.91 -8.62 -41.55
N ARG A 229 -43.94 -7.53 -42.31
CA ARG A 229 -45.01 -7.30 -43.28
C ARG A 229 -45.20 -8.51 -44.19
N LEU A 230 -44.07 -9.14 -44.56
CA LEU A 230 -44.00 -10.27 -45.48
C LEU A 230 -44.55 -11.52 -44.84
N ILE A 231 -44.08 -11.84 -43.64
CA ILE A 231 -44.67 -12.93 -42.90
C ILE A 231 -46.23 -12.67 -42.87
N GLY A 232 -46.59 -11.45 -42.45
CA GLY A 232 -47.96 -10.97 -42.38
C GLY A 232 -48.74 -11.60 -43.50
N GLN A 233 -48.37 -11.23 -44.71
CA GLN A 233 -48.99 -11.74 -45.93
C GLN A 233 -49.19 -13.27 -45.93
N ILE A 234 -48.12 -14.02 -45.62
CA ILE A 234 -48.17 -15.48 -45.81
C ILE A 234 -49.21 -16.09 -44.85
N VAL A 235 -49.06 -15.73 -43.57
CA VAL A 235 -50.00 -16.01 -42.48
C VAL A 235 -51.46 -15.64 -42.79
N SER A 236 -51.63 -14.43 -43.32
CA SER A 236 -52.92 -13.92 -43.75
C SER A 236 -53.47 -14.79 -44.84
N SER A 237 -52.57 -15.38 -45.64
CA SER A 237 -52.97 -16.25 -46.75
C SER A 237 -53.38 -17.66 -46.30
N ILE A 238 -52.80 -18.08 -45.16
CA ILE A 238 -53.11 -19.35 -44.51
C ILE A 238 -54.38 -19.27 -43.67
N THR A 239 -54.56 -18.19 -42.92
CA THR A 239 -55.81 -17.94 -42.19
C THR A 239 -56.99 -17.57 -43.06
N ALA A 240 -56.71 -16.95 -44.19
CA ALA A 240 -57.71 -16.60 -45.19
C ALA A 240 -58.88 -17.58 -45.19
N SER A 241 -58.53 -18.85 -45.36
CA SER A 241 -59.50 -19.96 -45.44
C SER A 241 -60.69 -19.78 -44.48
N LEU A 242 -60.41 -19.41 -43.22
CA LEU A 242 -61.39 -19.40 -42.11
C LEU A 242 -61.94 -18.03 -41.67
N ARG A 243 -61.24 -16.96 -42.10
CA ARG A 243 -61.68 -15.57 -41.85
C ARG A 243 -62.83 -15.16 -42.81
N PHE A 244 -62.65 -15.45 -44.11
CA PHE A 244 -63.74 -15.30 -45.05
C PHE A 244 -64.73 -16.49 -45.06
N ASP A 245 -64.17 -17.71 -45.16
CA ASP A 245 -64.85 -19.01 -45.33
C ASP A 245 -65.04 -19.34 -46.81
N GLY A 246 -64.43 -20.46 -47.19
CA GLY A 246 -64.45 -20.89 -48.57
C GLY A 246 -63.57 -22.10 -48.75
N ALA A 247 -64.20 -23.27 -48.92
CA ALA A 247 -63.54 -24.51 -49.32
C ALA A 247 -62.27 -24.78 -48.57
N LEU A 248 -61.87 -26.05 -48.47
CA LEU A 248 -60.48 -26.44 -48.05
C LEU A 248 -59.72 -25.59 -46.96
N ASN A 249 -59.56 -26.19 -45.77
CA ASN A 249 -59.08 -25.50 -44.55
C ASN A 249 -60.06 -24.49 -43.99
N VAL A 250 -61.33 -24.90 -44.06
CA VAL A 250 -62.50 -24.10 -43.70
C VAL A 250 -62.56 -23.94 -42.19
N ASP A 251 -61.91 -24.87 -41.52
CA ASP A 251 -61.84 -24.92 -40.07
C ASP A 251 -60.61 -25.72 -39.64
N LEU A 252 -60.14 -25.49 -38.42
CA LEU A 252 -58.79 -25.85 -38.00
C LEU A 252 -58.37 -27.31 -38.12
N THR A 253 -59.30 -28.23 -37.89
CA THR A 253 -59.03 -29.66 -38.02
C THR A 253 -58.56 -30.04 -39.44
N GLU A 254 -59.21 -29.48 -40.47
CA GLU A 254 -58.84 -29.67 -41.89
C GLU A 254 -57.36 -29.35 -42.16
N PHE A 255 -56.77 -28.52 -41.29
CA PHE A 255 -55.38 -28.15 -41.41
C PHE A 255 -54.44 -29.31 -41.25
N GLN A 256 -54.66 -30.13 -40.23
CA GLN A 256 -53.86 -31.32 -40.03
C GLN A 256 -54.24 -32.45 -41.02
N THR A 257 -55.54 -32.60 -41.28
CA THR A 257 -56.07 -33.58 -42.22
C THR A 257 -55.36 -33.49 -43.55
N ASN A 258 -54.98 -32.29 -43.94
CA ASN A 258 -54.42 -32.06 -45.25
C ASN A 258 -52.90 -31.87 -45.30
N LEU A 259 -52.25 -31.82 -44.16
CA LEU A 259 -50.82 -31.57 -44.19
C LEU A 259 -50.03 -32.62 -43.42
N VAL A 260 -50.62 -33.12 -42.35
CA VAL A 260 -49.90 -33.99 -41.44
C VAL A 260 -50.50 -35.37 -41.48
N PRO A 261 -49.85 -36.28 -42.16
CA PRO A 261 -50.32 -37.67 -42.19
C PRO A 261 -49.69 -38.43 -41.03
N TYR A 262 -48.65 -37.86 -40.42
CA TYR A 262 -48.00 -38.48 -39.28
C TYR A 262 -47.91 -37.50 -38.13
N PRO A 263 -48.65 -37.77 -37.05
CA PRO A 263 -48.81 -36.85 -35.92
C PRO A 263 -47.55 -36.06 -35.58
N ARG A 264 -46.39 -36.66 -35.80
CA ARG A 264 -45.09 -36.05 -35.46
C ARG A 264 -44.59 -35.02 -36.49
N ILE A 265 -44.46 -35.47 -37.72
CA ILE A 265 -44.21 -34.62 -38.86
C ILE A 265 -45.26 -33.52 -39.01
N HIS A 266 -45.11 -32.41 -38.25
CA HIS A 266 -46.05 -31.26 -38.34
C HIS A 266 -45.70 -30.28 -39.39
N PHE A 267 -44.43 -30.23 -39.74
CA PHE A 267 -43.91 -28.97 -40.22
C PHE A 267 -44.00 -28.91 -41.71
N PRO A 268 -44.98 -28.16 -42.21
CA PRO A 268 -45.13 -27.95 -43.65
C PRO A 268 -44.30 -26.75 -44.11
N LEU A 269 -44.16 -26.67 -45.41
CA LEU A 269 -43.27 -25.74 -46.06
C LEU A 269 -44.15 -24.75 -46.84
N ALA A 270 -44.09 -23.50 -46.47
CA ALA A 270 -44.87 -22.46 -47.15
C ALA A 270 -44.08 -21.71 -48.26
N THR A 271 -44.78 -21.09 -49.19
CA THR A 271 -44.12 -20.51 -50.34
C THR A 271 -45.06 -19.47 -50.89
N TYR A 272 -44.86 -18.19 -50.61
CA TYR A 272 -45.84 -17.23 -51.11
C TYR A 272 -45.62 -17.00 -52.58
N ALA A 273 -46.67 -16.53 -53.23
CA ALA A 273 -46.73 -16.53 -54.68
C ALA A 273 -45.97 -15.39 -55.38
N PRO A 274 -46.63 -14.28 -55.70
CA PRO A 274 -45.97 -13.12 -56.31
C PRO A 274 -45.63 -12.01 -55.30
N VAL A 275 -44.33 -11.81 -55.11
CA VAL A 275 -43.82 -10.79 -54.24
C VAL A 275 -43.12 -9.84 -55.18
N ILE A 276 -43.71 -8.65 -55.36
CA ILE A 276 -43.07 -7.59 -56.15
C ILE A 276 -43.35 -6.16 -55.66
N SER A 277 -42.30 -5.34 -55.79
CA SER A 277 -42.24 -4.04 -55.16
C SER A 277 -43.03 -2.99 -55.90
N ALA A 278 -43.86 -2.24 -55.19
CA ALA A 278 -44.57 -1.10 -55.77
C ALA A 278 -43.51 -0.17 -56.29
N GLU A 279 -43.68 0.25 -57.53
CA GLU A 279 -42.62 0.76 -58.38
C GLU A 279 -42.68 -0.17 -59.57
N LYS A 280 -43.02 -1.42 -59.27
CA LYS A 280 -43.28 -2.39 -60.30
C LYS A 280 -44.80 -2.47 -60.41
N ALA A 281 -45.47 -1.82 -59.46
CA ALA A 281 -46.91 -1.88 -59.26
C ALA A 281 -47.75 -1.71 -60.50
N TYR A 282 -47.11 -1.30 -61.59
CA TYR A 282 -47.80 -1.19 -62.84
C TYR A 282 -47.02 -1.87 -63.92
N HIS A 283 -46.88 -3.20 -63.86
CA HIS A 283 -46.26 -3.86 -65.02
C HIS A 283 -47.24 -4.46 -66.05
N GLU A 284 -47.17 -5.75 -66.36
CA GLU A 284 -48.39 -6.46 -66.76
C GLU A 284 -48.53 -7.48 -65.62
N GLN A 285 -49.77 -7.82 -65.24
CA GLN A 285 -50.03 -8.71 -64.09
C GLN A 285 -49.39 -10.12 -64.32
N LEU A 286 -49.22 -10.92 -63.27
CA LEU A 286 -48.63 -12.25 -63.49
C LEU A 286 -49.68 -13.35 -63.67
N SER A 287 -49.38 -14.30 -64.57
CA SER A 287 -50.32 -15.33 -65.03
C SER A 287 -50.49 -16.54 -64.11
N VAL A 288 -51.74 -16.96 -63.94
CA VAL A 288 -52.14 -18.11 -63.10
C VAL A 288 -51.12 -19.19 -63.22
N ALA A 289 -50.61 -19.36 -64.43
CA ALA A 289 -49.62 -20.38 -64.71
C ALA A 289 -48.33 -20.05 -63.99
N GLU A 290 -47.80 -18.85 -64.26
CA GLU A 290 -46.47 -18.47 -63.81
C GLU A 290 -46.26 -18.53 -62.31
N ILE A 291 -47.26 -18.04 -61.57
CA ILE A 291 -47.20 -18.01 -60.11
C ILE A 291 -47.32 -19.39 -59.50
N THR A 292 -48.09 -20.27 -60.12
CA THR A 292 -48.06 -21.66 -59.72
C THR A 292 -46.65 -22.14 -59.88
N ASN A 293 -46.11 -21.98 -61.08
CA ASN A 293 -44.75 -22.40 -61.32
C ASN A 293 -43.70 -21.59 -60.57
N ALA A 294 -44.14 -20.67 -59.73
CA ALA A 294 -43.25 -19.97 -58.84
C ALA A 294 -43.19 -20.69 -57.51
N CYS A 295 -44.28 -21.37 -57.18
CA CYS A 295 -44.45 -22.03 -55.88
C CYS A 295 -43.46 -23.15 -55.74
N PHE A 296 -42.95 -23.52 -56.90
CA PHE A 296 -41.89 -24.46 -56.97
C PHE A 296 -40.64 -23.68 -57.32
N GLU A 297 -39.89 -23.31 -56.29
CA GLU A 297 -38.62 -22.64 -56.47
C GLU A 297 -38.05 -22.31 -55.12
N PRO A 298 -36.92 -22.94 -54.81
CA PRO A 298 -36.19 -22.71 -53.55
C PRO A 298 -36.05 -21.22 -53.15
N ALA A 299 -36.09 -20.33 -54.16
CA ALA A 299 -35.88 -18.88 -53.99
C ALA A 299 -37.11 -18.23 -53.45
N ASN A 300 -38.26 -18.79 -53.78
CA ASN A 300 -39.52 -18.25 -53.35
C ASN A 300 -40.03 -19.00 -52.13
N GLN A 301 -39.19 -19.88 -51.58
CA GLN A 301 -39.52 -20.70 -50.41
C GLN A 301 -39.65 -19.88 -49.16
N MET A 302 -39.76 -20.55 -48.02
CA MET A 302 -39.99 -19.87 -46.75
C MET A 302 -39.26 -20.50 -45.53
N VAL A 303 -38.63 -21.66 -45.76
CA VAL A 303 -37.65 -22.25 -44.87
C VAL A 303 -36.55 -22.63 -45.84
N LYS A 304 -35.44 -21.92 -45.74
CA LYS A 304 -34.29 -22.17 -46.58
C LYS A 304 -33.95 -23.67 -46.56
N CYS A 305 -34.37 -24.36 -47.61
CA CYS A 305 -33.93 -25.75 -47.83
C CYS A 305 -33.82 -26.08 -49.34
N ASP A 306 -34.43 -27.18 -49.77
CA ASP A 306 -34.54 -27.59 -51.19
C ASP A 306 -35.22 -28.99 -51.38
N PRO A 307 -36.50 -28.99 -51.76
CA PRO A 307 -37.30 -30.21 -51.79
C PRO A 307 -37.28 -30.89 -53.15
N ARG A 308 -36.29 -30.54 -53.97
CA ARG A 308 -36.06 -31.24 -55.21
C ARG A 308 -35.35 -32.53 -54.88
N HIS A 309 -34.58 -32.52 -53.78
CA HIS A 309 -33.82 -33.69 -53.31
C HIS A 309 -34.59 -34.59 -52.32
N GLY A 310 -35.38 -33.99 -51.42
CA GLY A 310 -36.22 -34.74 -50.52
C GLY A 310 -37.56 -34.96 -51.18
N LYS A 311 -38.39 -35.80 -50.58
CA LYS A 311 -39.66 -36.16 -51.20
C LYS A 311 -40.81 -35.27 -50.71
N TYR A 312 -42.04 -35.57 -51.12
CA TYR A 312 -43.25 -34.81 -50.71
C TYR A 312 -44.24 -35.82 -50.18
N MET A 313 -45.05 -35.46 -49.18
CA MET A 313 -46.04 -36.41 -48.66
C MET A 313 -47.45 -35.87 -48.45
N ALA A 314 -47.67 -34.64 -48.92
CA ALA A 314 -48.99 -33.99 -49.04
C ALA A 314 -48.89 -32.50 -49.44
N CYS A 315 -49.59 -32.12 -50.51
CA CYS A 315 -49.46 -30.78 -51.14
C CYS A 315 -50.77 -30.01 -51.42
N CYS A 316 -50.70 -28.68 -51.29
CA CYS A 316 -51.89 -27.89 -51.11
C CYS A 316 -51.80 -26.52 -51.74
N LEU A 317 -52.31 -26.36 -52.94
CA LEU A 317 -52.26 -25.07 -53.58
C LEU A 317 -53.38 -24.20 -53.08
N LEU A 318 -53.02 -23.18 -52.30
CA LEU A 318 -53.98 -22.22 -51.74
C LEU A 318 -53.97 -20.84 -52.45
N TYR A 319 -54.80 -20.72 -53.49
CA TYR A 319 -54.93 -19.52 -54.36
C TYR A 319 -55.80 -18.44 -53.72
N ARG A 320 -55.51 -17.18 -54.05
CA ARG A 320 -56.34 -16.05 -53.58
C ARG A 320 -56.48 -15.13 -54.77
N GLY A 321 -57.71 -14.75 -55.08
CA GLY A 321 -57.95 -13.70 -56.06
C GLY A 321 -58.95 -13.91 -57.17
N ASP A 322 -58.54 -13.50 -58.35
CA ASP A 322 -59.40 -13.58 -59.49
C ASP A 322 -58.89 -14.75 -60.32
N VAL A 323 -59.52 -15.91 -60.19
CA VAL A 323 -59.00 -17.16 -60.79
C VAL A 323 -60.09 -18.20 -60.99
N VAL A 324 -60.28 -18.64 -62.23
CA VAL A 324 -61.16 -19.80 -62.53
C VAL A 324 -60.30 -21.04 -62.55
N PRO A 325 -60.75 -22.12 -61.91
CA PRO A 325 -60.02 -23.38 -61.88
C PRO A 325 -59.56 -23.93 -63.22
N LYS A 326 -60.40 -23.88 -64.25
CA LYS A 326 -60.02 -24.37 -65.57
C LYS A 326 -58.54 -24.09 -65.98
N ASP A 327 -57.91 -23.02 -65.44
CA ASP A 327 -56.46 -22.78 -65.64
C ASP A 327 -55.63 -23.52 -64.61
N VAL A 328 -55.93 -23.25 -63.34
CA VAL A 328 -55.25 -23.90 -62.23
C VAL A 328 -54.97 -25.37 -62.57
N ASN A 329 -55.97 -26.01 -63.15
CA ASN A 329 -55.80 -27.35 -63.68
C ASN A 329 -54.70 -27.42 -64.71
N ALA A 330 -54.94 -26.80 -65.87
CA ALA A 330 -53.98 -26.81 -66.98
C ALA A 330 -52.60 -26.26 -66.58
N ALA A 331 -52.57 -25.55 -65.45
CA ALA A 331 -51.32 -25.06 -64.84
C ALA A 331 -50.61 -26.13 -64.03
N ILE A 332 -51.27 -26.71 -63.03
CA ILE A 332 -50.72 -27.88 -62.36
C ILE A 332 -50.21 -28.82 -63.42
N ALA A 333 -51.05 -29.11 -64.43
CA ALA A 333 -50.78 -30.10 -65.47
C ALA A 333 -49.35 -30.02 -65.99
N THR A 334 -48.95 -28.80 -66.35
CA THR A 334 -47.64 -28.57 -66.97
C THR A 334 -46.48 -28.41 -65.98
N ILE A 335 -46.79 -28.04 -64.75
CA ILE A 335 -45.80 -28.14 -63.69
C ILE A 335 -45.30 -29.59 -63.55
N LYS A 336 -46.12 -30.57 -63.94
CA LYS A 336 -45.75 -31.97 -63.81
C LYS A 336 -44.78 -32.32 -64.89
N THR A 337 -45.17 -31.99 -66.13
CA THR A 337 -44.48 -32.43 -67.36
C THR A 337 -43.09 -31.80 -67.60
N LYS A 338 -42.90 -30.54 -67.18
CA LYS A 338 -41.56 -29.93 -67.22
C LYS A 338 -41.06 -29.49 -65.81
N ARG A 339 -40.98 -30.47 -64.91
CA ARG A 339 -40.54 -30.22 -63.52
C ARG A 339 -40.41 -31.50 -62.64
N THR A 340 -40.18 -31.23 -61.35
CA THR A 340 -39.82 -32.22 -60.33
C THR A 340 -41.02 -32.73 -59.53
N ILE A 341 -41.59 -33.78 -60.09
CA ILE A 341 -42.74 -34.52 -59.56
C ILE A 341 -42.52 -34.79 -58.05
N GLN A 342 -41.82 -35.89 -57.73
CA GLN A 342 -41.26 -36.18 -56.39
C GLN A 342 -42.26 -36.48 -55.25
N PHE A 343 -43.14 -37.46 -55.43
CA PHE A 343 -44.11 -37.80 -54.39
C PHE A 343 -43.88 -39.18 -53.79
N VAL A 344 -44.15 -39.31 -52.49
CA VAL A 344 -43.74 -40.49 -51.76
C VAL A 344 -44.64 -41.70 -51.89
N ASP A 345 -44.00 -42.79 -52.27
CA ASP A 345 -44.50 -44.16 -52.12
C ASP A 345 -46.02 -44.40 -52.05
N TRP A 346 -46.63 -43.87 -50.98
CA TRP A 346 -47.92 -44.36 -50.50
C TRP A 346 -48.97 -43.29 -50.28
N CYS A 347 -49.24 -42.47 -51.29
CA CYS A 347 -50.06 -41.28 -51.07
C CYS A 347 -50.45 -40.59 -52.39
N PRO A 348 -51.74 -40.58 -52.74
CA PRO A 348 -52.20 -40.19 -54.09
C PRO A 348 -51.13 -39.45 -54.95
N THR A 349 -51.27 -38.14 -55.14
CA THR A 349 -50.17 -37.24 -55.52
C THR A 349 -50.67 -35.85 -55.18
N GLY A 350 -51.54 -35.79 -54.18
CA GLY A 350 -52.06 -34.53 -53.62
C GLY A 350 -52.55 -33.45 -54.59
N PHE A 351 -52.38 -32.21 -54.14
CA PHE A 351 -52.92 -31.02 -54.79
C PHE A 351 -54.38 -30.81 -54.49
N LYS A 352 -54.66 -30.59 -53.21
CA LYS A 352 -55.95 -30.14 -52.75
C LYS A 352 -55.85 -28.65 -52.98
N VAL A 353 -56.82 -28.11 -53.70
CA VAL A 353 -56.71 -26.76 -54.25
C VAL A 353 -57.81 -25.86 -53.75
N GLY A 354 -57.40 -24.81 -53.06
CA GLY A 354 -58.37 -23.90 -52.51
C GLY A 354 -58.32 -22.57 -53.22
N ILE A 355 -59.47 -22.17 -53.73
CA ILE A 355 -59.59 -20.83 -54.24
C ILE A 355 -60.46 -19.95 -53.34
N ASN A 356 -59.93 -18.79 -52.98
CA ASN A 356 -60.74 -17.71 -52.41
C ASN A 356 -60.79 -16.55 -53.38
N TYR A 357 -61.99 -16.05 -53.69
CA TYR A 357 -62.14 -14.99 -54.68
C TYR A 357 -61.63 -13.64 -54.24
N GLN A 358 -61.55 -13.43 -52.92
CA GLN A 358 -61.02 -12.23 -52.30
C GLN A 358 -59.63 -11.82 -52.77
N PRO A 359 -59.58 -10.77 -53.60
CA PRO A 359 -58.32 -10.30 -54.15
C PRO A 359 -57.49 -9.71 -53.03
N PRO A 360 -56.22 -10.07 -53.05
CA PRO A 360 -55.27 -9.72 -51.99
C PRO A 360 -55.00 -8.23 -51.83
N THR A 361 -55.23 -7.70 -50.63
CA THR A 361 -54.86 -6.30 -50.37
C THR A 361 -53.56 -6.33 -49.62
N VAL A 362 -52.75 -5.30 -49.86
CA VAL A 362 -51.51 -5.16 -49.14
C VAL A 362 -51.55 -3.83 -48.39
N VAL A 363 -50.65 -3.68 -47.42
CA VAL A 363 -50.49 -2.53 -46.54
C VAL A 363 -50.03 -1.32 -47.31
N PRO A 364 -50.69 -0.19 -47.09
CA PRO A 364 -50.83 0.86 -48.12
C PRO A 364 -49.51 1.54 -48.51
N GLY A 365 -48.77 2.06 -47.53
CA GLY A 365 -47.45 2.63 -47.78
C GLY A 365 -46.39 1.57 -47.68
N GLY A 366 -46.77 0.31 -47.91
CA GLY A 366 -45.93 -0.87 -47.72
C GLY A 366 -44.71 -0.97 -48.59
N ASP A 367 -44.37 -2.17 -49.04
CA ASP A 367 -43.26 -2.31 -49.99
C ASP A 367 -43.72 -3.02 -51.25
N LEU A 368 -44.72 -3.86 -51.10
CA LEU A 368 -45.26 -4.70 -52.17
C LEU A 368 -46.36 -3.96 -52.93
N ALA A 369 -46.76 -4.48 -54.09
CA ALA A 369 -47.82 -3.84 -54.84
C ALA A 369 -49.08 -4.65 -54.76
N LYS A 370 -50.21 -4.02 -55.12
CA LYS A 370 -51.51 -4.68 -55.13
C LYS A 370 -51.55 -5.71 -56.26
N VAL A 371 -51.89 -6.96 -55.94
CA VAL A 371 -51.97 -8.01 -56.97
C VAL A 371 -53.39 -8.45 -57.41
N GLN A 372 -53.44 -9.05 -58.59
CA GLN A 372 -54.68 -9.57 -59.14
C GLN A 372 -54.94 -11.00 -58.66
N ARG A 373 -53.84 -11.73 -58.51
CA ARG A 373 -53.87 -13.13 -58.15
C ARG A 373 -52.55 -13.57 -57.49
N ALA A 374 -52.68 -14.26 -56.36
CA ALA A 374 -51.57 -14.80 -55.59
C ALA A 374 -51.88 -16.22 -55.21
N VAL A 375 -50.84 -17.01 -55.00
CA VAL A 375 -50.99 -18.41 -54.68
C VAL A 375 -50.25 -18.66 -53.39
N CYS A 376 -50.36 -19.85 -52.80
CA CYS A 376 -49.70 -20.09 -51.50
C CYS A 376 -48.93 -21.41 -51.18
N MET A 377 -49.28 -22.51 -51.84
CA MET A 377 -48.52 -23.78 -51.72
C MET A 377 -48.03 -24.19 -50.32
N LEU A 378 -48.83 -25.02 -49.66
CA LEU A 378 -48.39 -25.63 -48.44
C LEU A 378 -48.05 -27.06 -48.78
N SER A 379 -46.85 -27.46 -48.40
CA SER A 379 -46.35 -28.81 -48.70
C SER A 379 -45.71 -29.46 -47.47
N ASN A 380 -45.94 -30.77 -47.31
CA ASN A 380 -45.26 -31.52 -46.28
C ASN A 380 -44.16 -32.33 -46.90
N THR A 381 -43.00 -31.72 -47.05
CA THR A 381 -41.91 -32.36 -47.72
C THR A 381 -41.09 -32.97 -46.64
N THR A 382 -40.21 -33.85 -47.02
CA THR A 382 -39.38 -34.53 -46.06
C THR A 382 -38.06 -33.82 -46.01
N ALA A 383 -37.89 -32.84 -46.89
CA ALA A 383 -36.63 -32.11 -46.94
C ALA A 383 -36.66 -30.89 -46.00
N ILE A 384 -37.82 -30.63 -45.39
CA ILE A 384 -37.88 -29.59 -44.41
C ILE A 384 -36.98 -29.94 -43.24
N ALA A 385 -36.53 -31.19 -43.14
CA ALA A 385 -35.63 -31.57 -42.05
C ALA A 385 -34.17 -31.15 -42.27
N GLU A 386 -33.95 -30.32 -43.28
CA GLU A 386 -32.67 -29.63 -43.50
C GLU A 386 -32.46 -28.63 -42.40
N ALA A 387 -33.52 -27.88 -42.10
CA ALA A 387 -33.56 -26.96 -40.99
C ALA A 387 -33.32 -27.69 -39.69
N TRP A 388 -33.91 -28.87 -39.57
CA TRP A 388 -33.83 -29.64 -38.33
C TRP A 388 -32.44 -30.10 -37.92
N ALA A 389 -31.54 -30.23 -38.88
CA ALA A 389 -30.15 -30.56 -38.57
C ALA A 389 -29.30 -29.30 -38.52
N ARG A 390 -29.52 -28.37 -39.46
CA ARG A 390 -28.73 -27.14 -39.53
C ARG A 390 -28.75 -26.48 -38.18
N LEU A 391 -29.88 -26.61 -37.49
CA LEU A 391 -30.05 -26.29 -36.07
C LEU A 391 -29.20 -27.17 -35.13
N ASP A 392 -29.51 -28.45 -35.10
CA ASP A 392 -28.81 -29.42 -34.28
C ASP A 392 -27.32 -29.23 -34.32
N HIS A 393 -26.75 -29.06 -35.52
CA HIS A 393 -25.29 -29.07 -35.64
C HIS A 393 -24.66 -27.96 -34.80
N LYS A 394 -25.24 -26.76 -34.88
CA LYS A 394 -24.86 -25.69 -33.99
C LYS A 394 -24.92 -26.27 -32.57
N PHE A 395 -26.12 -26.60 -32.12
CA PHE A 395 -26.33 -27.18 -30.81
C PHE A 395 -25.27 -28.22 -30.46
N ASP A 396 -25.34 -29.37 -31.10
CA ASP A 396 -24.39 -30.43 -30.90
C ASP A 396 -23.04 -29.88 -30.47
N LEU A 397 -22.62 -28.81 -31.13
CA LEU A 397 -21.22 -28.43 -31.15
C LEU A 397 -20.91 -27.40 -30.09
N MET A 398 -21.95 -26.80 -29.53
CA MET A 398 -21.79 -26.02 -28.33
C MET A 398 -21.82 -26.99 -27.15
N TYR A 399 -22.97 -27.65 -26.98
CA TYR A 399 -23.18 -28.61 -25.91
C TYR A 399 -21.97 -29.55 -25.70
N ALA A 400 -21.27 -29.85 -26.79
CA ALA A 400 -20.11 -30.71 -26.76
C ALA A 400 -19.01 -30.14 -25.87
N LYS A 401 -19.23 -28.95 -25.31
CA LYS A 401 -18.31 -28.40 -24.35
C LYS A 401 -19.04 -27.72 -23.18
N ARG A 402 -20.32 -28.06 -23.02
CA ARG A 402 -21.20 -27.46 -22.03
C ARG A 402 -21.15 -25.95 -22.13
N ALA A 403 -20.98 -25.50 -23.37
CA ALA A 403 -20.73 -24.11 -23.72
C ALA A 403 -21.46 -23.10 -22.87
N PHE A 404 -22.77 -23.11 -22.88
CA PHE A 404 -23.39 -22.13 -22.06
C PHE A 404 -24.23 -22.80 -21.02
N VAL A 405 -24.32 -24.11 -21.15
CA VAL A 405 -25.15 -24.91 -20.29
C VAL A 405 -25.42 -24.26 -18.94
N HIS A 406 -24.37 -23.89 -18.21
CA HIS A 406 -24.50 -23.51 -16.81
C HIS A 406 -25.59 -22.48 -16.53
N TRP A 407 -25.78 -21.51 -17.40
CA TRP A 407 -26.83 -20.53 -17.20
C TRP A 407 -28.22 -21.13 -16.98
N TYR A 408 -28.40 -22.34 -17.51
CA TYR A 408 -29.68 -23.05 -17.46
C TYR A 408 -29.80 -23.80 -16.15
N VAL A 409 -28.77 -24.57 -15.82
CA VAL A 409 -28.66 -25.23 -14.54
C VAL A 409 -28.76 -24.17 -13.45
N GLY A 410 -28.46 -22.95 -13.88
CA GLY A 410 -28.41 -21.78 -13.03
C GLY A 410 -29.79 -21.35 -12.61
N GLU A 411 -30.72 -21.27 -13.56
CA GLU A 411 -32.11 -20.95 -13.23
C GLU A 411 -32.83 -22.18 -12.70
N GLY A 412 -32.19 -23.33 -12.81
CA GLY A 412 -32.60 -24.49 -12.05
C GLY A 412 -33.05 -25.64 -12.89
N MET A 413 -32.54 -25.73 -14.12
CA MET A 413 -32.86 -26.84 -15.00
C MET A 413 -31.99 -28.04 -14.73
N GLU A 414 -32.07 -29.04 -15.60
CA GLU A 414 -31.24 -30.23 -15.46
C GLU A 414 -30.30 -30.51 -16.65
N GLU A 415 -29.05 -30.85 -16.35
CA GLU A 415 -28.09 -31.28 -17.37
C GLU A 415 -28.74 -32.28 -18.32
N GLY A 416 -29.46 -33.24 -17.76
CA GLY A 416 -30.10 -34.30 -18.51
C GLY A 416 -31.22 -33.90 -19.45
N GLU A 417 -31.89 -32.79 -19.16
CA GLU A 417 -32.95 -32.30 -20.04
C GLU A 417 -32.38 -31.94 -21.41
N PHE A 418 -31.23 -31.28 -21.39
CA PHE A 418 -30.48 -30.92 -22.59
C PHE A 418 -30.12 -32.10 -23.46
N SER A 419 -29.73 -33.21 -22.82
CA SER A 419 -29.42 -34.48 -23.50
C SER A 419 -30.68 -35.02 -24.16
N GLU A 420 -31.73 -35.12 -23.36
CA GLU A 420 -32.97 -35.82 -23.68
C GLU A 420 -33.94 -35.00 -24.55
N ALA A 421 -33.59 -33.73 -24.79
CA ALA A 421 -34.27 -32.91 -25.77
C ALA A 421 -33.62 -33.12 -27.12
N ARG A 422 -32.29 -33.06 -27.16
CA ARG A 422 -31.58 -33.32 -28.40
C ARG A 422 -31.90 -34.71 -28.85
N GLU A 423 -31.88 -35.62 -27.90
CA GLU A 423 -32.19 -37.02 -28.16
C GLU A 423 -33.53 -37.22 -28.87
N ASP A 424 -34.38 -36.19 -28.84
CA ASP A 424 -35.70 -36.22 -29.49
C ASP A 424 -35.66 -35.70 -30.91
N MET A 425 -34.78 -34.72 -31.14
CA MET A 425 -34.50 -34.26 -32.49
C MET A 425 -33.79 -35.35 -33.25
N ALA A 426 -32.87 -36.06 -32.58
CA ALA A 426 -32.18 -37.19 -33.18
C ALA A 426 -33.27 -38.11 -33.68
N ALA A 427 -34.24 -38.37 -32.82
CA ALA A 427 -35.36 -39.23 -33.12
C ALA A 427 -36.11 -38.70 -34.33
N LEU A 428 -36.50 -37.44 -34.26
CA LEU A 428 -37.25 -36.78 -35.31
C LEU A 428 -36.56 -36.88 -36.66
N GLU A 429 -35.33 -36.40 -36.71
CA GLU A 429 -34.49 -36.45 -37.91
C GLU A 429 -34.48 -37.84 -38.54
N LYS A 430 -34.46 -38.88 -37.69
CA LYS A 430 -34.57 -40.26 -38.15
C LYS A 430 -35.99 -40.53 -38.62
N ASP A 431 -36.97 -40.12 -37.81
CA ASP A 431 -38.38 -40.23 -38.17
C ASP A 431 -38.52 -39.75 -39.60
N TYR A 432 -38.13 -38.50 -39.82
CA TYR A 432 -38.29 -37.80 -41.09
C TYR A 432 -37.70 -38.58 -42.25
N GLU A 433 -36.38 -38.51 -42.39
CA GLU A 433 -35.67 -39.19 -43.48
C GLU A 433 -36.06 -40.69 -43.67
N GLU A 434 -36.67 -41.30 -42.64
CA GLU A 434 -37.18 -42.68 -42.70
C GLU A 434 -38.54 -42.81 -43.43
N VAL A 435 -39.00 -41.70 -44.00
CA VAL A 435 -40.23 -41.72 -44.78
C VAL A 435 -39.88 -41.87 -46.28
N GLY A 436 -38.59 -41.71 -46.61
CA GLY A 436 -38.11 -41.93 -47.96
C GLY A 436 -38.47 -43.29 -48.52
CA VAL A 437 -39.72 -43.91 -51.13
C VAL A 437 -38.41 -44.66 -51.38
N ARG B 2 -32.55 -2.24 -17.12
CA ARG B 2 -33.73 -1.41 -16.81
C ARG B 2 -33.48 -0.30 -15.77
N GLU B 3 -32.23 -0.07 -15.36
CA GLU B 3 -31.86 0.90 -14.29
C GLU B 3 -30.67 0.43 -13.45
N ILE B 4 -29.51 1.11 -13.55
CA ILE B 4 -28.27 0.69 -12.84
C ILE B 4 -27.54 1.73 -11.93
N VAL B 5 -26.96 1.27 -10.82
CA VAL B 5 -26.22 2.15 -9.91
C VAL B 5 -24.73 2.04 -10.15
N HIS B 6 -24.01 2.98 -9.59
CA HIS B 6 -22.62 3.06 -9.86
C HIS B 6 -21.83 3.27 -8.60
N ILE B 7 -20.94 2.34 -8.33
CA ILE B 7 -19.96 2.56 -7.27
C ILE B 7 -18.60 2.92 -7.88
N GLN B 8 -17.94 3.89 -7.25
CA GLN B 8 -16.75 4.49 -7.79
C GLN B 8 -15.82 4.69 -6.62
N ALA B 9 -15.07 3.64 -6.29
CA ALA B 9 -14.31 3.63 -5.03
C ALA B 9 -12.84 3.71 -5.30
N GLY B 10 -12.09 4.43 -4.48
CA GLY B 10 -10.63 4.42 -4.56
C GLY B 10 -10.04 5.33 -5.61
N GLN B 11 -8.97 6.03 -5.27
CA GLN B 11 -8.48 7.16 -6.08
C GLN B 11 -8.45 6.87 -7.57
N CYS B 12 -7.73 5.82 -7.95
CA CYS B 12 -7.67 5.50 -9.35
C CYS B 12 -9.09 5.36 -9.84
N GLY B 13 -9.89 4.56 -9.14
CA GLY B 13 -11.29 4.38 -9.48
C GLY B 13 -12.12 5.66 -9.60
N ASN B 14 -12.02 6.54 -8.61
CA ASN B 14 -12.76 7.80 -8.56
C ASN B 14 -12.34 8.78 -9.65
N GLN B 15 -11.05 8.79 -9.94
CA GLN B 15 -10.50 9.57 -11.03
C GLN B 15 -11.04 9.09 -12.39
N ILE B 16 -11.22 7.76 -12.51
CA ILE B 16 -11.73 7.12 -13.72
C ILE B 16 -13.14 7.54 -13.94
N GLY B 17 -13.90 7.50 -12.85
CA GLY B 17 -15.32 7.76 -12.86
C GLY B 17 -15.68 9.22 -13.08
N ALA B 18 -14.86 10.14 -12.55
CA ALA B 18 -15.10 11.57 -12.73
C ALA B 18 -14.90 11.99 -14.19
N LYS B 19 -14.00 11.31 -14.90
CA LYS B 19 -13.88 11.47 -16.36
C LYS B 19 -15.10 10.83 -17.05
N PHE B 20 -15.30 9.54 -16.80
CA PHE B 20 -16.47 8.80 -17.24
C PHE B 20 -17.69 9.68 -17.16
N TRP B 21 -18.03 10.12 -15.95
CA TRP B 21 -19.28 10.84 -15.70
C TRP B 21 -19.48 12.09 -16.54
N GLU B 22 -18.41 12.85 -16.76
CA GLU B 22 -18.52 14.06 -17.58
C GLU B 22 -18.49 13.85 -19.11
N VAL B 23 -18.02 12.69 -19.57
CA VAL B 23 -18.12 12.37 -21.00
C VAL B 23 -19.55 11.92 -21.33
N ILE B 24 -20.05 10.99 -20.53
CA ILE B 24 -21.40 10.48 -20.70
C ILE B 24 -22.38 11.56 -20.35
N SER B 25 -22.02 12.43 -19.44
CA SER B 25 -22.89 13.54 -19.16
C SER B 25 -23.00 14.51 -20.32
N ASP B 26 -21.93 14.61 -21.11
CA ASP B 26 -21.95 15.47 -22.29
C ASP B 26 -22.81 14.87 -23.38
N GLU B 27 -22.70 13.56 -23.58
CA GLU B 27 -23.45 12.87 -24.62
C GLU B 27 -24.91 13.21 -24.49
N HIS B 28 -25.39 13.15 -23.25
CA HIS B 28 -26.78 13.39 -22.95
C HIS B 28 -27.10 14.86 -22.91
N GLY B 29 -26.16 15.65 -22.41
CA GLY B 29 -26.36 17.07 -22.27
C GLY B 29 -26.84 17.37 -20.87
N ILE B 30 -25.88 17.55 -19.97
CA ILE B 30 -26.14 18.00 -18.64
C ILE B 30 -25.14 19.10 -18.25
N ASP B 31 -25.66 20.19 -17.71
CA ASP B 31 -24.86 21.29 -17.18
C ASP B 31 -24.08 20.75 -16.01
N PRO B 32 -23.34 21.58 -15.27
CA PRO B 32 -22.83 21.15 -13.97
C PRO B 32 -23.91 20.51 -13.10
N THR B 33 -25.07 21.14 -12.92
CA THR B 33 -26.20 20.51 -12.24
C THR B 33 -27.34 20.37 -13.20
N GLY B 34 -27.79 21.53 -13.67
CA GLY B 34 -28.93 21.66 -14.56
C GLY B 34 -29.13 20.47 -15.49
N SER B 35 -30.36 20.35 -15.98
CA SER B 35 -30.77 19.24 -16.83
C SER B 35 -30.26 19.36 -18.28
N TYR B 36 -31.18 19.58 -19.20
CA TYR B 36 -30.88 19.43 -20.59
C TYR B 36 -30.54 20.75 -21.27
N HIS B 37 -29.53 20.69 -22.14
CA HIS B 37 -29.21 21.76 -23.07
C HIS B 37 -28.53 21.13 -24.28
N GLY B 38 -29.33 20.87 -25.32
CA GLY B 38 -28.88 20.24 -26.55
C GLY B 38 -29.98 20.11 -27.62
N ASP B 39 -29.59 20.26 -28.89
CA ASP B 39 -30.55 20.17 -30.01
C ASP B 39 -30.90 18.70 -30.35
N SER B 40 -30.18 17.75 -29.73
CA SER B 40 -30.51 16.31 -29.81
C SER B 40 -31.75 15.97 -28.92
N ASP B 41 -32.37 14.81 -29.14
CA ASP B 41 -33.60 14.47 -28.43
C ASP B 41 -33.57 13.09 -27.80
N LEU B 42 -33.03 12.11 -28.54
CA LEU B 42 -32.86 10.73 -28.09
C LEU B 42 -32.44 10.73 -26.63
N GLN B 43 -31.20 11.22 -26.41
CA GLN B 43 -30.57 11.44 -25.09
C GLN B 43 -31.33 10.91 -23.88
N LEU B 44 -32.40 11.61 -23.52
CA LEU B 44 -33.11 11.36 -22.28
C LEU B 44 -34.07 10.15 -22.22
N GLU B 45 -34.09 9.32 -23.27
CA GLU B 45 -34.83 8.04 -23.25
C GLU B 45 -34.16 7.02 -22.33
N ARG B 46 -32.84 7.04 -22.31
CA ARG B 46 -32.14 6.08 -21.51
C ARG B 46 -31.36 6.75 -20.42
N ILE B 47 -31.66 8.03 -20.18
CA ILE B 47 -31.00 8.77 -19.08
C ILE B 47 -31.51 8.21 -17.77
N ASN B 48 -32.67 7.57 -17.86
CA ASN B 48 -33.22 6.75 -16.81
C ASN B 48 -32.14 5.90 -16.18
N VAL B 49 -31.35 5.24 -17.04
CA VAL B 49 -30.44 4.17 -16.64
C VAL B 49 -29.31 4.63 -15.77
N TYR B 50 -28.82 5.84 -15.99
CA TYR B 50 -27.67 6.32 -15.22
C TYR B 50 -27.90 7.60 -14.40
N TYR B 51 -29.16 8.01 -14.22
CA TYR B 51 -29.45 9.29 -13.55
C TYR B 51 -30.81 9.29 -12.83
N ASN B 52 -30.78 8.93 -11.54
CA ASN B 52 -31.93 9.15 -10.66
C ASN B 52 -32.17 10.67 -10.61
N GLU B 53 -33.40 11.11 -10.86
CA GLU B 53 -33.67 12.56 -10.94
C GLU B 53 -34.49 13.23 -9.80
N ALA B 54 -34.01 14.38 -9.33
CA ALA B 54 -34.60 15.09 -8.19
C ALA B 54 -35.38 16.35 -8.63
N THR B 55 -36.17 16.91 -7.70
CA THR B 55 -37.19 17.96 -7.96
C THR B 55 -36.69 19.24 -8.69
N GLY B 56 -37.62 19.97 -9.29
CA GLY B 56 -37.28 21.03 -10.23
C GLY B 56 -36.84 20.41 -11.55
N ASN B 57 -35.82 21.00 -12.19
CA ASN B 57 -35.24 20.39 -13.40
C ASN B 57 -34.27 19.27 -13.01
N LYS B 58 -32.97 19.59 -12.96
CA LYS B 58 -31.90 18.74 -12.40
C LYS B 58 -31.88 17.24 -12.83
N TYR B 59 -30.71 16.60 -12.74
CA TYR B 59 -30.60 15.22 -13.20
C TYR B 59 -29.79 14.23 -12.36
N VAL B 60 -28.82 14.72 -11.59
CA VAL B 60 -27.95 13.93 -10.68
C VAL B 60 -27.74 12.40 -10.92
N PRO B 61 -26.51 12.01 -11.26
CA PRO B 61 -26.16 10.61 -11.49
C PRO B 61 -26.36 9.74 -10.26
N ARG B 62 -26.78 8.50 -10.49
CA ARG B 62 -26.75 7.46 -9.48
C ARG B 62 -25.28 7.16 -9.27
N ALA B 63 -24.69 7.77 -8.25
CA ALA B 63 -23.27 7.59 -8.01
C ALA B 63 -22.88 7.49 -6.52
N ILE B 64 -22.16 6.42 -6.18
CA ILE B 64 -21.55 6.29 -4.87
C ILE B 64 -20.02 6.44 -4.96
N LEU B 65 -19.48 7.37 -4.15
CA LEU B 65 -18.05 7.62 -4.18
C LEU B 65 -17.43 7.21 -2.87
N VAL B 66 -16.50 6.28 -2.92
CA VAL B 66 -15.90 5.79 -1.72
C VAL B 66 -14.43 6.09 -1.79
N ASP B 67 -13.86 6.48 -0.67
CA ASP B 67 -12.41 6.56 -0.50
C ASP B 67 -12.06 6.52 0.99
N LEU B 68 -10.81 6.18 1.32
CA LEU B 68 -10.39 6.12 2.72
C LEU B 68 -9.65 7.37 3.17
N GLU B 69 -9.66 8.41 2.35
CA GLU B 69 -9.03 9.71 2.65
C GLU B 69 -9.77 10.83 1.91
N PRO B 70 -9.91 12.01 2.52
CA PRO B 70 -10.52 13.17 1.84
C PRO B 70 -9.93 13.41 0.46
N GLY B 71 -8.68 13.85 0.44
CA GLY B 71 -7.91 14.07 -0.79
C GLY B 71 -8.60 14.02 -2.15
N THR B 72 -8.87 12.81 -2.63
CA THR B 72 -9.23 12.60 -4.02
C THR B 72 -10.68 12.93 -4.33
N MET B 73 -11.43 13.27 -3.30
CA MET B 73 -12.85 13.54 -3.43
C MET B 73 -13.10 15.02 -3.67
N ASP B 74 -12.50 15.84 -2.80
CA ASP B 74 -12.44 17.29 -2.97
C ASP B 74 -11.82 17.64 -4.33
N SER B 75 -11.10 16.68 -4.90
CA SER B 75 -10.48 16.81 -6.21
C SER B 75 -11.51 16.76 -7.32
N VAL B 76 -12.53 15.95 -7.09
CA VAL B 76 -13.66 15.94 -7.97
C VAL B 76 -14.47 17.17 -7.69
N ARG B 77 -14.85 17.38 -6.42
CA ARG B 77 -15.77 18.48 -6.09
C ARG B 77 -15.27 19.90 -6.44
N SER B 78 -13.97 20.04 -6.68
CA SER B 78 -13.35 21.32 -7.03
C SER B 78 -12.82 21.37 -8.48
N GLY B 79 -13.33 20.49 -9.33
CA GLY B 79 -12.80 20.34 -10.67
C GLY B 79 -13.81 20.35 -11.80
N PRO B 80 -14.02 19.19 -12.44
CA PRO B 80 -14.71 19.09 -13.76
C PRO B 80 -16.24 19.35 -13.74
N PHE B 81 -17.02 18.27 -13.68
CA PHE B 81 -18.42 18.38 -13.30
C PHE B 81 -18.59 18.12 -11.82
N GLY B 82 -18.01 19.00 -11.02
CA GLY B 82 -17.85 18.75 -9.61
C GLY B 82 -19.15 18.90 -8.87
N GLN B 83 -19.89 19.91 -9.26
CA GLN B 83 -21.11 20.30 -8.55
C GLN B 83 -22.22 19.25 -8.59
N ILE B 84 -22.06 18.22 -9.43
CA ILE B 84 -23.18 17.38 -9.85
C ILE B 84 -23.65 16.21 -8.95
N PHE B 85 -22.72 15.58 -8.23
CA PHE B 85 -23.04 14.39 -7.41
C PHE B 85 -23.70 14.78 -6.10
N ARG B 86 -24.74 14.03 -5.72
CA ARG B 86 -25.51 14.35 -4.53
C ARG B 86 -24.59 14.44 -3.29
N PRO B 87 -24.75 15.50 -2.48
CA PRO B 87 -23.91 15.75 -1.30
C PRO B 87 -23.55 14.51 -0.46
N ASP B 88 -24.52 13.91 0.24
CA ASP B 88 -24.18 12.75 1.08
C ASP B 88 -24.32 11.45 0.28
N ASN B 89 -23.87 11.52 -0.98
CA ASN B 89 -23.60 10.35 -1.81
C ASN B 89 -22.08 10.06 -1.83
N PHE B 90 -21.34 10.90 -1.10
CA PHE B 90 -19.90 10.75 -0.88
C PHE B 90 -19.60 10.01 0.42
N VAL B 91 -18.74 9.01 0.38
CA VAL B 91 -18.37 8.31 1.61
C VAL B 91 -16.90 8.51 1.94
N PHE B 92 -16.63 9.40 2.90
CA PHE B 92 -15.28 9.72 3.34
C PHE B 92 -14.58 8.61 4.12
N GLY B 93 -13.27 8.60 4.07
CA GLY B 93 -12.50 7.61 4.78
C GLY B 93 -11.99 8.14 6.08
N GLN B 94 -11.31 9.29 6.03
CA GLN B 94 -10.52 9.88 7.15
C GLN B 94 -9.23 9.10 7.40
N SER B 95 -9.37 7.80 7.65
CA SER B 95 -8.29 6.88 8.01
C SER B 95 -7.17 6.92 6.98
N GLY B 96 -6.26 5.98 7.11
CA GLY B 96 -5.30 5.72 6.07
C GLY B 96 -5.96 4.76 5.11
N ALA B 97 -5.35 4.64 3.94
CA ALA B 97 -5.76 3.69 2.92
C ALA B 97 -4.64 2.63 2.76
N GLY B 98 -3.39 3.10 2.88
CA GLY B 98 -2.20 2.26 3.04
C GLY B 98 -1.50 1.69 1.81
N ASN B 99 -2.19 1.69 0.66
CA ASN B 99 -1.76 0.94 -0.53
C ASN B 99 -1.46 -0.50 -0.15
N ASN B 100 -2.41 -1.07 0.59
CA ASN B 100 -2.30 -2.37 1.25
C ASN B 100 -3.67 -3.04 1.35
N TRP B 101 -3.91 -4.02 0.48
CA TRP B 101 -5.20 -4.69 0.33
C TRP B 101 -5.82 -5.01 1.66
N ALA B 102 -5.02 -5.57 2.56
CA ALA B 102 -5.57 -6.04 3.82
C ALA B 102 -6.26 -4.91 4.56
N LYS B 103 -5.60 -3.76 4.64
CA LYS B 103 -6.20 -2.60 5.27
C LYS B 103 -7.59 -2.37 4.66
N GLY B 104 -7.63 -2.22 3.34
CA GLY B 104 -8.87 -1.97 2.62
C GLY B 104 -9.95 -3.03 2.76
N HIS B 105 -9.56 -4.29 2.92
CA HIS B 105 -10.52 -5.40 2.98
C HIS B 105 -10.90 -5.78 4.43
N TYR B 106 -9.99 -5.60 5.36
CA TYR B 106 -10.30 -6.08 6.67
C TYR B 106 -10.48 -4.94 7.66
N THR B 107 -9.40 -4.34 8.15
CA THR B 107 -9.45 -3.35 9.22
C THR B 107 -9.96 -2.01 8.75
N GLU B 108 -9.04 -1.09 8.44
CA GLU B 108 -9.40 0.30 8.09
C GLU B 108 -10.53 0.46 7.07
N GLY B 109 -10.81 -0.60 6.32
CA GLY B 109 -11.85 -0.60 5.32
C GLY B 109 -13.20 -1.01 5.84
N ALA B 110 -13.30 -2.25 6.34
CA ALA B 110 -14.57 -2.82 6.88
C ALA B 110 -15.14 -1.88 7.93
N GLU B 111 -14.22 -1.35 8.73
CA GLU B 111 -14.41 -0.09 9.39
C GLU B 111 -15.58 0.73 8.81
N LEU B 112 -15.49 1.06 7.52
CA LEU B 112 -16.42 1.96 6.85
C LEU B 112 -17.57 1.22 6.19
N VAL B 113 -17.27 0.49 5.12
CA VAL B 113 -18.20 -0.44 4.46
C VAL B 113 -19.65 -0.11 4.61
N ASP B 114 -20.13 -0.11 5.85
CA ASP B 114 -21.54 0.03 6.15
C ASP B 114 -22.10 1.36 5.68
N SER B 115 -21.49 2.47 6.08
CA SER B 115 -21.90 3.79 5.60
C SER B 115 -21.89 3.89 4.08
N VAL B 116 -21.21 2.95 3.43
CA VAL B 116 -21.25 2.82 1.99
C VAL B 116 -22.47 2.01 1.59
N LEU B 117 -22.52 0.76 2.03
CA LEU B 117 -23.69 -0.09 1.80
C LEU B 117 -24.96 0.70 2.10
N ASP B 118 -24.91 1.45 3.20
CA ASP B 118 -26.02 2.29 3.70
C ASP B 118 -26.49 3.29 2.66
N VAL B 119 -25.62 3.64 1.72
CA VAL B 119 -26.01 4.55 0.66
C VAL B 119 -26.41 3.74 -0.54
N VAL B 120 -25.67 2.69 -0.85
CA VAL B 120 -26.08 1.85 -1.97
C VAL B 120 -27.50 1.32 -1.72
N ARG B 121 -27.80 0.94 -0.48
CA ARG B 121 -29.13 0.48 -0.14
C ARG B 121 -30.20 1.49 -0.60
N LYS B 122 -29.97 2.78 -0.35
CA LYS B 122 -30.98 3.83 -0.59
C LYS B 122 -31.07 4.31 -2.03
N GLU B 123 -30.08 3.95 -2.85
CA GLU B 123 -30.22 4.21 -4.27
C GLU B 123 -30.89 3.01 -4.92
N SER B 124 -30.47 1.82 -4.51
CA SER B 124 -30.99 0.58 -5.07
C SER B 124 -32.48 0.32 -4.74
N GLU B 125 -32.84 0.51 -3.47
CA GLU B 125 -34.23 0.36 -3.05
C GLU B 125 -35.10 1.58 -3.46
N SER B 126 -34.50 2.50 -4.20
CA SER B 126 -35.22 3.61 -4.84
C SER B 126 -35.44 3.33 -6.31
N CYS B 127 -34.42 2.76 -6.95
CA CYS B 127 -34.47 2.32 -8.34
C CYS B 127 -35.67 1.41 -8.62
N ASP B 128 -36.52 1.84 -9.56
CA ASP B 128 -37.80 1.20 -9.90
C ASP B 128 -37.71 -0.29 -10.33
N CYS B 129 -36.75 -0.62 -11.15
CA CYS B 129 -36.38 -2.03 -11.32
C CYS B 129 -34.88 -2.09 -11.53
N LEU B 130 -34.14 -2.35 -10.44
CA LEU B 130 -32.68 -2.24 -10.50
C LEU B 130 -32.05 -3.39 -11.20
N GLN B 131 -31.32 -3.05 -12.24
CA GLN B 131 -30.62 -3.99 -13.07
C GLN B 131 -29.46 -4.63 -12.34
N GLY B 132 -28.61 -3.79 -11.75
CA GLY B 132 -27.34 -4.23 -11.19
C GLY B 132 -26.38 -3.08 -11.02
N PHE B 133 -25.22 -3.35 -10.41
CA PHE B 133 -24.28 -2.30 -10.07
C PHE B 133 -23.06 -2.48 -10.90
N GLN B 134 -22.38 -1.38 -11.15
CA GLN B 134 -21.06 -1.42 -11.75
C GLN B 134 -20.10 -0.61 -10.89
N LEU B 135 -18.84 -1.02 -10.87
CA LEU B 135 -17.83 -0.42 -9.98
C LEU B 135 -16.52 -0.15 -10.70
N THR B 136 -15.88 0.96 -10.39
CA THR B 136 -14.60 1.22 -11.02
C THR B 136 -13.57 1.41 -9.94
N HIS B 137 -12.34 0.92 -10.19
CA HIS B 137 -11.24 0.91 -9.20
C HIS B 137 -9.95 0.29 -9.66
N SER B 138 -8.85 0.66 -8.99
CA SER B 138 -7.49 0.02 -9.06
C SER B 138 -7.40 -1.42 -8.52
N LEU B 139 -6.49 -2.23 -9.04
CA LEU B 139 -6.40 -3.60 -8.53
C LEU B 139 -5.20 -3.82 -7.63
N GLY B 140 -4.17 -3.02 -7.85
CA GLY B 140 -3.03 -2.83 -6.94
C GLY B 140 -3.21 -1.49 -6.25
N GLY B 141 -2.84 -1.42 -4.98
CA GLY B 141 -3.29 -0.31 -4.16
C GLY B 141 -4.62 -0.64 -3.52
N GLY B 142 -4.75 -0.31 -2.24
CA GLY B 142 -5.75 -0.92 -1.38
C GLY B 142 -7.17 -0.37 -1.27
N THR B 143 -7.33 0.95 -1.17
CA THR B 143 -8.67 1.45 -0.86
C THR B 143 -9.68 0.96 -1.90
N GLY B 144 -9.28 1.01 -3.17
CA GLY B 144 -10.10 0.57 -4.30
C GLY B 144 -10.23 -0.92 -4.51
N SER B 145 -9.10 -1.62 -4.54
CA SER B 145 -9.12 -3.05 -4.77
C SER B 145 -9.58 -3.80 -3.55
N GLY B 146 -9.17 -3.33 -2.38
CA GLY B 146 -9.42 -3.97 -1.10
C GLY B 146 -10.83 -3.80 -0.58
N MET B 147 -11.24 -2.55 -0.35
CA MET B 147 -12.62 -2.31 0.06
C MET B 147 -13.58 -2.69 -1.03
N GLY B 148 -13.17 -2.43 -2.26
CA GLY B 148 -13.96 -2.71 -3.43
C GLY B 148 -14.33 -4.16 -3.55
N THR B 149 -13.33 -5.03 -3.52
CA THR B 149 -13.61 -6.45 -3.56
C THR B 149 -14.53 -6.80 -2.42
N LEU B 150 -14.32 -6.15 -1.28
CA LEU B 150 -15.18 -6.37 -0.11
C LEU B 150 -16.58 -5.87 -0.41
N LEU B 151 -16.66 -4.62 -0.84
CA LEU B 151 -17.93 -4.02 -1.22
C LEU B 151 -18.79 -5.01 -1.99
N ILE B 152 -18.24 -5.53 -3.09
CA ILE B 152 -18.99 -6.43 -3.96
C ILE B 152 -19.42 -7.71 -3.21
N SER B 153 -18.58 -8.15 -2.27
CA SER B 153 -18.86 -9.38 -1.55
C SER B 153 -19.92 -9.09 -0.55
N LYS B 154 -20.23 -7.83 -0.38
CA LYS B 154 -21.30 -7.42 0.51
C LYS B 154 -22.50 -7.04 -0.31
N ILE B 155 -22.24 -6.59 -1.53
CA ILE B 155 -23.29 -6.30 -2.50
C ILE B 155 -23.97 -7.60 -2.89
N ARG B 156 -23.28 -8.52 -3.56
CA ARG B 156 -23.77 -9.90 -3.62
C ARG B 156 -24.01 -10.23 -2.18
N GLU B 157 -24.97 -11.12 -1.92
CA GLU B 157 -25.43 -11.38 -0.54
C GLU B 157 -26.61 -10.50 -0.18
N GLU B 158 -26.47 -9.20 -0.39
CA GLU B 158 -27.61 -8.31 -0.27
C GLU B 158 -28.46 -8.48 -1.51
N TYR B 159 -27.77 -8.55 -2.64
CA TYR B 159 -28.36 -8.58 -3.96
C TYR B 159 -27.65 -9.69 -4.68
N PRO B 160 -28.09 -10.93 -4.54
CA PRO B 160 -27.49 -12.02 -5.30
C PRO B 160 -27.97 -11.98 -6.74
N ASP B 161 -29.26 -12.28 -6.88
CA ASP B 161 -30.25 -11.49 -7.61
C ASP B 161 -29.78 -10.76 -8.85
N ARG B 162 -29.20 -9.57 -8.63
CA ARG B 162 -28.81 -8.65 -9.68
C ARG B 162 -27.35 -8.87 -10.07
N ILE B 163 -26.96 -8.31 -11.21
CA ILE B 163 -25.64 -8.60 -11.78
C ILE B 163 -24.57 -7.58 -11.51
N MET B 164 -23.35 -8.03 -11.73
CA MET B 164 -22.22 -7.44 -11.06
C MET B 164 -21.03 -7.11 -11.99
N ASN B 165 -20.91 -5.82 -12.22
CA ASN B 165 -20.09 -5.30 -13.29
C ASN B 165 -18.96 -4.47 -12.69
N THR B 166 -17.77 -4.60 -13.28
CA THR B 166 -16.62 -3.79 -12.91
C THR B 166 -15.56 -3.57 -13.98
N PHE B 167 -15.13 -2.33 -14.04
CA PHE B 167 -13.92 -1.97 -14.70
C PHE B 167 -12.92 -1.92 -13.59
N SER B 168 -12.00 -2.87 -13.64
CA SER B 168 -10.86 -2.91 -12.72
C SER B 168 -9.57 -2.73 -13.52
N VAL B 169 -8.69 -1.90 -13.03
CA VAL B 169 -7.51 -1.64 -13.80
C VAL B 169 -6.30 -2.45 -13.36
N MET B 170 -6.13 -3.65 -13.92
CA MET B 170 -4.96 -4.50 -13.63
C MET B 170 -3.57 -3.78 -13.84
N PRO B 171 -2.69 -3.70 -12.81
CA PRO B 171 -1.55 -2.79 -12.85
C PRO B 171 -0.21 -3.41 -13.24
N SER B 172 0.73 -2.53 -13.58
CA SER B 172 1.99 -2.92 -14.22
C SER B 172 3.23 -2.33 -13.51
N PRO B 173 4.41 -2.91 -13.75
CA PRO B 173 5.65 -2.40 -13.16
C PRO B 173 6.21 -1.07 -13.74
N LYS B 174 5.64 -0.52 -14.80
CA LYS B 174 5.99 0.84 -15.25
C LYS B 174 4.70 1.62 -15.20
N VAL B 175 4.76 2.88 -14.74
CA VAL B 175 3.55 3.64 -14.29
C VAL B 175 2.79 2.99 -13.12
N SER B 176 3.53 2.95 -12.00
CA SER B 176 3.11 2.47 -10.70
C SER B 176 4.18 2.86 -9.70
N ASP B 177 4.01 2.43 -8.45
CA ASP B 177 4.73 3.02 -7.34
C ASP B 177 5.03 2.03 -6.19
N THR B 178 3.99 1.33 -5.72
CA THR B 178 4.12 0.38 -4.62
C THR B 178 4.65 -0.96 -5.12
N VAL B 179 5.91 -1.21 -4.79
CA VAL B 179 6.54 -2.51 -4.97
C VAL B 179 5.55 -3.67 -4.76
N VAL B 180 4.49 -3.41 -3.98
CA VAL B 180 3.55 -4.45 -3.51
C VAL B 180 2.42 -4.87 -4.47
N GLU B 181 2.12 -4.04 -5.47
CA GLU B 181 0.89 -4.20 -6.29
C GLU B 181 0.50 -5.65 -6.74
N PRO B 182 1.45 -6.44 -7.24
CA PRO B 182 1.20 -7.86 -7.50
C PRO B 182 0.35 -8.48 -6.40
N TYR B 183 0.80 -8.36 -5.14
CA TYR B 183 0.11 -8.89 -3.96
C TYR B 183 -1.32 -8.41 -3.96
N ASN B 184 -1.50 -7.10 -3.83
CA ASN B 184 -2.84 -6.50 -3.89
C ASN B 184 -3.73 -7.05 -5.00
N ALA B 185 -3.26 -6.94 -6.25
CA ALA B 185 -4.01 -7.36 -7.39
C ALA B 185 -4.36 -8.85 -7.32
N THR B 186 -3.40 -9.71 -7.04
CA THR B 186 -3.65 -11.15 -7.02
C THR B 186 -4.77 -11.47 -6.06
N LEU B 187 -4.74 -10.81 -4.91
CA LEU B 187 -5.71 -11.01 -3.85
C LEU B 187 -7.14 -10.68 -4.28
N SER B 188 -7.23 -9.72 -5.21
CA SER B 188 -8.48 -9.15 -5.72
C SER B 188 -8.97 -10.00 -6.89
N VAL B 189 -8.01 -10.38 -7.72
CA VAL B 189 -8.24 -11.22 -8.89
C VAL B 189 -9.03 -12.45 -8.47
N HIS B 190 -8.50 -13.14 -7.45
CA HIS B 190 -9.22 -14.15 -6.71
C HIS B 190 -10.63 -13.60 -6.42
N GLN B 191 -10.72 -12.56 -5.60
CA GLN B 191 -12.03 -12.05 -5.19
C GLN B 191 -12.95 -11.86 -6.39
N LEU B 192 -12.48 -11.19 -7.44
CA LEU B 192 -13.32 -10.92 -8.62
C LEU B 192 -13.88 -12.19 -9.25
N VAL B 193 -12.96 -13.10 -9.59
CA VAL B 193 -13.28 -14.38 -10.17
C VAL B 193 -14.51 -15.06 -9.52
N GLU B 194 -14.73 -14.81 -8.23
CA GLU B 194 -15.81 -15.50 -7.51
C GLU B 194 -17.06 -14.71 -7.41
N ASN B 195 -16.92 -13.38 -7.49
CA ASN B 195 -18.03 -12.52 -7.11
C ASN B 195 -18.53 -11.52 -8.17
N THR B 196 -17.95 -11.52 -9.37
CA THR B 196 -18.48 -10.66 -10.43
C THR B 196 -19.08 -11.48 -11.57
N ASP B 197 -19.80 -10.83 -12.48
CA ASP B 197 -20.45 -11.55 -13.58
C ASP B 197 -19.79 -11.18 -14.87
N GLU B 198 -19.27 -9.94 -14.90
CA GLU B 198 -18.32 -9.43 -15.91
C GLU B 198 -17.31 -8.43 -15.36
N THR B 199 -16.07 -8.55 -15.82
CA THR B 199 -15.02 -7.59 -15.52
C THR B 199 -14.25 -7.19 -16.76
N TYR B 200 -14.28 -5.90 -17.06
CA TYR B 200 -13.46 -5.36 -18.13
C TYR B 200 -12.05 -5.23 -17.58
N SER B 201 -11.07 -5.86 -18.24
CA SER B 201 -9.69 -5.79 -17.79
C SER B 201 -9.02 -4.66 -18.49
N ILE B 202 -8.86 -3.55 -17.83
CA ILE B 202 -8.10 -2.45 -18.38
C ILE B 202 -6.69 -2.49 -17.83
N ASP B 203 -5.72 -2.71 -18.70
CA ASP B 203 -4.33 -2.80 -18.33
C ASP B 203 -3.71 -1.41 -18.39
N ASN B 204 -2.99 -1.00 -17.35
CA ASN B 204 -2.30 0.27 -17.40
C ASN B 204 -1.11 0.17 -18.31
N GLU B 205 -0.50 -1.02 -18.32
CA GLU B 205 0.57 -1.40 -19.26
C GLU B 205 0.17 -1.26 -20.75
N ALA B 206 -1.06 -1.63 -21.08
CA ALA B 206 -1.57 -1.34 -22.41
C ALA B 206 -1.72 0.18 -22.52
N LEU B 207 -2.43 0.74 -21.56
CA LEU B 207 -2.85 2.13 -21.60
C LEU B 207 -1.70 3.03 -21.85
N TYR B 208 -0.65 2.85 -21.07
CA TYR B 208 0.60 3.60 -21.25
C TYR B 208 1.20 3.38 -22.65
N ASP B 209 1.06 2.15 -23.16
CA ASP B 209 1.72 1.74 -24.41
C ASP B 209 1.04 2.38 -25.59
N ILE B 210 -0.29 2.40 -25.54
CA ILE B 210 -1.10 3.13 -26.50
C ILE B 210 -0.73 4.63 -26.59
N CYS B 211 -0.04 5.18 -25.58
CA CYS B 211 0.31 6.61 -25.58
C CYS B 211 1.65 6.92 -26.19
N PHE B 212 2.59 6.01 -26.01
CA PHE B 212 3.99 6.24 -26.30
C PHE B 212 4.45 5.41 -27.48
N ARG B 213 3.90 4.21 -27.64
CA ARG B 213 4.18 3.40 -28.84
C ARG B 213 3.41 3.96 -30.05
N THR B 214 2.24 4.56 -29.77
CA THR B 214 1.35 5.10 -30.81
C THR B 214 0.58 6.36 -30.37
N LEU B 215 1.27 7.49 -30.14
CA LEU B 215 0.57 8.76 -29.89
C LEU B 215 1.43 10.01 -29.76
N LYS B 216 2.75 9.87 -29.83
CA LYS B 216 3.66 11.00 -29.59
C LYS B 216 3.53 11.56 -28.17
N LEU B 217 2.90 10.81 -27.27
CA LEU B 217 2.66 11.25 -25.90
C LEU B 217 3.83 10.91 -24.94
N THR B 218 4.70 11.90 -24.72
CA THR B 218 6.02 11.75 -24.06
C THR B 218 6.02 11.35 -22.59
N THR B 219 5.44 12.19 -21.74
CA THR B 219 5.53 12.01 -20.29
C THR B 219 4.13 11.74 -19.73
N PRO B 220 3.52 10.60 -20.07
CA PRO B 220 2.07 10.42 -19.90
C PRO B 220 1.60 10.57 -18.45
N THR B 221 0.67 11.51 -18.22
CA THR B 221 0.10 11.78 -16.89
C THR B 221 -0.64 10.57 -16.46
N TYR B 222 -1.22 10.66 -15.28
CA TYR B 222 -2.39 9.84 -15.03
C TYR B 222 -3.56 10.46 -15.75
N GLY B 223 -3.38 11.69 -16.22
CA GLY B 223 -4.35 12.39 -17.03
C GLY B 223 -4.55 11.70 -18.37
N ASP B 224 -3.88 12.20 -19.41
CA ASP B 224 -3.90 11.53 -20.72
C ASP B 224 -3.49 10.07 -20.49
N LEU B 225 -4.44 9.15 -20.67
CA LEU B 225 -4.30 7.75 -20.21
C LEU B 225 -5.50 7.42 -19.36
N ASN B 226 -5.96 8.39 -18.57
CA ASN B 226 -7.31 8.30 -18.02
C ASN B 226 -8.25 8.49 -19.18
N HIS B 227 -7.83 9.37 -20.09
CA HIS B 227 -8.62 9.75 -21.25
C HIS B 227 -9.10 8.54 -22.02
N LEU B 228 -8.24 7.53 -22.16
CA LEU B 228 -8.58 6.30 -22.85
C LEU B 228 -9.70 5.53 -22.16
N VAL B 229 -9.51 5.28 -20.88
CA VAL B 229 -10.47 4.53 -20.08
C VAL B 229 -11.86 5.13 -20.15
N SER B 230 -11.94 6.43 -19.89
CA SER B 230 -13.17 7.20 -20.00
C SER B 230 -13.83 6.99 -21.37
N ALA B 231 -13.03 7.03 -22.43
CA ALA B 231 -13.52 6.84 -23.80
C ALA B 231 -14.00 5.41 -24.04
N THR B 232 -13.29 4.46 -23.47
CA THR B 232 -13.59 3.05 -23.61
C THR B 232 -14.86 2.71 -22.88
N MET B 233 -15.05 3.30 -21.71
CA MET B 233 -16.26 3.14 -20.90
C MET B 233 -17.53 3.68 -21.56
N SER B 234 -17.41 4.86 -22.16
CA SER B 234 -18.49 5.44 -22.97
C SER B 234 -18.93 4.45 -24.04
N GLY B 235 -17.97 4.06 -24.88
CA GLY B 235 -18.16 3.15 -25.97
C GLY B 235 -18.76 1.90 -25.43
N VAL B 236 -18.21 1.37 -24.34
CA VAL B 236 -18.74 0.12 -23.84
C VAL B 236 -20.20 0.24 -23.43
N THR B 237 -20.55 1.32 -22.72
CA THR B 237 -21.92 1.50 -22.17
C THR B 237 -23.05 1.78 -23.18
N THR B 238 -22.76 2.63 -24.16
CA THR B 238 -23.73 3.10 -25.17
C THR B 238 -25.05 2.34 -25.30
N CYS B 239 -24.98 1.05 -25.57
CA CYS B 239 -26.18 0.28 -25.84
C CYS B 239 -27.07 0.17 -24.63
N LEU B 240 -26.49 0.34 -23.44
CA LEU B 240 -27.28 0.35 -22.20
C LEU B 240 -28.07 1.64 -22.12
N ARG B 241 -27.46 2.70 -22.64
CA ARG B 241 -27.88 4.08 -22.36
C ARG B 241 -28.19 5.01 -23.57
N PHE B 242 -28.87 4.48 -24.60
CA PHE B 242 -29.23 5.30 -25.78
C PHE B 242 -30.47 4.93 -26.63
N PRO B 243 -30.36 3.87 -27.43
CA PRO B 243 -31.14 3.77 -28.65
C PRO B 243 -32.44 3.05 -28.37
N GLY B 244 -32.41 1.73 -28.59
CA GLY B 244 -33.57 0.90 -28.79
C GLY B 244 -33.29 0.00 -29.98
N GLN B 245 -32.01 -0.36 -30.13
CA GLN B 245 -31.51 -1.35 -31.13
C GLN B 245 -31.92 -2.76 -30.64
N LEU B 246 -31.12 -3.30 -29.71
CA LEU B 246 -31.47 -4.44 -28.89
C LEU B 246 -32.23 -3.73 -27.74
N ASN B 247 -31.81 -3.96 -26.51
CA ASN B 247 -31.86 -2.93 -25.43
C ASN B 247 -30.86 -3.22 -24.29
N ALA B 248 -30.16 -4.34 -24.45
CA ALA B 248 -29.00 -4.71 -23.67
C ALA B 248 -29.19 -4.66 -22.13
N ASP B 249 -29.31 -5.86 -21.56
CA ASP B 249 -29.72 -6.02 -20.18
C ASP B 249 -28.57 -6.02 -19.24
N LEU B 250 -27.36 -5.88 -19.75
CA LEU B 250 -26.18 -6.07 -18.91
C LEU B 250 -26.22 -7.49 -18.39
N ARG B 251 -27.43 -7.98 -18.18
CA ARG B 251 -27.64 -9.40 -17.95
C ARG B 251 -27.54 -10.05 -19.30
N LYS B 252 -28.40 -9.63 -20.21
CA LYS B 252 -28.38 -10.17 -21.56
C LYS B 252 -26.89 -10.23 -21.90
N LEU B 253 -26.18 -9.11 -21.79
CA LEU B 253 -24.75 -9.11 -22.08
C LEU B 253 -24.02 -10.29 -21.42
N ALA B 254 -24.19 -10.47 -20.12
CA ALA B 254 -23.43 -11.48 -19.45
C ALA B 254 -23.75 -12.83 -20.06
N VAL B 255 -24.98 -13.27 -19.94
CA VAL B 255 -25.33 -14.64 -20.36
C VAL B 255 -24.87 -15.01 -21.77
N ASN B 256 -24.73 -14.01 -22.63
CA ASN B 256 -24.36 -14.23 -24.01
C ASN B 256 -22.86 -14.19 -24.20
N MET B 257 -22.19 -13.46 -23.34
CA MET B 257 -20.76 -13.24 -23.49
C MET B 257 -19.89 -14.30 -22.82
N VAL B 258 -20.41 -14.96 -21.80
CA VAL B 258 -19.61 -15.91 -21.07
C VAL B 258 -20.13 -17.32 -21.05
N PRO B 259 -19.40 -18.18 -21.74
CA PRO B 259 -19.67 -19.60 -21.78
C PRO B 259 -19.51 -20.18 -20.39
N PHE B 260 -18.40 -19.88 -19.76
CA PHE B 260 -18.08 -20.52 -18.52
C PHE B 260 -17.88 -19.55 -17.34
N PRO B 261 -18.50 -19.89 -16.22
CA PRO B 261 -18.84 -18.94 -15.15
C PRO B 261 -17.64 -18.19 -14.65
N ARG B 262 -16.55 -18.92 -14.56
CA ARG B 262 -15.28 -18.39 -14.07
C ARG B 262 -14.63 -17.34 -15.03
N LEU B 263 -14.90 -17.43 -16.34
CA LEU B 263 -14.08 -16.71 -17.34
C LEU B 263 -14.64 -15.39 -17.87
N HIS B 264 -15.32 -14.65 -17.00
CA HIS B 264 -15.93 -13.38 -17.36
C HIS B 264 -14.97 -12.22 -17.54
N PHE B 265 -13.87 -12.44 -18.23
CA PHE B 265 -12.89 -11.37 -18.34
C PHE B 265 -12.74 -10.87 -19.75
N PHE B 266 -13.16 -9.63 -19.93
CA PHE B 266 -13.17 -9.01 -21.25
C PHE B 266 -11.96 -8.08 -21.44
N MET B 267 -11.25 -8.20 -22.56
CA MET B 267 -10.40 -7.09 -22.97
C MET B 267 -11.21 -6.21 -23.89
N PRO B 268 -11.27 -4.91 -23.55
CA PRO B 268 -11.87 -3.88 -24.40
C PRO B 268 -10.90 -3.35 -25.45
N GLY B 269 -11.37 -2.46 -26.33
CA GLY B 269 -10.52 -1.89 -27.37
C GLY B 269 -11.26 -0.77 -28.04
N PHE B 270 -10.55 0.24 -28.50
CA PHE B 270 -11.22 1.41 -29.06
C PHE B 270 -10.86 1.73 -30.51
N ALA B 271 -11.63 2.65 -31.11
CA ALA B 271 -11.51 3.02 -32.53
C ALA B 271 -10.43 4.08 -32.84
N PRO B 272 -10.80 5.36 -32.88
CA PRO B 272 -9.81 6.44 -32.91
C PRO B 272 -9.37 6.97 -31.49
N LEU B 273 -8.20 7.59 -31.42
CA LEU B 273 -7.63 7.90 -30.10
C LEU B 273 -6.72 9.15 -30.04
N THR B 274 -6.72 9.81 -28.86
CA THR B 274 -5.87 10.98 -28.47
C THR B 274 -6.61 12.11 -27.66
N SER B 275 -5.91 13.23 -27.39
CA SER B 275 -6.51 14.51 -26.98
C SER B 275 -5.82 15.74 -27.61
N LEU B 284 -10.88 7.73 -40.39
CA LEU B 284 -11.90 6.86 -39.84
C LEU B 284 -12.96 6.62 -40.91
N THR B 285 -13.11 5.36 -41.32
CA THR B 285 -13.76 5.05 -42.58
C THR B 285 -14.80 3.90 -42.60
N VAL B 286 -14.74 3.01 -41.61
CA VAL B 286 -15.50 1.75 -41.46
C VAL B 286 -14.54 0.57 -41.63
N PRO B 287 -13.99 0.31 -42.82
CA PRO B 287 -12.91 -0.66 -42.94
C PRO B 287 -11.75 -0.33 -42.00
N GLU B 288 -11.17 0.87 -42.17
CA GLU B 288 -10.04 1.33 -41.35
C GLU B 288 -10.42 1.43 -39.88
N LEU B 289 -11.73 1.40 -39.63
CA LEU B 289 -12.27 1.39 -38.29
C LEU B 289 -12.36 -0.04 -37.76
N THR B 290 -12.56 -1.00 -38.65
CA THR B 290 -12.77 -2.38 -38.20
C THR B 290 -11.47 -3.04 -37.83
N GLN B 291 -10.48 -3.02 -38.70
CA GLN B 291 -9.23 -3.64 -38.31
C GLN B 291 -8.38 -2.75 -37.41
N GLN B 292 -8.88 -1.56 -37.08
CA GLN B 292 -8.24 -0.77 -36.02
C GLN B 292 -8.77 -1.18 -34.64
N MET B 293 -9.93 -1.80 -34.62
CA MET B 293 -10.60 -2.17 -33.37
C MET B 293 -10.28 -3.64 -33.03
N PHE B 294 -9.87 -4.37 -34.06
CA PHE B 294 -9.45 -5.75 -33.91
C PHE B 294 -7.96 -5.90 -33.98
N ASP B 295 -7.25 -4.77 -33.93
CA ASP B 295 -5.79 -4.77 -33.84
C ASP B 295 -5.39 -5.00 -32.40
N SER B 296 -4.33 -5.78 -32.23
CA SER B 296 -3.77 -6.12 -30.92
C SER B 296 -3.22 -4.85 -30.26
N LYS B 297 -2.31 -4.21 -31.01
CA LYS B 297 -1.70 -2.91 -30.70
C LYS B 297 -2.73 -1.80 -30.34
N ASN B 298 -3.99 -2.20 -30.16
CA ASN B 298 -5.15 -1.31 -30.00
C ASN B 298 -6.27 -1.83 -29.06
N MET B 299 -5.92 -2.88 -28.31
CA MET B 299 -6.73 -3.47 -27.25
C MET B 299 -6.57 -2.62 -26.00
N MET B 300 -7.48 -2.80 -25.04
CA MET B 300 -7.34 -2.14 -23.73
C MET B 300 -6.55 -2.95 -22.69
N ALA B 301 -6.44 -4.26 -22.87
CA ALA B 301 -5.56 -5.06 -22.02
C ALA B 301 -4.22 -5.35 -22.69
N ALA B 302 -3.21 -5.60 -21.89
CA ALA B 302 -1.90 -5.90 -22.46
C ALA B 302 -1.75 -7.37 -22.84
N CYS B 303 -2.36 -7.75 -23.95
CA CYS B 303 -2.16 -9.09 -24.53
C CYS B 303 -2.09 -8.86 -26.00
N ASP B 304 -1.99 -9.94 -26.75
CA ASP B 304 -2.10 -9.91 -28.21
C ASP B 304 -3.09 -10.97 -28.62
N PRO B 305 -4.33 -10.55 -28.82
CA PRO B 305 -5.37 -11.44 -29.35
C PRO B 305 -4.84 -12.18 -30.58
N ARG B 306 -3.64 -12.75 -30.47
CA ARG B 306 -3.09 -13.67 -31.46
C ARG B 306 -2.91 -15.05 -30.78
N HIS B 307 -1.98 -15.12 -29.80
CA HIS B 307 -1.83 -16.28 -28.89
C HIS B 307 -3.04 -16.33 -27.97
N GLY B 308 -4.03 -17.14 -28.37
CA GLY B 308 -5.31 -17.15 -27.71
C GLY B 308 -6.39 -16.66 -28.65
N ARG B 309 -7.37 -17.53 -28.87
CA ARG B 309 -8.50 -17.27 -29.74
C ARG B 309 -9.63 -16.53 -29.00
N TYR B 310 -10.63 -16.08 -29.76
CA TYR B 310 -11.75 -15.36 -29.17
C TYR B 310 -12.85 -16.34 -28.84
N LEU B 311 -13.32 -16.24 -27.59
CA LEU B 311 -14.43 -17.02 -27.12
C LEU B 311 -15.64 -16.40 -27.75
N THR B 312 -15.98 -15.20 -27.33
CA THR B 312 -17.08 -14.47 -27.94
C THR B 312 -16.78 -12.99 -27.93
N VAL B 313 -17.29 -12.30 -28.93
CA VAL B 313 -17.03 -10.89 -29.04
C VAL B 313 -18.25 -10.09 -29.43
N ALA B 314 -18.51 -9.07 -28.64
CA ALA B 314 -19.51 -8.08 -28.94
C ALA B 314 -18.81 -6.84 -29.45
N ALA B 315 -19.39 -6.15 -30.45
CA ALA B 315 -18.82 -4.88 -30.92
C ALA B 315 -19.84 -3.81 -31.28
N VAL B 316 -19.48 -2.57 -31.03
CA VAL B 316 -20.41 -1.45 -31.13
C VAL B 316 -19.88 -0.21 -31.89
N PHE B 317 -20.57 0.16 -32.96
CA PHE B 317 -20.16 1.22 -33.86
C PHE B 317 -20.96 2.49 -33.63
N ARG B 318 -20.33 3.64 -33.73
CA ARG B 318 -21.05 4.90 -33.54
C ARG B 318 -21.04 5.88 -34.75
N GLY B 319 -22.18 6.49 -35.03
CA GLY B 319 -22.27 7.57 -35.99
C GLY B 319 -22.92 7.20 -37.31
N ARG B 320 -23.98 7.94 -37.67
CA ARG B 320 -24.78 7.72 -38.88
C ARG B 320 -23.89 7.42 -40.05
N MET B 321 -23.81 6.14 -40.39
CA MET B 321 -23.18 5.62 -41.61
C MET B 321 -23.85 4.28 -41.89
N SER B 322 -24.06 3.92 -43.15
CA SER B 322 -24.80 2.70 -43.49
C SER B 322 -24.13 1.40 -43.00
N MET B 323 -24.87 0.60 -42.24
CA MET B 323 -24.33 -0.63 -41.65
C MET B 323 -24.30 -1.77 -42.66
N LYS B 324 -25.00 -1.57 -43.78
CA LYS B 324 -24.89 -2.45 -44.93
C LYS B 324 -23.40 -2.69 -45.23
N GLU B 325 -22.56 -1.73 -44.80
CA GLU B 325 -21.10 -1.85 -44.89
C GLU B 325 -20.50 -2.39 -43.60
N VAL B 326 -21.13 -2.12 -42.46
CA VAL B 326 -20.66 -2.66 -41.19
C VAL B 326 -20.80 -4.19 -41.15
N ASP B 327 -21.88 -4.73 -41.71
CA ASP B 327 -22.03 -6.19 -41.89
C ASP B 327 -20.92 -6.75 -42.74
N GLU B 328 -20.82 -6.16 -43.94
CA GLU B 328 -19.88 -6.51 -45.00
C GLU B 328 -18.42 -6.54 -44.54
N GLN B 329 -18.09 -5.76 -43.51
CA GLN B 329 -16.73 -5.69 -42.96
C GLN B 329 -16.53 -6.61 -41.75
N MET B 330 -17.52 -6.64 -40.85
CA MET B 330 -17.54 -7.55 -39.68
C MET B 330 -17.38 -9.00 -40.18
N LEU B 331 -18.28 -9.38 -41.06
CA LEU B 331 -18.26 -10.66 -41.70
C LEU B 331 -16.93 -10.95 -42.37
N ASN B 332 -16.17 -9.91 -42.71
CA ASN B 332 -14.87 -10.07 -43.35
C ASN B 332 -13.81 -10.51 -42.36
N VAL B 333 -13.68 -9.80 -41.24
CA VAL B 333 -12.64 -10.17 -40.31
C VAL B 333 -12.89 -11.52 -39.63
N GLN B 334 -14.07 -12.11 -39.80
CA GLN B 334 -14.31 -13.51 -39.42
C GLN B 334 -13.97 -14.52 -40.55
N ASN B 335 -13.11 -14.08 -41.46
CA ASN B 335 -12.58 -14.91 -42.53
C ASN B 335 -11.10 -14.57 -42.73
N LYS B 336 -10.79 -13.26 -42.66
CA LYS B 336 -9.42 -12.77 -42.71
C LYS B 336 -8.78 -13.13 -41.40
N ASN B 337 -9.62 -13.60 -40.47
CA ASN B 337 -9.16 -14.23 -39.23
C ASN B 337 -9.88 -15.53 -38.82
N SER B 338 -10.70 -16.06 -39.72
CA SER B 338 -11.51 -17.28 -39.54
C SER B 338 -10.99 -18.31 -38.56
N SER B 339 -9.68 -18.46 -38.51
CA SER B 339 -9.03 -19.33 -37.57
C SER B 339 -9.35 -18.90 -36.14
N TYR B 340 -9.17 -17.62 -35.82
CA TYR B 340 -9.18 -17.14 -34.42
C TYR B 340 -10.53 -16.82 -33.78
N PHE B 341 -11.49 -17.67 -34.05
CA PHE B 341 -12.71 -17.67 -33.29
C PHE B 341 -13.13 -19.11 -33.14
N VAL B 342 -12.97 -19.63 -31.94
CA VAL B 342 -13.46 -20.93 -31.54
C VAL B 342 -14.67 -21.41 -32.38
N GLU B 343 -14.56 -22.57 -33.04
CA GLU B 343 -15.65 -23.06 -33.89
C GLU B 343 -16.78 -23.69 -33.12
N TRP B 344 -16.58 -23.92 -31.82
CA TRP B 344 -17.56 -24.65 -31.02
C TRP B 344 -18.68 -23.78 -30.41
N ILE B 345 -18.49 -22.49 -30.45
CA ILE B 345 -19.59 -21.59 -30.25
C ILE B 345 -19.86 -21.10 -31.65
N PRO B 346 -21.08 -21.27 -32.16
CA PRO B 346 -21.48 -20.76 -33.47
C PRO B 346 -21.38 -19.25 -33.51
N ASN B 347 -22.36 -18.60 -34.10
CA ASN B 347 -22.24 -17.17 -34.45
C ASN B 347 -21.84 -16.22 -33.29
N ASN B 348 -20.57 -16.32 -32.93
CA ASN B 348 -20.07 -15.77 -31.71
C ASN B 348 -19.56 -14.36 -31.83
N VAL B 349 -19.84 -13.72 -32.94
CA VAL B 349 -19.64 -12.28 -32.99
C VAL B 349 -20.97 -11.62 -33.33
N LYS B 350 -21.47 -10.76 -32.44
CA LYS B 350 -22.64 -9.94 -32.75
C LYS B 350 -22.18 -8.51 -32.72
N THR B 351 -22.74 -7.68 -33.60
CA THR B 351 -22.43 -6.25 -33.61
C THR B 351 -23.66 -5.40 -33.65
N ALA B 352 -23.54 -4.22 -33.06
CA ALA B 352 -24.61 -3.23 -33.07
C ALA B 352 -24.08 -1.84 -33.40
N VAL B 353 -25.03 -0.98 -33.80
CA VAL B 353 -24.76 0.34 -34.36
C VAL B 353 -25.61 1.39 -33.67
N CYS B 354 -24.98 2.46 -33.25
CA CYS B 354 -25.73 3.58 -32.74
C CYS B 354 -25.26 4.82 -33.45
N ASP B 355 -26.21 5.62 -33.89
CA ASP B 355 -25.92 6.70 -34.82
C ASP B 355 -25.82 8.04 -34.14
N ILE B 356 -25.20 8.10 -32.96
CA ILE B 356 -24.98 9.40 -32.31
C ILE B 356 -23.58 9.48 -31.69
N PRO B 357 -22.67 10.14 -32.41
CA PRO B 357 -21.22 10.11 -32.13
C PRO B 357 -20.83 10.55 -30.72
N PRO B 358 -19.57 10.28 -30.27
CA PRO B 358 -19.10 10.69 -28.93
C PRO B 358 -18.67 12.17 -28.85
N ARG B 359 -18.11 12.62 -27.73
CA ARG B 359 -17.50 13.96 -27.68
C ARG B 359 -16.52 14.01 -28.88
N GLY B 360 -16.59 15.07 -29.69
CA GLY B 360 -15.85 15.13 -30.96
C GLY B 360 -16.19 13.98 -31.91
N LEU B 361 -15.32 13.73 -32.89
CA LEU B 361 -15.35 12.52 -33.75
C LEU B 361 -16.64 12.23 -34.54
N LYS B 362 -16.51 12.14 -35.86
CA LYS B 362 -17.63 11.82 -36.76
C LYS B 362 -17.99 10.34 -36.73
N MET B 363 -16.96 9.49 -36.60
CA MET B 363 -17.11 8.03 -36.64
C MET B 363 -16.23 7.34 -35.58
N SER B 364 -16.84 6.44 -34.78
CA SER B 364 -16.14 5.68 -33.72
C SER B 364 -16.47 4.19 -33.81
N ALA B 365 -15.88 3.38 -32.93
CA ALA B 365 -16.29 1.98 -32.75
C ALA B 365 -15.55 1.40 -31.57
N THR B 366 -16.17 0.41 -30.94
CA THR B 366 -15.64 -0.16 -29.70
C THR B 366 -15.84 -1.68 -29.60
N PHE B 367 -14.92 -2.32 -28.91
CA PHE B 367 -14.72 -3.76 -29.00
C PHE B 367 -14.78 -4.37 -27.63
N ILE B 368 -15.63 -5.38 -27.45
CA ILE B 368 -15.70 -6.10 -26.19
C ILE B 368 -15.19 -7.52 -26.43
N GLY B 369 -14.19 -7.96 -25.67
CA GLY B 369 -13.54 -9.20 -26.02
C GLY B 369 -13.24 -10.28 -24.99
N ASN B 370 -14.06 -11.35 -24.99
CA ASN B 370 -13.75 -12.55 -24.21
C ASN B 370 -12.70 -13.42 -24.87
N SER B 371 -11.44 -13.01 -24.80
CA SER B 371 -10.35 -13.76 -25.44
C SER B 371 -9.51 -14.46 -24.39
N THR B 372 -9.08 -15.67 -24.69
CA THR B 372 -8.18 -16.39 -23.80
C THR B 372 -6.78 -15.81 -23.94
N ALA B 373 -6.64 -14.79 -24.75
CA ALA B 373 -5.41 -14.05 -24.81
C ALA B 373 -5.19 -13.42 -23.45
N ILE B 374 -6.30 -13.22 -22.74
CA ILE B 374 -6.32 -12.63 -21.42
C ILE B 374 -5.41 -13.39 -20.45
N GLN B 375 -5.31 -14.70 -20.63
CA GLN B 375 -4.44 -15.56 -19.85
C GLN B 375 -3.08 -14.92 -19.76
N GLU B 376 -2.70 -14.20 -20.81
CA GLU B 376 -1.39 -13.56 -20.91
C GLU B 376 -1.13 -12.58 -19.79
N LEU B 377 -2.19 -11.84 -19.45
CA LEU B 377 -2.14 -10.80 -18.43
C LEU B 377 -1.97 -11.44 -17.05
N PHE B 378 -2.93 -12.29 -16.67
CA PHE B 378 -2.93 -12.97 -15.38
C PHE B 378 -1.58 -13.62 -15.12
N LYS B 379 -1.14 -14.42 -16.09
CA LYS B 379 0.10 -15.18 -16.05
C LYS B 379 1.25 -14.26 -15.66
N ARG B 380 1.26 -13.06 -16.26
CA ARG B 380 2.36 -12.11 -16.08
C ARG B 380 2.35 -11.43 -14.70
N ILE B 381 1.19 -11.28 -14.07
CA ILE B 381 1.16 -10.79 -12.69
C ILE B 381 1.55 -11.90 -11.73
N SER B 382 0.98 -13.08 -11.93
CA SER B 382 1.25 -14.24 -11.10
C SER B 382 2.71 -14.66 -11.11
N GLU B 383 3.45 -14.10 -12.07
CA GLU B 383 4.86 -14.42 -12.31
C GLU B 383 5.85 -13.43 -11.66
N GLN B 384 5.36 -12.22 -11.32
CA GLN B 384 6.08 -11.32 -10.42
C GLN B 384 5.46 -11.43 -9.02
N PHE B 385 4.39 -12.23 -8.90
CA PHE B 385 3.81 -12.51 -7.59
C PHE B 385 4.52 -13.67 -6.92
N THR B 386 4.62 -14.80 -7.62
CA THR B 386 5.30 -16.00 -7.08
C THR B 386 6.81 -15.77 -7.02
N ALA B 387 7.23 -14.77 -7.77
CA ALA B 387 8.60 -14.24 -7.72
C ALA B 387 8.82 -13.37 -6.47
N MET B 388 7.75 -13.01 -5.77
CA MET B 388 7.82 -12.17 -4.58
C MET B 388 7.44 -12.98 -3.36
N PHE B 389 6.31 -13.67 -3.40
CA PHE B 389 5.89 -14.53 -2.31
C PHE B 389 6.93 -15.62 -2.08
N ARG B 390 7.79 -15.81 -3.09
CA ARG B 390 9.03 -16.58 -2.99
C ARG B 390 9.52 -16.68 -1.53
N ARG B 391 10.64 -16.00 -1.21
CA ARG B 391 11.18 -16.01 0.15
C ARG B 391 10.30 -15.17 1.10
N LYS B 392 9.00 -15.15 0.80
CA LYS B 392 7.99 -14.37 1.52
C LYS B 392 8.45 -12.95 1.72
N ALA B 393 8.28 -12.12 0.69
CA ALA B 393 8.75 -10.75 0.72
C ALA B 393 7.86 -9.90 1.57
N PHE B 394 7.61 -8.69 1.10
CA PHE B 394 7.00 -7.66 1.91
C PHE B 394 5.76 -8.12 2.69
N LEU B 395 5.41 -9.40 2.57
CA LEU B 395 4.23 -10.00 3.20
C LEU B 395 3.93 -9.57 4.63
N HIS B 396 4.95 -9.35 5.43
CA HIS B 396 4.81 -8.94 6.83
C HIS B 396 3.95 -7.69 7.00
N TRP B 397 3.72 -6.92 5.93
CA TRP B 397 2.78 -5.81 6.01
C TRP B 397 1.35 -6.32 6.09
N TYR B 398 1.10 -7.55 5.66
CA TYR B 398 -0.23 -8.13 5.70
C TYR B 398 -0.31 -9.11 6.85
N THR B 399 0.67 -10.00 6.95
CA THR B 399 0.78 -10.87 8.10
C THR B 399 0.29 -10.13 9.32
N GLY B 400 0.84 -8.94 9.51
CA GLY B 400 0.68 -8.17 10.72
C GLY B 400 -0.68 -7.59 10.91
N GLU B 401 -1.41 -7.37 9.84
CA GLU B 401 -2.71 -6.78 9.98
C GLU B 401 -3.76 -7.83 10.25
N GLY B 402 -3.32 -9.05 10.51
CA GLY B 402 -4.20 -10.14 10.89
C GLY B 402 -4.65 -11.05 9.75
N MET B 403 -3.85 -11.12 8.70
CA MET B 403 -4.17 -11.95 7.57
C MET B 403 -3.36 -13.23 7.65
N ASP B 404 -3.77 -14.24 6.92
CA ASP B 404 -3.09 -15.53 6.98
C ASP B 404 -1.97 -15.76 5.94
N GLU B 405 -0.91 -16.41 6.45
CA GLU B 405 0.27 -16.85 5.69
C GLU B 405 -0.16 -17.57 4.40
N MET B 406 -1.10 -18.51 4.53
CA MET B 406 -1.53 -19.40 3.45
C MET B 406 -2.66 -18.82 2.56
N GLU B 407 -3.30 -17.76 3.04
CA GLU B 407 -4.39 -17.13 2.30
C GLU B 407 -3.83 -16.60 1.02
N PHE B 408 -2.58 -16.17 1.08
CA PHE B 408 -1.84 -15.74 -0.09
C PHE B 408 -1.69 -16.91 -1.07
N THR B 409 -1.11 -18.03 -0.62
CA THR B 409 -0.94 -19.21 -1.50
C THR B 409 -2.33 -19.69 -1.97
N GLU B 410 -3.33 -19.48 -1.13
CA GLU B 410 -4.69 -19.88 -1.43
C GLU B 410 -5.36 -19.06 -2.54
N ALA B 411 -4.79 -17.90 -2.87
CA ALA B 411 -5.25 -17.06 -3.99
C ALA B 411 -4.41 -17.29 -5.24
N GLU B 412 -3.10 -17.26 -5.07
CA GLU B 412 -2.14 -17.80 -6.05
C GLU B 412 -2.81 -19.00 -6.68
N SER B 413 -2.92 -20.08 -5.90
CA SER B 413 -3.50 -21.35 -6.36
C SER B 413 -4.77 -21.19 -7.16
N ASN B 414 -5.67 -20.34 -6.65
CA ASN B 414 -6.96 -20.08 -7.30
C ASN B 414 -6.85 -19.35 -8.63
N MET B 415 -5.96 -18.36 -8.66
CA MET B 415 -5.68 -17.64 -9.88
C MET B 415 -4.95 -18.53 -10.87
N ASN B 416 -3.90 -19.17 -10.39
CA ASN B 416 -3.11 -20.11 -11.20
C ASN B 416 -4.01 -21.10 -11.94
N ASP B 417 -5.20 -21.34 -11.39
CA ASP B 417 -6.20 -22.21 -11.97
C ASP B 417 -6.71 -21.54 -13.22
N LEU B 418 -7.25 -20.34 -13.00
CA LEU B 418 -7.91 -19.52 -14.01
C LEU B 418 -7.04 -19.30 -15.24
N VAL B 419 -5.73 -19.30 -15.02
CA VAL B 419 -4.75 -19.35 -16.10
C VAL B 419 -4.99 -20.63 -16.91
N SER B 420 -4.94 -21.77 -16.20
CA SER B 420 -4.93 -23.09 -16.82
C SER B 420 -6.32 -23.58 -17.18
N GLU B 421 -7.23 -22.63 -17.35
CA GLU B 421 -8.59 -22.94 -17.76
C GLU B 421 -8.83 -22.24 -19.07
N TYR B 422 -8.20 -21.08 -19.21
CA TYR B 422 -8.17 -20.37 -20.46
C TYR B 422 -7.29 -21.12 -21.44
N GLN B 423 -6.23 -21.74 -20.89
CA GLN B 423 -5.36 -22.69 -21.60
C GLN B 423 -6.16 -23.91 -22.08
N GLN B 424 -6.94 -24.44 -21.13
CA GLN B 424 -7.82 -25.58 -21.33
C GLN B 424 -8.78 -25.33 -22.49
N TYR B 425 -9.21 -24.07 -22.69
CA TYR B 425 -10.05 -23.74 -23.82
C TYR B 425 -9.23 -23.16 -24.99
N GLN B 426 -8.55 -24.09 -25.64
CA GLN B 426 -8.01 -23.92 -26.98
C GLN B 426 -8.03 -25.37 -27.50
N ASP B 427 -9.24 -25.78 -27.88
CA ASP B 427 -9.68 -27.18 -27.88
C ASP B 427 -9.92 -27.83 -29.26
N ALA B 428 -11.18 -28.00 -29.67
CA ALA B 428 -11.52 -28.74 -30.91
C ALA B 428 -13.01 -28.70 -31.22
N ARG C 2 -1.62 11.91 8.51
CA ARG C 2 -1.94 13.33 8.88
C ARG C 2 -0.78 14.16 9.53
N GLU C 3 -0.65 14.16 10.87
CA GLU C 3 0.35 15.00 11.58
C GLU C 3 1.70 14.31 11.70
N CYS C 4 2.68 14.89 12.41
CA CYS C 4 4.02 14.28 12.51
C CYS C 4 5.03 14.80 13.55
N ILE C 5 5.12 14.14 14.71
CA ILE C 5 5.92 14.67 15.83
C ILE C 5 7.41 14.34 15.77
N SER C 6 8.26 15.35 15.92
CA SER C 6 9.70 15.11 16.01
C SER C 6 10.12 14.94 17.48
N ILE C 7 11.01 14.00 17.74
CA ILE C 7 11.70 13.90 19.03
C ILE C 7 13.22 13.91 18.81
N HIS C 8 13.92 14.80 19.52
CA HIS C 8 15.39 14.85 19.46
C HIS C 8 15.99 14.61 20.83
N VAL C 9 16.63 13.46 21.03
CA VAL C 9 17.27 13.19 22.30
C VAL C 9 18.75 13.11 22.10
N GLY C 10 19.45 13.81 22.96
CA GLY C 10 20.89 13.70 22.97
C GLY C 10 21.56 14.80 22.21
N GLN C 11 22.66 15.28 22.79
CA GLN C 11 23.45 16.38 22.26
C GLN C 11 23.54 16.37 20.74
N ALA C 12 23.81 15.20 20.16
CA ALA C 12 23.82 15.08 18.73
C ALA C 12 22.39 15.24 18.30
N GLY C 13 21.56 14.27 18.66
CA GLY C 13 20.15 14.32 18.32
C GLY C 13 19.67 15.75 18.23
N VAL C 14 19.90 16.51 19.29
CA VAL C 14 19.39 17.86 19.41
C VAL C 14 19.94 18.79 18.35
N GLN C 15 21.27 18.87 18.25
CA GLN C 15 21.90 19.80 17.33
C GLN C 15 21.50 19.51 15.88
N ILE C 16 21.46 18.22 15.51
CA ILE C 16 20.96 17.78 14.20
C ILE C 16 19.60 18.41 13.98
N GLY C 17 18.71 18.24 14.97
CA GLY C 17 17.38 18.81 14.92
C GLY C 17 17.43 20.30 14.70
N ASN C 18 17.92 21.01 15.72
CA ASN C 18 18.12 22.44 15.67
C ASN C 18 18.48 22.94 14.27
N ALA C 19 19.30 22.15 13.57
CA ALA C 19 19.87 22.56 12.28
C ALA C 19 19.21 21.93 11.07
N CYS C 20 18.14 21.16 11.28
CA CYS C 20 17.26 20.89 10.17
C CYS C 20 15.89 21.51 10.37
N TRP C 21 15.50 21.77 11.61
CA TRP C 21 14.33 22.61 11.84
C TRP C 21 14.58 23.95 11.21
N GLU C 22 15.74 24.54 11.51
CA GLU C 22 16.23 25.72 10.81
C GLU C 22 16.00 25.61 9.31
N LEU C 23 16.30 24.44 8.74
CA LEU C 23 16.21 24.28 7.31
C LEU C 23 14.78 24.13 6.89
N TYR C 24 13.97 23.51 7.75
CA TYR C 24 12.57 23.42 7.45
C TYR C 24 12.11 24.85 7.29
N CYS C 25 12.40 25.69 8.28
CA CYS C 25 11.97 27.08 8.27
C CYS C 25 12.30 27.87 7.00
N LEU C 26 13.55 27.87 6.58
CA LEU C 26 13.94 28.63 5.40
C LEU C 26 13.25 28.11 4.16
N GLU C 27 13.00 26.80 4.15
CA GLU C 27 12.27 26.12 3.07
C GLU C 27 10.77 26.47 3.07
N HIS C 28 10.21 26.82 4.22
CA HIS C 28 8.79 27.17 4.34
C HIS C 28 8.56 28.68 4.56
N GLY C 29 9.63 29.48 4.46
CA GLY C 29 9.59 30.92 4.61
C GLY C 29 9.01 31.41 5.94
N ILE C 30 9.41 30.75 7.02
CA ILE C 30 8.97 31.11 8.36
C ILE C 30 10.10 31.93 8.97
N GLN C 31 9.83 33.19 9.29
CA GLN C 31 10.80 33.97 10.04
C GLN C 31 10.90 33.38 11.45
N PRO C 32 12.13 33.17 11.89
CA PRO C 32 12.43 32.80 13.28
C PRO C 32 11.36 33.28 14.28
N ASP C 33 10.91 34.53 14.15
CA ASP C 33 9.80 35.07 14.94
C ASP C 33 8.45 34.38 14.67
N GLY C 34 8.51 33.06 14.41
CA GLY C 34 7.34 32.20 14.22
C GLY C 34 6.39 32.50 13.07
N GLN C 35 6.14 33.80 12.81
CA GLN C 35 5.16 34.23 11.81
C GLN C 35 5.63 34.06 10.36
N MET C 36 4.70 33.68 9.48
CA MET C 36 4.92 33.58 8.03
C MET C 36 3.93 34.47 7.28
N PRO C 37 4.39 35.52 6.60
CA PRO C 37 3.52 36.26 5.69
C PRO C 37 3.36 35.46 4.38
N SER C 38 3.78 34.19 4.42
CA SER C 38 3.80 33.22 3.29
C SER C 38 2.60 32.27 3.30
N ASP C 39 1.61 32.60 2.46
CA ASP C 39 0.31 31.93 2.41
C ASP C 39 -0.58 32.11 3.67
N LYS C 40 -0.02 31.79 4.86
CA LYS C 40 -0.65 31.98 6.18
C LYS C 40 -0.91 30.68 6.96
N THR C 41 -2.18 30.48 7.34
CA THR C 41 -2.76 29.30 8.03
C THR C 41 -4.18 29.61 8.59
N ILE C 42 -4.71 28.63 9.33
CA ILE C 42 -5.90 28.78 10.19
C ILE C 42 -5.95 27.54 11.11
N GLY C 43 -6.21 27.77 12.40
CA GLY C 43 -6.37 26.71 13.41
C GLY C 43 -7.07 27.29 14.64
N ASP C 47 -3.83 23.23 6.07
CA ASP C 47 -3.14 22.07 5.51
C ASP C 47 -1.83 22.41 4.75
N SER C 48 -1.20 21.38 4.17
CA SER C 48 0.09 21.42 3.41
C SER C 48 1.40 21.24 4.25
N PHE C 49 1.93 22.33 4.80
CA PHE C 49 3.09 22.26 5.68
C PHE C 49 2.68 22.07 7.14
N ASN C 50 1.37 21.98 7.34
CA ASN C 50 0.78 21.64 8.62
C ASN C 50 1.22 20.29 9.17
N THR C 51 1.79 19.47 8.29
CA THR C 51 2.25 18.14 8.65
C THR C 51 3.17 18.20 9.87
N PHE C 52 3.98 19.25 9.92
CA PHE C 52 5.10 19.36 10.87
C PHE C 52 4.97 20.47 11.91
N PHE C 53 4.17 21.48 11.60
CA PHE C 53 3.94 22.62 12.49
C PHE C 53 2.48 22.69 12.96
N SER C 54 2.27 23.21 14.18
CA SER C 54 0.94 23.62 14.66
C SER C 54 0.76 25.16 14.65
N GLU C 55 -0.35 25.61 14.07
CA GLU C 55 -0.65 27.03 13.93
C GLU C 55 -1.13 27.53 15.27
N THR C 56 -0.19 27.89 16.13
CA THR C 56 -0.51 28.31 17.50
C THR C 56 -0.87 29.80 17.62
N GLY C 57 -1.83 30.11 18.49
CA GLY C 57 -2.29 31.46 18.71
C GLY C 57 -2.70 32.08 17.40
N ALA C 58 -2.55 33.40 17.29
CA ALA C 58 -2.79 34.09 16.02
C ALA C 58 -1.58 34.94 15.60
N GLY C 59 -0.60 34.29 14.97
CA GLY C 59 0.57 34.96 14.47
C GLY C 59 1.64 33.92 14.23
N LYS C 60 1.77 33.01 15.19
CA LYS C 60 2.90 32.05 15.32
C LYS C 60 2.80 30.75 14.47
N HIS C 61 3.79 29.86 14.58
CA HIS C 61 3.90 28.66 13.74
C HIS C 61 4.66 27.49 14.35
N VAL C 62 4.65 27.33 15.68
CA VAL C 62 5.48 26.33 16.41
C VAL C 62 5.68 24.93 15.77
N PRO C 63 6.93 24.40 15.77
CA PRO C 63 7.18 23.00 15.37
C PRO C 63 6.49 22.00 16.28
N ARG C 64 6.18 20.84 15.72
CA ARG C 64 5.69 19.78 16.55
C ARG C 64 6.90 18.96 16.94
N ALA C 65 7.55 19.41 18.00
CA ALA C 65 8.83 18.85 18.36
C ALA C 65 9.04 18.82 19.86
N VAL C 66 9.76 17.82 20.34
CA VAL C 66 10.29 17.86 21.70
C VAL C 66 11.80 17.62 21.69
N PHE C 67 12.49 18.34 22.55
CA PHE C 67 13.92 18.23 22.59
C PHE C 67 14.29 17.75 23.97
N VAL C 68 14.94 16.59 24.09
CA VAL C 68 15.37 16.14 25.41
C VAL C 68 16.87 15.97 25.53
N ASP C 69 17.43 16.38 26.65
CA ASP C 69 18.83 16.15 26.92
C ASP C 69 18.95 15.98 28.41
N LEU C 70 19.93 15.21 28.89
CA LEU C 70 20.07 15.07 30.34
C LEU C 70 21.02 16.06 31.03
N GLU C 71 21.73 16.86 30.22
CA GLU C 71 22.42 18.08 30.65
C GLU C 71 21.63 19.26 30.11
N PRO C 72 21.71 20.44 30.71
CA PRO C 72 21.22 21.63 30.02
C PRO C 72 22.10 21.94 28.83
N THR C 73 23.29 22.52 29.05
CA THR C 73 24.19 22.97 27.99
C THR C 73 23.61 23.15 26.60
N VAL C 74 23.27 22.04 25.92
CA VAL C 74 22.82 22.07 24.51
C VAL C 74 21.40 22.61 24.27
N ILE C 75 20.47 22.24 25.13
CA ILE C 75 19.10 22.71 25.05
C ILE C 75 19.07 24.19 25.35
N ASP C 76 20.04 24.64 26.16
CA ASP C 76 20.11 26.04 26.58
C ASP C 76 20.49 26.95 25.42
N GLU C 77 21.27 26.40 24.48
CA GLU C 77 21.70 27.13 23.27
C GLU C 77 20.52 27.49 22.40
N VAL C 78 19.52 26.61 22.43
CA VAL C 78 18.32 26.77 21.64
C VAL C 78 17.48 27.93 22.17
N ARG C 79 17.22 27.94 23.47
CA ARG C 79 16.52 29.08 24.06
C ARG C 79 17.48 30.24 24.31
N THR C 80 18.57 30.30 23.54
CA THR C 80 19.54 31.41 23.60
C THR C 80 19.59 32.26 22.31
N GLY C 81 19.90 31.63 21.17
CA GLY C 81 20.02 32.32 19.88
C GLY C 81 18.80 32.10 19.00
N THR C 82 18.37 33.17 18.32
CA THR C 82 17.06 33.21 17.69
C THR C 82 16.65 31.88 17.09
N TYR C 83 15.33 31.68 17.09
CA TYR C 83 14.66 30.39 17.12
C TYR C 83 14.25 30.23 18.55
N ARG C 84 15.00 30.89 19.44
CA ARG C 84 14.58 31.12 20.80
C ARG C 84 13.07 31.34 20.79
N GLN C 85 12.58 32.08 19.80
CA GLN C 85 11.18 32.47 19.73
C GLN C 85 10.30 31.42 19.11
N LEU C 86 10.93 30.51 18.37
CA LEU C 86 10.21 29.56 17.51
C LEU C 86 9.44 28.50 18.29
N PHE C 87 10.17 27.78 19.13
CA PHE C 87 9.60 26.71 19.94
C PHE C 87 8.82 27.29 21.09
N HIS C 88 8.19 26.43 21.86
CA HIS C 88 7.53 26.83 23.08
C HIS C 88 8.32 26.37 24.29
N PRO C 89 8.54 27.24 25.27
CA PRO C 89 9.36 26.92 26.45
C PRO C 89 9.19 25.51 27.02
N GLU C 90 7.99 24.91 26.92
CA GLU C 90 7.72 23.55 27.41
C GLU C 90 8.33 22.42 26.58
N GLN C 91 8.54 22.67 25.29
CA GLN C 91 8.86 21.61 24.33
C GLN C 91 10.28 21.14 24.46
N LEU C 92 11.06 21.90 25.23
CA LEU C 92 12.47 21.62 25.47
C LEU C 92 12.74 21.10 26.87
N ILE C 93 13.10 19.82 26.99
CA ILE C 93 13.32 19.23 28.30
C ILE C 93 14.81 19.02 28.60
N THR C 94 15.19 19.34 29.85
CA THR C 94 16.57 19.30 30.31
C THR C 94 16.68 18.69 31.74
N GLY C 95 17.72 17.89 31.97
CA GLY C 95 17.81 17.03 33.15
C GLY C 95 18.88 17.17 34.25
N LYS C 96 19.56 18.33 34.30
CA LYS C 96 20.48 18.68 35.40
C LYS C 96 21.81 17.88 35.55
N GLU C 97 21.69 16.56 35.64
CA GLU C 97 22.88 15.71 35.65
C GLU C 97 22.97 14.90 34.37
N ASP C 98 24.21 14.73 33.94
CA ASP C 98 24.54 14.06 32.70
C ASP C 98 24.22 12.55 32.58
N ALA C 99 24.38 12.04 31.36
CA ALA C 99 24.21 10.63 31.05
C ALA C 99 25.51 9.89 31.29
N ALA C 100 26.60 10.62 31.10
CA ALA C 100 27.97 10.14 31.33
C ALA C 100 28.43 9.00 30.43
N ASN C 101 28.08 9.10 29.16
CA ASN C 101 28.63 8.22 28.15
C ASN C 101 28.33 6.74 28.29
N ASN C 102 27.25 6.42 29.01
CA ASN C 102 26.81 5.02 29.11
C ASN C 102 25.32 4.70 29.17
N TYR C 103 24.96 3.73 28.33
CA TYR C 103 23.61 3.28 28.13
C TYR C 103 23.08 3.04 29.50
N ALA C 104 23.69 2.12 30.22
CA ALA C 104 23.24 1.83 31.55
C ALA C 104 22.67 3.06 32.22
N ARG C 105 23.43 4.15 32.23
CA ARG C 105 23.01 5.31 32.99
C ARG C 105 21.72 5.88 32.43
N GLY C 106 21.79 6.24 31.15
CA GLY C 106 20.66 6.82 30.43
C GLY C 106 19.38 6.04 30.61
N HIS C 107 19.42 4.73 30.32
CA HIS C 107 18.26 3.83 30.38
C HIS C 107 17.66 3.57 31.78
N TYR C 108 18.54 3.34 32.77
CA TYR C 108 18.08 2.85 34.06
C TYR C 108 18.15 3.88 35.16
N THR C 109 19.27 4.59 35.22
CA THR C 109 19.60 5.33 36.43
C THR C 109 19.26 6.80 36.41
N ILE C 110 19.93 7.56 35.56
CA ILE C 110 19.54 8.95 35.40
C ILE C 110 18.33 9.15 34.42
N GLY C 111 17.95 8.11 33.68
CA GLY C 111 16.79 8.18 32.79
C GLY C 111 15.48 7.91 33.48
N LYS C 112 15.46 6.86 34.29
CA LYS C 112 14.29 6.47 35.05
C LYS C 112 13.45 7.66 35.46
N GLU C 113 14.12 8.78 35.72
CA GLU C 113 13.51 9.95 36.37
C GLU C 113 12.77 10.88 35.45
N ILE C 114 13.38 11.16 34.31
CA ILE C 114 12.89 12.21 33.42
C ILE C 114 11.82 11.70 32.43
N ILE C 115 11.81 10.38 32.20
CA ILE C 115 10.97 9.74 31.17
C ILE C 115 9.47 10.02 31.28
N ASP C 116 9.00 10.14 32.50
CA ASP C 116 7.60 10.36 32.74
C ASP C 116 7.24 11.75 32.25
N LEU C 117 8.12 12.71 32.46
CA LEU C 117 7.86 14.08 32.07
C LEU C 117 7.93 14.28 30.57
N VAL C 118 8.79 13.52 29.91
CA VAL C 118 8.98 13.69 28.48
C VAL C 118 7.81 13.08 27.76
N LEU C 119 7.42 11.89 28.21
CA LEU C 119 6.34 11.11 27.63
C LEU C 119 4.99 11.79 27.73
N ASP C 120 4.85 12.53 28.84
CA ASP C 120 3.75 13.43 29.04
C ASP C 120 3.81 14.51 27.97
N ARG C 121 4.82 15.38 28.03
CA ARG C 121 4.90 16.52 27.09
C ARG C 121 4.60 16.15 25.62
N ILE C 122 5.03 14.95 25.23
CA ILE C 122 4.82 14.40 23.89
C ILE C 122 3.34 14.30 23.65
N ARG C 123 2.65 13.67 24.61
CA ARG C 123 1.20 13.57 24.58
C ARG C 123 0.44 14.89 24.44
N LYS C 124 0.87 15.91 25.18
CA LYS C 124 0.40 17.27 24.99
C LYS C 124 0.37 17.65 23.52
N LEU C 125 1.40 17.27 22.78
CA LEU C 125 1.52 17.64 21.38
C LEU C 125 0.64 16.76 20.52
N ALA C 126 0.65 15.48 20.85
CA ALA C 126 -0.23 14.52 20.21
C ALA C 126 -1.70 14.88 20.43
N ASP C 127 -1.96 15.59 21.53
CA ASP C 127 -3.30 15.98 21.91
C ASP C 127 -3.94 16.93 20.91
N GLN C 128 -3.15 17.80 20.27
CA GLN C 128 -3.71 18.68 19.25
C GLN C 128 -3.33 18.20 17.85
N CYS C 129 -3.79 16.98 17.55
CA CYS C 129 -3.57 16.32 16.28
C CYS C 129 -4.73 15.42 15.86
N THR C 130 -5.53 15.86 14.89
CA THR C 130 -6.66 15.04 14.46
C THR C 130 -6.16 14.01 13.48
N GLY C 131 -5.47 13.01 14.03
CA GLY C 131 -4.91 11.91 13.25
C GLY C 131 -3.39 11.79 13.16
N LEU C 132 -2.70 12.07 14.26
CA LEU C 132 -1.24 12.03 14.28
C LEU C 132 -0.73 10.74 13.67
N GLN C 133 0.36 10.85 12.93
CA GLN C 133 0.87 9.72 12.17
C GLN C 133 1.93 8.95 12.91
N GLY C 134 3.08 9.57 13.09
CA GLY C 134 4.21 8.89 13.70
C GLY C 134 5.18 9.74 14.49
N PHE C 135 6.33 9.14 14.76
CA PHE C 135 7.37 9.83 15.45
C PHE C 135 8.67 9.72 14.69
N LEU C 136 9.34 10.85 14.54
CA LEU C 136 10.68 10.87 13.99
C LEU C 136 11.63 11.06 15.12
N VAL C 137 12.37 10.02 15.47
CA VAL C 137 13.23 10.06 16.63
C VAL C 137 14.64 10.29 16.14
N PHE C 138 15.24 11.42 16.50
CA PHE C 138 16.63 11.67 16.15
C PHE C 138 17.48 11.42 17.39
N HIS C 139 18.57 10.63 17.26
CA HIS C 139 19.48 10.33 18.39
C HIS C 139 20.85 9.87 17.98
N SER C 140 21.83 10.04 18.87
CA SER C 140 23.20 9.50 18.70
C SER C 140 23.28 7.99 18.96
N PHE C 141 24.13 7.30 18.20
CA PHE C 141 24.20 5.84 18.26
C PHE C 141 25.02 5.43 19.46
N GLY C 142 26.30 5.80 19.43
CA GLY C 142 27.07 5.76 20.64
C GLY C 142 26.71 7.03 21.39
N GLY C 143 27.27 7.18 22.59
CA GLY C 143 26.96 8.34 23.40
C GLY C 143 25.83 8.07 24.37
N GLY C 144 25.85 8.82 25.49
CA GLY C 144 25.16 8.49 26.73
C GLY C 144 23.65 8.42 26.66
N THR C 145 22.99 9.57 26.60
CA THR C 145 21.54 9.55 26.64
C THR C 145 21.01 9.12 25.27
N GLY C 146 21.75 9.44 24.21
CA GLY C 146 21.35 9.05 22.86
C GLY C 146 21.09 7.56 22.68
N SER C 147 21.94 6.72 23.26
CA SER C 147 21.69 5.28 23.27
C SER C 147 20.63 4.91 24.31
N GLY C 148 20.95 5.14 25.60
CA GLY C 148 20.15 4.72 26.75
C GLY C 148 18.73 5.26 26.94
N PHE C 149 18.59 6.57 26.89
CA PHE C 149 17.27 7.20 27.02
C PHE C 149 16.42 7.01 25.79
N THR C 150 16.98 7.20 24.61
CA THR C 150 16.28 6.90 23.36
C THR C 150 15.66 5.51 23.37
N SER C 151 16.44 4.52 23.77
CA SER C 151 15.95 3.17 23.96
C SER C 151 14.69 3.16 24.87
N LEU C 152 14.86 3.43 26.17
CA LEU C 152 13.74 3.57 27.08
C LEU C 152 12.54 4.32 26.51
N LEU C 153 12.78 5.35 25.69
CA LEU C 153 11.68 6.10 25.09
C LEU C 153 10.88 5.21 24.15
N MET C 154 11.59 4.65 23.16
CA MET C 154 10.94 3.84 22.14
C MET C 154 10.13 2.68 22.71
N GLU C 155 10.61 2.07 23.80
CA GLU C 155 9.88 0.98 24.43
C GLU C 155 8.55 1.55 24.80
N ARG C 156 8.59 2.66 25.53
CA ARG C 156 7.42 3.29 26.13
C ARG C 156 6.46 3.91 25.12
N LEU C 157 7.05 4.48 24.08
CA LEU C 157 6.30 5.04 22.98
C LEU C 157 5.57 3.91 22.33
N SER C 158 6.27 2.79 22.16
CA SER C 158 5.70 1.58 21.60
C SER C 158 4.51 1.13 22.43
N VAL C 159 4.47 1.49 23.71
CA VAL C 159 3.33 1.09 24.53
C VAL C 159 2.21 2.09 24.54
N ASP C 160 2.54 3.38 24.67
CA ASP C 160 1.50 4.41 24.67
C ASP C 160 0.96 4.74 23.26
N TYR C 161 1.62 4.22 22.21
CA TYR C 161 1.21 4.44 20.81
C TYR C 161 1.25 3.18 19.89
N GLY C 162 0.13 2.45 19.83
CA GLY C 162 0.05 1.13 19.21
C GLY C 162 0.71 0.87 17.85
N LYS C 163 -0.05 1.17 16.78
CA LYS C 163 0.41 1.09 15.38
C LYS C 163 1.55 2.13 15.22
N LYS C 164 1.10 3.39 15.03
CA LYS C 164 1.91 4.62 14.97
C LYS C 164 3.42 4.36 14.81
N SER C 165 3.85 4.43 13.54
CA SER C 165 5.20 4.11 13.17
C SER C 165 6.18 4.98 13.90
N LYS C 166 7.40 4.48 13.95
CA LYS C 166 8.51 5.20 14.50
C LYS C 166 9.63 5.11 13.49
N LEU C 167 10.22 6.25 13.20
CA LEU C 167 11.27 6.33 12.23
C LEU C 167 12.46 6.91 12.94
N GLU C 168 13.54 6.15 13.03
CA GLU C 168 14.72 6.69 13.70
C GLU C 168 15.85 7.13 12.73
N PHE C 169 16.50 8.23 13.09
CA PHE C 169 17.63 8.78 12.34
C PHE C 169 18.88 8.67 13.23
N SER C 170 19.58 7.53 13.18
CA SER C 170 20.75 7.31 14.05
C SER C 170 22.08 7.96 13.54
N ILE C 171 22.99 8.32 14.44
CA ILE C 171 24.28 8.84 14.05
C ILE C 171 25.37 7.88 14.49
N TYR C 172 25.68 7.00 13.55
CA TYR C 172 26.68 5.95 13.67
C TYR C 172 28.07 6.55 13.83
N PRO C 173 28.73 6.14 14.91
CA PRO C 173 29.82 6.92 15.51
C PRO C 173 31.13 6.73 14.77
N ALA C 174 31.93 7.77 14.64
CA ALA C 174 33.14 7.59 13.86
C ALA C 174 34.42 7.91 14.59
N PRO C 175 35.40 7.01 14.52
CA PRO C 175 36.71 7.21 15.14
C PRO C 175 37.09 8.69 15.29
N GLN C 176 37.32 9.37 14.16
CA GLN C 176 37.86 10.76 14.12
C GLN C 176 37.00 11.82 14.84
N VAL C 177 35.68 11.81 14.64
CA VAL C 177 34.79 12.74 15.37
C VAL C 177 33.88 12.03 16.40
N SER C 178 34.49 11.73 17.54
CA SER C 178 33.85 10.97 18.61
C SER C 178 34.16 11.56 19.98
N THR C 179 33.31 11.20 20.94
CA THR C 179 33.47 11.58 22.33
C THR C 179 34.13 10.47 23.11
N ALA C 180 33.55 9.26 23.02
CA ALA C 180 33.77 8.20 24.00
C ALA C 180 34.37 6.90 23.48
N VAL C 181 35.06 6.25 24.39
CA VAL C 181 35.83 5.07 24.11
C VAL C 181 34.86 3.94 24.19
N VAL C 182 33.84 4.13 25.02
CA VAL C 182 32.87 3.08 25.31
C VAL C 182 31.70 3.07 24.30
N GLU C 183 31.79 3.99 23.35
CA GLU C 183 30.86 4.09 22.22
C GLU C 183 30.33 2.79 21.63
N PRO C 184 31.20 1.95 21.08
CA PRO C 184 30.75 0.65 20.60
C PRO C 184 29.76 -0.01 21.54
N TYR C 185 30.07 -0.10 22.82
CA TYR C 185 29.15 -0.75 23.76
C TYR C 185 27.74 -0.20 23.61
N ASN C 186 27.59 1.10 23.87
CA ASN C 186 26.30 1.77 23.80
C ASN C 186 25.61 1.44 22.50
N SER C 187 26.31 1.64 21.37
CA SER C 187 25.72 1.41 20.05
C SER C 187 25.07 0.05 19.95
N ILE C 188 25.82 -0.99 20.27
CA ILE C 188 25.34 -2.35 20.17
C ILE C 188 24.34 -2.67 21.27
N LEU C 189 24.47 -1.98 22.40
CA LEU C 189 23.52 -2.15 23.48
C LEU C 189 22.14 -1.67 23.06
N THR C 190 22.04 -0.40 22.63
CA THR C 190 20.75 0.26 22.24
C THR C 190 20.07 -0.42 21.05
N THR C 191 20.71 -0.26 19.90
CA THR C 191 20.37 -0.94 18.66
C THR C 191 19.64 -2.29 18.90
N HIS C 192 19.97 -2.99 19.98
CA HIS C 192 19.34 -4.26 20.28
C HIS C 192 17.94 -4.14 20.89
N THR C 193 17.83 -3.36 21.97
CA THR C 193 16.52 -3.06 22.56
C THR C 193 15.71 -2.32 21.54
N THR C 194 16.41 -1.46 20.81
CA THR C 194 15.83 -0.39 20.02
C THR C 194 15.16 -0.90 18.75
N LEU C 195 15.69 -2.02 18.25
CA LEU C 195 15.40 -2.48 16.91
C LEU C 195 14.00 -3.05 16.76
N GLU C 196 13.44 -3.63 17.81
CA GLU C 196 12.11 -4.20 17.62
C GLU C 196 10.97 -3.29 18.05
N HIS C 197 11.29 -2.02 18.27
CA HIS C 197 10.29 -0.99 18.62
C HIS C 197 10.23 0.14 17.58
N SER C 198 11.07 -0.02 16.54
CA SER C 198 11.22 0.94 15.46
C SER C 198 10.73 0.31 14.15
N ASP C 199 10.34 1.14 13.19
CA ASP C 199 9.80 0.65 11.93
C ASP C 199 10.83 0.74 10.79
N CYS C 200 11.35 1.93 10.49
CA CYS C 200 12.44 2.05 9.53
C CYS C 200 13.45 3.05 10.03
N ALA C 201 14.72 2.77 9.79
CA ALA C 201 15.80 3.50 10.45
C ALA C 201 16.93 3.99 9.56
N PHE C 202 17.06 5.30 9.48
CA PHE C 202 18.06 5.90 8.64
C PHE C 202 19.37 6.08 9.37
N MET C 203 20.35 5.27 9.03
CA MET C 203 21.64 5.46 9.65
C MET C 203 22.38 6.57 8.97
N VAL C 204 23.21 7.27 9.74
CA VAL C 204 24.09 8.33 9.22
C VAL C 204 25.46 8.13 9.79
N ASP C 205 26.39 7.77 8.94
CA ASP C 205 27.74 7.54 9.39
C ASP C 205 28.41 8.88 9.48
N ASN C 206 28.84 9.24 10.70
CA ASN C 206 29.51 10.50 10.88
C ASN C 206 30.74 10.61 9.99
N GLU C 207 31.55 9.55 9.97
CA GLU C 207 32.71 9.48 9.09
C GLU C 207 32.31 9.92 7.70
N ALA C 208 31.36 9.20 7.10
CA ALA C 208 30.87 9.47 5.75
C ALA C 208 30.63 10.95 5.48
N ILE C 209 29.90 11.60 6.39
CA ILE C 209 29.55 13.01 6.28
C ILE C 209 30.78 13.88 6.36
N TYR C 210 31.67 13.52 7.29
CA TYR C 210 32.93 14.22 7.47
C TYR C 210 33.75 14.05 6.21
N ASP C 211 33.62 12.91 5.56
CA ASP C 211 34.33 12.65 4.30
C ASP C 211 33.83 13.58 3.20
N ILE C 212 32.50 13.66 3.06
CA ILE C 212 31.86 14.51 2.05
C ILE C 212 32.29 15.97 2.19
N CYS C 213 32.33 16.42 3.43
CA CYS C 213 32.75 17.78 3.75
C CYS C 213 34.22 18.06 3.44
N ARG C 214 34.97 17.02 3.08
CA ARG C 214 36.40 17.17 2.88
C ARG C 214 36.72 17.06 1.42
N ARG C 215 36.00 16.19 0.72
CA ARG C 215 36.17 16.07 -0.72
C ARG C 215 35.38 17.17 -1.42
N ASN C 216 34.12 17.30 -1.05
CA ASN C 216 33.20 18.09 -1.86
C ASN C 216 33.01 19.51 -1.35
N LEU C 217 33.15 19.68 -0.04
CA LEU C 217 32.95 20.98 0.56
C LEU C 217 34.23 21.75 0.83
N ASP C 218 35.35 21.05 0.88
CA ASP C 218 36.65 21.70 0.92
C ASP C 218 36.98 22.28 2.30
N ILE C 219 36.27 21.83 3.34
CA ILE C 219 36.49 22.34 4.70
C ILE C 219 37.60 21.56 5.38
N GLU C 220 38.75 22.20 5.56
CA GLU C 220 39.94 21.51 6.06
C GLU C 220 39.68 20.53 7.20
N ARG C 221 39.11 21.01 8.33
CA ARG C 221 38.72 20.15 9.47
C ARG C 221 37.34 20.52 10.00
N PRO C 222 36.31 19.83 9.51
CA PRO C 222 34.90 20.26 9.64
C PRO C 222 34.31 20.19 11.04
N THR C 223 33.46 21.16 11.36
CA THR C 223 32.81 21.30 12.65
C THR C 223 31.73 20.27 12.82
N TYR C 224 31.15 20.26 14.01
CA TYR C 224 29.88 19.62 14.22
C TYR C 224 28.84 20.37 13.37
N THR C 225 28.74 21.69 13.58
CA THR C 225 27.72 22.47 12.89
C THR C 225 28.02 22.54 11.38
N ASN C 226 29.20 22.04 10.98
CA ASN C 226 29.51 21.79 9.57
C ASN C 226 28.76 20.54 9.08
N LEU C 227 29.00 19.42 9.76
CA LEU C 227 28.36 18.16 9.45
C LEU C 227 26.87 18.28 9.56
N ASN C 228 26.42 18.90 10.64
CA ASN C 228 24.99 19.01 10.93
C ASN C 228 24.19 19.56 9.77
N ARG C 229 24.72 20.62 9.14
CA ARG C 229 24.06 21.28 8.00
C ARG C 229 23.79 20.30 6.87
N LEU C 230 24.77 19.43 6.64
CA LEU C 230 24.71 18.41 5.59
C LEU C 230 23.67 17.36 5.93
N ILE C 231 23.67 16.89 7.16
CA ILE C 231 22.63 15.98 7.60
C ILE C 231 21.26 16.66 7.37
N GLY C 232 21.13 17.88 7.90
CA GLY C 232 19.93 18.68 7.68
C GLY C 232 19.32 18.44 6.32
N GLN C 233 20.07 18.80 5.29
CA GLN C 233 19.66 18.61 3.90
C GLN C 233 19.08 17.23 3.65
N ILE C 234 19.81 16.17 3.98
CA ILE C 234 19.41 14.82 3.60
C ILE C 234 18.06 14.48 4.23
N VAL C 235 17.97 14.75 5.52
CA VAL C 235 16.75 14.59 6.31
C VAL C 235 15.60 15.38 5.74
N SER C 236 15.92 16.62 5.37
CA SER C 236 14.96 17.54 4.77
C SER C 236 14.45 17.02 3.45
N SER C 237 15.29 16.24 2.78
CA SER C 237 14.93 15.68 1.49
C SER C 237 14.08 14.43 1.66
N ILE C 238 14.24 13.78 2.81
CA ILE C 238 13.46 12.59 3.14
C ILE C 238 12.09 12.98 3.67
N THR C 239 12.06 13.94 4.59
CA THR C 239 10.78 14.48 5.08
C THR C 239 10.00 15.22 4.01
N ALA C 240 10.72 15.81 3.05
CA ALA C 240 10.13 16.59 1.96
C ALA C 240 8.82 15.99 1.47
N SER C 241 8.85 14.68 1.18
CA SER C 241 7.71 13.96 0.59
C SER C 241 6.34 14.39 1.15
N LEU C 242 6.27 14.47 2.49
CA LEU C 242 5.06 14.79 3.23
C LEU C 242 5.13 16.11 4.00
N ARG C 243 5.45 17.19 3.31
CA ARG C 243 5.46 18.54 3.89
C ARG C 243 4.85 19.55 2.90
N PHE C 244 4.78 19.14 1.63
CA PHE C 244 4.08 19.89 0.57
C PHE C 244 2.97 19.04 -0.05
N ASP C 245 3.10 17.72 0.11
CA ASP C 245 2.40 16.68 -0.65
C ASP C 245 2.97 16.69 -2.09
N GLY C 246 3.81 15.69 -2.38
CA GLY C 246 4.45 15.55 -3.69
C GLY C 246 4.45 14.17 -4.36
N ALA C 247 3.78 14.09 -5.54
CA ALA C 247 3.56 12.89 -6.42
C ALA C 247 3.69 11.44 -5.85
N LEU C 248 4.89 11.08 -5.34
CA LEU C 248 5.16 9.79 -4.64
C LEU C 248 5.82 9.90 -3.24
N ASN C 249 5.49 8.92 -2.37
CA ASN C 249 5.98 8.77 -0.98
C ASN C 249 5.05 9.39 0.10
N VAL C 250 3.74 9.46 -0.20
CA VAL C 250 2.74 10.44 0.31
C VAL C 250 2.19 10.39 1.78
N ASP C 251 2.46 9.26 2.49
CA ASP C 251 2.22 9.07 3.93
C ASP C 251 3.30 8.15 4.55
N LEU C 252 3.21 7.85 5.85
CA LEU C 252 4.31 7.21 6.62
C LEU C 252 4.42 5.68 6.54
N THR C 253 3.28 4.99 6.40
CA THR C 253 3.29 3.57 6.07
C THR C 253 3.75 3.42 4.60
N GLU C 254 2.96 4.02 3.70
CA GLU C 254 3.17 3.97 2.24
C GLU C 254 4.58 4.37 1.77
N PHE C 255 5.20 5.28 2.51
CA PHE C 255 6.51 5.78 2.19
C PHE C 255 7.51 4.64 2.41
N GLN C 256 7.25 3.82 3.44
CA GLN C 256 8.17 2.73 3.88
C GLN C 256 7.72 1.28 3.52
N THR C 257 6.40 1.07 3.45
CA THR C 257 5.81 -0.06 2.74
C THR C 257 6.74 -0.35 1.58
N ASN C 258 7.34 0.72 1.06
CA ASN C 258 8.30 0.70 -0.02
C ASN C 258 9.63 0.06 0.35
N LEU C 259 10.20 0.48 1.48
CA LEU C 259 11.60 0.19 1.77
C LEU C 259 11.91 -1.11 2.48
N VAL C 260 11.27 -1.35 3.61
CA VAL C 260 11.62 -2.51 4.41
C VAL C 260 10.84 -3.72 3.99
N PRO C 261 11.54 -4.74 3.59
CA PRO C 261 10.90 -5.99 3.20
C PRO C 261 10.72 -6.95 4.37
N TYR C 262 11.44 -6.76 5.46
CA TYR C 262 11.38 -7.73 6.58
C TYR C 262 11.50 -7.09 7.97
N PRO C 263 10.81 -7.64 8.98
CA PRO C 263 10.49 -6.87 10.18
C PRO C 263 11.80 -6.32 10.70
N ARG C 264 12.87 -7.10 10.58
CA ARG C 264 14.21 -6.65 10.92
C ARG C 264 14.72 -5.62 9.90
N ILE C 265 15.32 -6.07 8.81
CA ILE C 265 16.00 -5.20 7.84
C ILE C 265 15.40 -3.80 7.64
N HIS C 266 15.62 -2.87 8.59
CA HIS C 266 15.13 -1.48 8.50
C HIS C 266 16.04 -0.58 7.73
N PHE C 267 17.31 -0.91 7.67
CA PHE C 267 18.25 0.18 7.55
C PHE C 267 18.51 0.39 6.09
N PRO C 268 17.98 1.49 5.55
CA PRO C 268 18.26 1.88 4.18
C PRO C 268 19.49 2.75 4.13
N LEU C 269 19.99 2.94 2.92
CA LEU C 269 21.23 3.61 2.66
C LEU C 269 20.90 4.91 1.93
N ALA C 270 21.21 6.07 2.51
CA ALA C 270 20.95 7.37 1.86
C ALA C 270 22.17 7.90 1.09
N THR C 271 21.93 8.79 0.13
CA THR C 271 22.98 9.25 -0.77
C THR C 271 22.51 10.58 -1.31
N TYR C 272 22.97 11.70 -0.76
CA TYR C 272 22.50 12.98 -1.30
C TYR C 272 23.14 13.26 -2.64
N ALA C 273 22.48 14.11 -3.45
CA ALA C 273 22.78 14.25 -4.88
C ALA C 273 23.97 15.16 -5.22
N PRO C 274 23.74 16.46 -5.47
CA PRO C 274 24.82 17.36 -5.77
C PRO C 274 25.17 18.16 -4.52
N VAL C 275 26.40 17.97 -4.07
CA VAL C 275 26.91 18.72 -2.96
C VAL C 275 28.06 19.49 -3.53
N ILE C 276 27.90 20.81 -3.60
CA ILE C 276 28.99 21.69 -4.03
C ILE C 276 28.99 23.06 -3.35
N SER C 277 30.20 23.57 -3.10
CA SER C 277 30.44 24.76 -2.29
C SER C 277 30.26 26.09 -3.02
N ALA C 278 29.51 27.00 -2.41
CA ALA C 278 29.36 28.37 -2.91
C ALA C 278 30.73 29.05 -2.89
N GLU C 279 31.04 29.85 -3.90
CA GLU C 279 32.36 30.51 -4.01
C GLU C 279 33.51 29.52 -3.89
N GLN C 285 24.89 24.44 -14.24
CA GLN C 285 24.13 23.54 -13.39
C GLN C 285 24.39 22.07 -13.75
N LEU C 286 24.08 21.15 -12.84
CA LEU C 286 24.35 19.73 -13.09
C LEU C 286 23.15 19.02 -13.68
N SER C 287 23.42 18.11 -14.62
CA SER C 287 22.38 17.46 -15.43
C SER C 287 21.63 16.32 -14.73
N VAL C 288 20.32 16.31 -14.92
CA VAL C 288 19.44 15.28 -14.39
C VAL C 288 20.11 13.93 -14.45
N ALA C 289 20.79 13.70 -15.58
CA ALA C 289 21.50 12.47 -15.83
C ALA C 289 22.62 12.29 -14.81
N GLU C 290 23.51 13.28 -14.75
CA GLU C 290 24.72 13.18 -13.95
C GLU C 290 24.48 12.93 -12.46
N ILE C 291 23.51 13.62 -11.89
CA ILE C 291 23.24 13.52 -10.45
C ILE C 291 22.61 12.19 -10.08
N THR C 292 21.82 11.64 -10.99
CA THR C 292 21.36 10.26 -10.85
C THR C 292 22.58 9.36 -10.78
N ASN C 293 23.43 9.44 -11.79
CA ASN C 293 24.63 8.63 -11.78
C ASN C 293 25.63 8.99 -10.69
N ALA C 294 25.29 9.98 -9.86
CA ALA C 294 26.10 10.32 -8.69
C ALA C 294 25.65 9.53 -7.48
N CYS C 295 24.34 9.26 -7.43
CA CYS C 295 23.69 8.52 -6.35
C CYS C 295 24.25 7.13 -6.24
N PHE C 296 24.94 6.72 -7.29
CA PHE C 296 25.65 5.47 -7.30
C PHE C 296 27.13 5.81 -7.31
N GLU C 297 27.69 5.85 -6.12
CA GLU C 297 29.09 6.13 -5.89
C GLU C 297 29.33 6.15 -4.38
N PRO C 298 30.09 5.16 -3.90
CA PRO C 298 30.52 5.07 -2.50
C PRO C 298 31.01 6.36 -1.82
N ALA C 299 31.55 7.28 -2.62
CA ALA C 299 32.07 8.57 -2.15
C ALA C 299 30.94 9.53 -1.78
N ASN C 300 29.81 9.44 -2.49
CA ASN C 300 28.68 10.33 -2.26
C ASN C 300 27.70 9.70 -1.28
N GLN C 301 28.09 8.52 -0.79
CA GLN C 301 27.24 7.70 0.06
C GLN C 301 27.00 8.42 1.36
N MET C 302 26.40 7.69 2.31
CA MET C 302 26.06 8.27 3.58
C MET C 302 26.21 7.34 4.78
N VAL C 303 26.54 6.08 4.51
CA VAL C 303 27.13 5.15 5.49
C VAL C 303 28.35 4.52 4.80
N LYS C 304 29.55 4.85 5.28
CA LYS C 304 30.77 4.34 4.67
C LYS C 304 30.71 2.82 4.53
N CYS C 305 30.39 2.38 3.31
CA CYS C 305 30.43 0.95 2.95
C CYS C 305 30.84 0.73 1.46
N ASP C 306 30.04 -0.09 0.74
CA ASP C 306 30.17 -0.35 -0.71
C ASP C 306 29.16 -1.41 -1.20
N PRO C 307 28.11 -0.95 -1.89
CA PRO C 307 27.03 -1.85 -2.35
C PRO C 307 27.21 -2.35 -3.79
N ARG C 308 28.43 -2.26 -4.32
CA ARG C 308 28.74 -2.88 -5.59
C ARG C 308 28.98 -4.36 -5.32
N HIS C 309 29.37 -4.68 -4.09
CA HIS C 309 29.63 -6.07 -3.67
C HIS C 309 28.40 -6.78 -3.04
N GLY C 310 27.68 -6.09 -2.17
CA GLY C 310 26.46 -6.63 -1.61
C GLY C 310 25.35 -6.38 -2.61
N LYS C 311 24.20 -7.02 -2.41
CA LYS C 311 23.08 -6.90 -3.35
C LYS C 311 22.12 -5.73 -3.00
N TYR C 312 21.06 -5.58 -3.79
CA TYR C 312 20.02 -4.58 -3.53
C TYR C 312 18.66 -5.29 -3.36
N MET C 313 17.82 -4.80 -2.44
CA MET C 313 16.49 -5.39 -2.23
C MET C 313 15.29 -4.45 -2.29
N ALA C 314 15.55 -3.16 -2.50
CA ALA C 314 14.53 -2.16 -2.84
C ALA C 314 15.16 -0.76 -2.96
N CYS C 315 14.82 -0.07 -4.05
CA CYS C 315 15.48 1.19 -4.41
C CYS C 315 14.54 2.35 -4.75
N CYS C 316 14.92 3.56 -4.35
CA CYS C 316 13.99 4.68 -4.33
C CYS C 316 14.61 6.03 -4.72
N LEU C 317 14.41 6.44 -5.96
CA LEU C 317 14.94 7.73 -6.39
C LEU C 317 14.04 8.91 -6.00
N LEU C 318 14.49 9.67 -5.01
CA LEU C 318 13.76 10.85 -4.51
C LEU C 318 14.37 12.19 -5.00
N TYR C 319 13.92 12.62 -6.18
CA TYR C 319 14.31 13.90 -6.80
C TYR C 319 13.66 15.11 -6.14
N ARG C 320 14.36 16.25 -6.21
CA ARG C 320 13.84 17.54 -5.73
C ARG C 320 14.21 18.68 -6.70
N GLY C 321 13.23 19.42 -7.20
CA GLY C 321 13.48 20.61 -8.01
C GLY C 321 12.82 20.76 -9.38
N ASP C 322 13.63 21.13 -10.36
CA ASP C 322 13.13 21.38 -11.69
C ASP C 322 13.48 20.19 -12.55
N VAL C 323 12.53 19.28 -12.74
CA VAL C 323 12.76 18.02 -13.45
C VAL C 323 11.47 17.41 -14.05
N VAL C 324 11.50 17.10 -15.36
CA VAL C 324 10.45 16.32 -16.05
C VAL C 324 10.91 14.85 -16.10
N PRO C 325 10.05 13.90 -15.69
CA PRO C 325 10.44 12.48 -15.66
C PRO C 325 11.03 12.00 -16.99
N LYS C 326 10.66 12.67 -18.09
CA LYS C 326 11.11 12.33 -19.44
C LYS C 326 12.59 11.96 -19.49
N ASP C 327 13.38 12.63 -18.64
CA ASP C 327 14.80 12.34 -18.51
C ASP C 327 15.04 11.28 -17.45
N VAL C 328 14.50 11.50 -16.25
CA VAL C 328 14.70 10.58 -15.14
C VAL C 328 14.64 9.15 -15.62
N ASN C 329 13.71 8.90 -16.54
CA ASN C 329 13.63 7.63 -17.25
C ASN C 329 14.87 7.30 -18.08
N ALA C 330 15.08 8.06 -19.16
CA ALA C 330 16.25 7.87 -20.01
C ALA C 330 17.57 7.91 -19.21
N ALA C 331 17.52 8.42 -17.97
CA ALA C 331 18.68 8.48 -17.06
C ALA C 331 18.89 7.18 -16.29
N ILE C 332 17.86 6.72 -15.57
CA ILE C 332 17.87 5.38 -14.99
C ILE C 332 18.34 4.42 -16.07
N ALA C 333 17.68 4.48 -17.23
CA ALA C 333 17.91 3.58 -18.34
C ALA C 333 19.39 3.29 -18.49
N THR C 334 20.19 4.35 -18.66
CA THR C 334 21.62 4.21 -18.94
C THR C 334 22.48 3.90 -17.69
N ILE C 335 21.92 4.13 -16.49
CA ILE C 335 22.53 3.66 -15.24
C ILE C 335 22.58 2.12 -15.20
N LYS C 336 21.67 1.47 -15.92
CA LYS C 336 21.59 0.00 -16.06
C LYS C 336 22.53 -0.62 -17.12
N THR C 337 22.85 0.13 -18.16
CA THR C 337 23.67 -0.35 -19.29
C THR C 337 25.19 -0.15 -19.11
N LYS C 338 25.58 0.92 -18.41
CA LYS C 338 27.00 1.11 -18.08
C LYS C 338 27.22 1.20 -16.56
N ARG C 339 26.85 0.12 -15.85
CA ARG C 339 27.10 0.02 -14.42
C ARG C 339 26.65 -1.29 -13.74
N THR C 340 26.55 -1.19 -12.43
CA THR C 340 26.31 -2.30 -11.51
C THR C 340 24.84 -2.46 -11.09
N ILE C 341 24.13 -3.21 -11.94
CA ILE C 341 22.71 -3.58 -11.76
C ILE C 341 22.40 -4.04 -10.31
N GLN C 342 22.72 -5.29 -9.99
CA GLN C 342 22.83 -5.81 -8.60
C GLN C 342 21.53 -5.94 -7.78
N PHE C 343 20.50 -6.56 -8.37
CA PHE C 343 19.22 -6.77 -7.69
C PHE C 343 18.84 -8.17 -7.29
N VAL C 344 18.29 -8.29 -6.09
CA VAL C 344 18.18 -9.60 -5.45
C VAL C 344 17.08 -10.52 -6.01
N ASP C 345 17.48 -11.74 -6.36
CA ASP C 345 16.61 -12.93 -6.58
C ASP C 345 15.12 -12.71 -6.83
N TRP C 346 14.46 -12.09 -5.87
CA TRP C 346 13.01 -12.16 -5.72
C TRP C 346 12.29 -10.81 -5.53
N CYS C 347 12.53 -9.82 -6.39
CA CYS C 347 11.96 -8.49 -6.16
C CYS C 347 12.10 -7.60 -7.39
N PRO C 348 10.98 -7.22 -8.03
CA PRO C 348 10.99 -6.62 -9.38
C PRO C 348 12.39 -6.16 -9.90
N THR C 349 12.67 -4.85 -9.92
CA THR C 349 14.04 -4.27 -9.88
C THR C 349 13.87 -2.82 -9.40
N GLY C 350 12.80 -2.58 -8.63
CA GLY C 350 12.51 -1.30 -7.98
C GLY C 350 12.57 -0.02 -8.81
N PHE C 351 12.98 1.06 -8.15
CA PHE C 351 12.97 2.43 -8.69
C PHE C 351 11.56 3.04 -8.70
N LYS C 352 10.95 3.04 -7.52
CA LYS C 352 9.85 3.95 -7.19
C LYS C 352 10.47 5.35 -7.26
N VAL C 353 9.87 6.22 -8.05
CA VAL C 353 10.46 7.53 -8.34
C VAL C 353 9.60 8.69 -7.90
N GLY C 354 10.13 9.47 -6.96
CA GLY C 354 9.41 10.57 -6.35
C GLY C 354 9.95 11.94 -6.72
N ILE C 355 9.15 12.70 -7.45
CA ILE C 355 9.53 14.05 -7.81
C ILE C 355 8.72 15.06 -7.00
N ASN C 356 9.46 15.95 -6.33
CA ASN C 356 8.90 17.18 -5.73
C ASN C 356 9.41 18.42 -6.48
N TYR C 357 8.50 19.26 -6.99
CA TYR C 357 8.89 20.42 -7.83
C TYR C 357 9.60 21.51 -7.07
N GLN C 358 9.39 21.53 -5.76
CA GLN C 358 10.05 22.46 -4.86
C GLN C 358 11.58 22.45 -4.99
N PRO C 359 12.13 23.48 -5.65
CA PRO C 359 13.58 23.62 -5.78
C PRO C 359 14.25 23.81 -4.41
N PRO C 360 15.36 23.10 -4.20
CA PRO C 360 16.07 23.06 -2.92
C PRO C 360 16.70 24.40 -2.48
N THR C 361 16.25 24.94 -1.35
CA THR C 361 16.88 26.11 -0.76
C THR C 361 17.87 25.61 0.27
N VAL C 362 19.04 26.25 0.31
CA VAL C 362 20.09 25.95 1.30
C VAL C 362 20.28 27.14 2.26
N VAL C 363 20.91 26.85 3.40
CA VAL C 363 21.15 27.82 4.47
C VAL C 363 22.02 28.99 3.97
N PRO C 364 21.62 30.24 4.25
CA PRO C 364 22.05 31.41 3.45
C PRO C 364 23.56 31.65 3.46
N GLY C 365 24.13 31.91 4.63
CA GLY C 365 25.57 32.02 4.76
C GLY C 365 26.22 30.67 4.98
N GLY C 366 25.60 29.61 4.45
CA GLY C 366 26.01 28.21 4.64
C GLY C 366 27.33 27.85 3.97
N ASP C 367 27.46 26.61 3.50
CA ASP C 367 28.68 26.23 2.78
C ASP C 367 28.36 25.84 1.34
N LEU C 368 27.13 25.36 1.15
CA LEU C 368 26.64 24.83 -0.12
C LEU C 368 26.00 25.95 -0.95
N ALA C 369 25.83 25.71 -2.25
CA ALA C 369 25.19 26.70 -3.12
C ALA C 369 23.77 26.28 -3.46
N LYS C 370 23.00 27.23 -3.98
CA LYS C 370 21.63 26.98 -4.42
C LYS C 370 21.60 26.12 -5.69
N VAL C 371 20.86 25.02 -5.67
CA VAL C 371 20.81 24.11 -6.84
C VAL C 371 19.49 24.15 -7.60
N GLN C 372 19.56 23.72 -8.87
CA GLN C 372 18.40 23.69 -9.76
C GLN C 372 17.63 22.39 -9.62
N ARG C 373 18.39 21.35 -9.25
CA ARG C 373 17.91 19.97 -9.16
C ARG C 373 18.84 19.10 -8.28
N ALA C 374 18.25 18.37 -7.34
CA ALA C 374 18.96 17.45 -6.46
C ALA C 374 18.21 16.14 -6.35
N VAL C 375 18.95 15.04 -6.20
CA VAL C 375 18.37 13.70 -6.11
C VAL C 375 18.64 13.12 -4.72
N CYS C 376 18.02 11.99 -4.36
CA CYS C 376 18.23 11.45 -3.00
C CYS C 376 18.46 9.95 -2.78
N MET C 377 17.95 9.10 -3.65
CA MET C 377 18.30 7.67 -3.62
C MET C 377 18.30 7.01 -2.24
N LEU C 378 17.21 6.34 -1.91
CA LEU C 378 17.18 5.51 -0.72
C LEU C 378 17.17 4.08 -1.20
N SER C 379 18.05 3.28 -0.62
CA SER C 379 18.19 1.92 -1.07
C SER C 379 18.30 0.96 0.10
N ASN C 380 17.65 -0.20 -0.01
CA ASN C 380 17.87 -1.24 0.97
C ASN C 380 18.78 -2.28 0.40
N THR C 381 20.07 -2.04 0.61
CA THR C 381 21.17 -2.92 0.21
C THR C 381 21.56 -3.83 1.35
N THR C 382 22.17 -4.94 1.00
CA THR C 382 22.54 -5.93 1.99
C THR C 382 23.92 -5.60 2.48
N ALA C 383 24.57 -4.67 1.79
CA ALA C 383 25.93 -4.34 2.14
C ALA C 383 25.95 -3.30 3.24
N ILE C 384 24.80 -2.77 3.65
CA ILE C 384 24.79 -1.86 4.79
C ILE C 384 25.17 -2.58 6.07
N ALA C 385 25.27 -3.89 6.02
CA ALA C 385 25.74 -4.62 7.19
C ALA C 385 27.26 -4.59 7.34
N GLU C 386 27.96 -3.80 6.52
CA GLU C 386 29.39 -3.53 6.69
C GLU C 386 29.58 -2.74 7.97
N ALA C 387 28.70 -1.77 8.17
CA ALA C 387 28.66 -0.99 9.38
C ALA C 387 28.31 -1.88 10.55
N TRP C 388 27.45 -2.85 10.32
CA TRP C 388 27.00 -3.68 11.42
C TRP C 388 28.08 -4.53 12.08
N ALA C 389 29.13 -4.86 11.35
CA ALA C 389 30.26 -5.63 11.90
C ALA C 389 31.39 -4.71 12.31
N ARG C 390 31.68 -3.71 11.48
CA ARG C 390 32.73 -2.75 11.77
C ARG C 390 32.55 -2.22 13.18
N LEU C 391 31.29 -2.14 13.59
CA LEU C 391 30.92 -1.88 14.97
C LEU C 391 31.22 -3.07 15.87
N ASP C 392 30.61 -4.21 15.57
CA ASP C 392 30.74 -5.42 16.38
C ASP C 392 32.18 -5.71 16.72
N HIS C 393 33.06 -5.62 15.71
CA HIS C 393 34.44 -6.04 15.90
C HIS C 393 35.10 -5.28 17.01
N LYS C 394 34.89 -3.97 17.05
CA LYS C 394 35.29 -3.13 18.19
C LYS C 394 34.74 -3.73 19.48
N PHE C 395 33.42 -3.79 19.55
CA PHE C 395 32.72 -4.36 20.68
C PHE C 395 33.35 -5.67 21.09
N ASP C 396 33.16 -6.69 20.26
CA ASP C 396 33.74 -8.02 20.49
C ASP C 396 35.04 -7.99 21.30
N LEU C 397 35.95 -7.09 20.90
CA LEU C 397 37.36 -7.15 21.27
C LEU C 397 37.67 -6.35 22.53
N MET C 398 36.73 -5.51 22.94
CA MET C 398 36.77 -4.90 24.26
C MET C 398 36.19 -5.90 25.25
N TYR C 399 34.91 -6.22 25.03
CA TYR C 399 34.16 -7.14 25.88
C TYR C 399 34.92 -8.43 26.15
N ALA C 400 35.76 -8.84 25.19
CA ALA C 400 36.61 -10.01 25.32
C ALA C 400 37.54 -9.92 26.51
N LYS C 401 37.53 -8.77 27.17
CA LYS C 401 38.29 -8.58 28.39
C LYS C 401 37.47 -7.84 29.43
N ARG C 402 36.14 -7.79 29.23
CA ARG C 402 35.20 -7.03 30.08
C ARG C 402 35.66 -5.58 30.21
N ALA C 403 36.25 -5.08 29.12
CA ALA C 403 37.02 -3.85 29.12
C ALA C 403 36.43 -2.78 30.01
N PHE C 404 35.22 -2.34 29.74
CA PHE C 404 34.71 -1.31 30.58
C PHE C 404 33.46 -1.77 31.28
N VAL C 405 33.04 -2.97 30.91
CA VAL C 405 31.84 -3.57 31.45
C VAL C 405 31.44 -3.05 32.82
N HIS C 406 32.34 -3.13 33.79
CA HIS C 406 31.97 -2.86 35.16
C HIS C 406 31.15 -1.57 35.37
N TRP C 407 31.40 -0.53 34.59
CA TRP C 407 30.67 0.72 34.75
C TRP C 407 29.16 0.58 34.55
N TYR C 408 28.79 -0.44 33.80
CA TYR C 408 27.41 -0.69 33.49
C TYR C 408 26.83 -1.52 34.59
N VAL C 409 27.52 -2.56 35.00
CA VAL C 409 27.05 -3.35 36.13
C VAL C 409 26.98 -2.40 37.31
N GLY C 410 27.74 -1.31 37.21
CA GLY C 410 27.86 -0.33 38.27
C GLY C 410 26.56 0.38 38.51
N GLU C 411 25.98 0.94 37.45
CA GLU C 411 24.69 1.62 37.56
C GLU C 411 23.55 0.60 37.64
N GLY C 412 23.89 -0.68 37.55
CA GLY C 412 22.97 -1.73 37.92
C GLY C 412 22.49 -2.66 36.81
N MET C 413 23.29 -2.76 35.76
CA MET C 413 22.95 -3.64 34.65
C MET C 413 23.44 -5.04 34.93
N GLU C 414 23.29 -5.91 33.94
CA GLU C 414 23.64 -7.32 34.07
C GLU C 414 24.70 -7.74 33.05
N GLU C 415 25.68 -8.51 33.50
CA GLU C 415 26.67 -9.10 32.61
C GLU C 415 26.03 -9.72 31.36
N GLY C 416 24.94 -10.45 31.58
CA GLY C 416 24.26 -11.21 30.54
C GLY C 416 23.61 -10.38 29.45
N GLU C 417 23.17 -9.18 29.77
CA GLU C 417 22.53 -8.28 28.78
C GLU C 417 23.47 -7.96 27.64
N PHE C 418 24.75 -7.74 27.99
CA PHE C 418 25.84 -7.46 27.04
C PHE C 418 26.06 -8.62 26.10
N SER C 419 25.93 -9.82 26.63
CA SER C 419 26.03 -11.05 25.86
C SER C 419 24.90 -11.06 24.88
N GLU C 420 23.70 -10.97 25.42
CA GLU C 420 22.43 -11.19 24.72
C GLU C 420 21.98 -10.05 23.78
N ALA C 421 22.71 -8.94 23.83
CA ALA C 421 22.56 -7.84 22.88
C ALA C 421 23.45 -8.09 21.69
N ARG C 422 24.69 -8.51 21.96
CA ARG C 422 25.62 -8.86 20.89
C ARG C 422 25.10 -10.08 20.18
N GLU C 423 24.56 -11.01 20.96
CA GLU C 423 23.95 -12.20 20.41
C GLU C 423 22.83 -11.88 19.42
N ASP C 424 22.34 -10.64 19.45
CA ASP C 424 21.32 -10.20 18.51
C ASP C 424 21.85 -9.60 17.20
N MET C 425 23.01 -8.94 17.26
CA MET C 425 23.70 -8.46 16.06
C MET C 425 24.31 -9.61 15.29
N ALA C 426 24.77 -10.61 16.02
CA ALA C 426 25.22 -11.85 15.43
C ALA C 426 24.10 -12.36 14.56
N ALA C 427 22.94 -12.50 15.19
CA ALA C 427 21.71 -12.88 14.51
C ALA C 427 21.41 -12.01 13.27
N LEU C 428 21.40 -10.69 13.47
CA LEU C 428 21.13 -9.72 12.41
C LEU C 428 22.13 -9.85 11.28
N GLU C 429 23.42 -9.78 11.62
CA GLU C 429 24.49 -9.96 10.65
C GLU C 429 24.25 -11.20 9.79
N LYS C 430 23.73 -12.27 10.42
CA LYS C 430 23.36 -13.51 9.72
C LYS C 430 22.08 -13.34 8.93
N ASP C 431 21.08 -12.73 9.55
CA ASP C 431 19.85 -12.38 8.87
C ASP C 431 20.20 -11.73 7.50
N TYR C 432 20.94 -10.62 7.59
CA TYR C 432 21.33 -9.80 6.43
C TYR C 432 21.94 -10.63 5.34
N GLU C 433 23.22 -10.91 5.48
CA GLU C 433 23.99 -11.69 4.51
C GLU C 433 23.25 -12.95 4.01
N GLU C 434 22.24 -13.40 4.77
CA GLU C 434 21.38 -14.53 4.39
C GLU C 434 20.29 -14.18 3.37
N VAL C 435 20.30 -12.96 2.87
CA VAL C 435 19.34 -12.54 1.88
C VAL C 435 19.95 -12.64 0.48
N GLY C 436 21.25 -12.93 0.40
CA GLY C 436 21.92 -13.19 -0.88
C GLY C 436 21.33 -14.31 -1.76
N VAL C 437 21.22 -14.04 -3.07
CA VAL C 437 20.63 -14.92 -4.11
C VAL C 437 20.67 -16.42 -3.78
N ARG D 2 29.70 19.52 36.67
CA ARG D 2 28.68 20.60 36.83
C ARG D 2 28.89 21.51 38.07
N GLU D 3 29.98 21.31 38.84
CA GLU D 3 30.28 22.01 40.11
C GLU D 3 31.05 21.12 41.08
N ILE D 4 32.32 21.46 41.42
CA ILE D 4 33.17 20.61 42.32
C ILE D 4 33.79 21.27 43.56
N VAL D 5 33.94 20.50 44.66
CA VAL D 5 34.61 21.04 45.86
C VAL D 5 36.06 20.60 45.95
N HIS D 6 36.80 21.25 46.83
CA HIS D 6 38.23 21.04 46.93
C HIS D 6 38.67 20.87 48.37
N ILE D 7 39.24 19.71 48.70
CA ILE D 7 39.91 19.56 49.97
C ILE D 7 41.40 19.62 49.73
N GLN D 8 42.08 20.27 50.63
CA GLN D 8 43.49 20.58 50.48
C GLN D 8 44.15 20.38 51.83
N ALA D 9 44.51 19.14 52.13
CA ALA D 9 44.93 18.76 53.49
C ALA D 9 46.39 18.42 53.60
N GLY D 10 47.02 18.84 54.68
CA GLY D 10 48.39 18.49 54.93
C GLY D 10 49.38 19.37 54.22
N GLN D 11 50.43 19.76 54.95
CA GLN D 11 51.43 20.76 54.49
C GLN D 11 51.75 20.65 53.01
N CYS D 12 52.31 19.51 52.62
CA CYS D 12 52.63 19.30 51.21
C CYS D 12 51.38 19.55 50.40
N GLY D 13 50.26 18.98 50.83
CA GLY D 13 48.99 19.24 50.16
C GLY D 13 48.60 20.70 50.07
N ASN D 14 48.66 21.40 51.19
CA ASN D 14 48.22 22.79 51.27
C ASN D 14 49.06 23.70 50.42
N GLN D 15 50.37 23.46 50.49
CA GLN D 15 51.36 24.18 49.70
C GLN D 15 51.18 23.99 48.19
N ILE D 16 50.71 22.81 47.78
CA ILE D 16 50.41 22.48 46.37
C ILE D 16 49.24 23.31 45.95
N GLY D 17 48.27 23.40 46.86
CA GLY D 17 46.99 24.00 46.59
C GLY D 17 47.03 25.49 46.52
N ALA D 18 47.76 26.08 47.46
CA ALA D 18 47.93 27.51 47.44
C ALA D 18 48.54 27.99 46.12
N LYS D 19 49.42 27.19 45.52
CA LYS D 19 50.00 27.52 44.20
C LYS D 19 48.91 27.29 43.17
N PHE D 20 48.34 26.08 43.17
CA PHE D 20 47.21 25.72 42.32
C PHE D 20 46.25 26.87 42.23
N TRP D 21 45.74 27.27 43.39
CA TRP D 21 44.67 28.25 43.48
C TRP D 21 44.96 29.57 42.79
N GLU D 22 46.18 30.07 42.98
CA GLU D 22 46.55 31.36 42.43
C GLU D 22 46.92 31.30 40.93
N VAL D 23 47.25 30.12 40.40
CA VAL D 23 47.52 30.06 38.97
C VAL D 23 46.21 30.03 38.24
N ILE D 24 45.30 29.20 38.72
CA ILE D 24 43.96 29.11 38.15
C ILE D 24 43.15 30.36 38.45
N SER D 25 43.46 31.01 39.57
CA SER D 25 42.85 32.28 39.90
C SER D 25 43.26 33.36 38.94
N ASP D 26 44.50 33.27 38.47
CA ASP D 26 44.98 34.20 37.47
C ASP D 26 44.31 33.96 36.11
N GLU D 27 44.14 32.69 35.71
CA GLU D 27 43.59 32.35 34.39
C GLU D 27 42.27 33.05 34.23
N HIS D 28 41.48 32.99 35.29
CA HIS D 28 40.16 33.57 35.30
C HIS D 28 40.25 35.05 35.53
N GLY D 29 41.17 35.45 36.39
CA GLY D 29 41.29 36.85 36.73
C GLY D 29 40.53 37.08 38.01
N ILE D 30 41.21 36.86 39.12
CA ILE D 30 40.69 37.21 40.44
C ILE D 30 41.76 37.95 41.24
N ASP D 31 41.36 39.08 41.82
CA ASP D 31 42.18 39.89 42.74
C ASP D 31 42.52 39.00 43.94
N PRO D 32 43.19 39.52 44.94
CA PRO D 32 43.22 38.83 46.23
C PRO D 32 41.80 38.41 46.68
N THR D 33 40.81 39.31 46.72
CA THR D 33 39.42 38.92 47.03
C THR D 33 38.55 39.19 45.84
N GLY D 34 38.59 40.47 45.44
CA GLY D 34 37.75 41.01 44.38
C GLY D 34 37.51 40.06 43.24
N SER D 35 36.49 40.38 42.46
CA SER D 35 36.09 39.52 41.37
C SER D 35 37.01 39.69 40.16
N TYR D 36 36.45 40.24 39.10
CA TYR D 36 37.08 40.17 37.78
C TYR D 36 37.88 41.43 37.44
N HIS D 37 38.99 41.20 36.75
CA HIS D 37 39.80 42.25 36.15
C HIS D 37 40.59 41.59 35.03
N GLY D 38 40.05 41.68 33.82
CA GLY D 38 40.68 41.10 32.65
C GLY D 38 39.88 41.39 31.39
N ASP D 39 40.57 41.62 30.27
CA ASP D 39 39.93 41.89 28.97
C ASP D 39 39.38 40.63 28.27
N SER D 40 39.74 39.44 28.78
CA SER D 40 39.12 38.15 28.38
C SER D 40 37.67 38.02 28.93
N ASP D 41 36.88 37.10 28.37
CA ASP D 41 35.46 37.03 28.71
C ASP D 41 35.02 35.62 29.06
N LEU D 42 35.53 34.66 28.30
CA LEU D 42 35.28 33.23 28.52
C LEU D 42 35.33 32.91 30.01
N GLN D 43 36.54 32.92 30.56
CA GLN D 43 36.83 32.79 32.00
C GLN D 43 35.65 32.37 32.91
N LEU D 44 34.69 33.28 33.10
CA LEU D 44 33.60 33.17 34.10
C LEU D 44 32.41 32.26 33.75
N GLU D 45 32.49 31.56 32.61
CA GLU D 45 31.49 30.56 32.21
C GLU D 45 31.64 29.32 33.05
N ARG D 46 32.87 29.01 33.37
CA ARG D 46 33.14 27.82 34.13
C ARG D 46 33.72 28.13 35.49
N ILE D 47 33.63 29.40 35.90
CA ILE D 47 34.09 29.81 37.23
C ILE D 47 33.15 29.24 38.28
N ASN D 48 31.96 28.94 37.79
CA ASN D 48 31.00 28.18 38.52
C ASN D 48 31.60 26.99 39.20
N VAL D 49 32.37 26.24 38.44
CA VAL D 49 32.89 24.96 38.87
C VAL D 49 33.77 25.04 40.11
N TYR D 50 34.60 26.07 40.22
CA TYR D 50 35.60 26.06 41.28
C TYR D 50 35.47 27.21 42.26
N TYR D 51 34.44 28.02 42.09
CA TYR D 51 34.25 29.23 42.90
C TYR D 51 32.81 29.51 43.37
N ASN D 52 32.44 29.04 44.56
CA ASN D 52 31.16 29.41 45.20
C ASN D 52 31.23 30.93 45.47
N GLU D 53 30.25 31.71 45.00
CA GLU D 53 30.37 33.16 45.09
C GLU D 53 29.46 33.82 46.14
N ALA D 54 30.02 34.78 46.89
CA ALA D 54 29.34 35.49 48.00
C ALA D 54 29.01 36.97 47.66
N THR D 55 28.13 37.59 48.45
CA THR D 55 27.47 38.90 48.17
C THR D 55 28.41 40.06 47.81
N GLY D 56 27.88 41.06 47.11
CA GLY D 56 28.70 42.10 46.51
C GLY D 56 29.33 41.57 45.24
N ASN D 57 30.58 41.93 44.97
CA ASN D 57 31.32 41.36 43.84
C ASN D 57 31.84 40.00 44.28
N LYS D 58 33.13 39.94 44.61
CA LYS D 58 33.80 38.79 45.23
C LYS D 58 33.59 37.40 44.55
N TYR D 59 34.51 36.47 44.79
CA TYR D 59 34.38 35.17 44.13
C TYR D 59 34.73 33.90 44.92
N VAL D 60 35.59 34.02 45.94
CA VAL D 60 35.96 32.92 46.87
C VAL D 60 35.84 31.43 46.46
N PRO D 61 36.99 30.77 46.31
CA PRO D 61 37.06 29.35 45.93
C PRO D 61 36.37 28.41 46.91
N ARG D 62 35.79 27.35 46.35
CA ARG D 62 35.26 26.25 47.13
C ARG D 62 36.47 25.55 47.67
N ALA D 63 36.87 25.89 48.89
CA ALA D 63 38.11 25.34 49.41
C ALA D 63 38.06 24.94 50.88
N ILE D 64 38.44 23.69 51.17
CA ILE D 64 38.66 23.25 52.53
C ILE D 64 40.12 22.95 52.79
N LEU D 65 40.64 23.58 53.84
CA LEU D 65 42.05 23.50 54.26
C LEU D 65 42.19 22.81 55.60
N VAL D 66 42.74 21.62 55.58
CA VAL D 66 42.90 20.83 56.78
C VAL D 66 44.38 20.75 57.09
N ASP D 67 44.74 20.91 58.37
CA ASP D 67 46.10 20.60 58.86
C ASP D 67 46.04 20.25 60.35
N LEU D 68 47.05 19.54 60.85
CA LEU D 68 47.09 19.19 62.28
C LEU D 68 48.02 20.08 63.12
N GLU D 69 48.42 21.20 62.51
CA GLU D 69 49.16 22.25 63.20
C GLU D 69 48.89 23.60 62.52
N PRO D 70 48.88 24.71 63.28
CA PRO D 70 48.75 26.06 62.70
C PRO D 70 49.74 26.29 61.56
N GLY D 71 51.02 26.32 61.90
CA GLY D 71 52.14 26.43 60.96
C GLY D 71 51.85 26.74 59.50
N THR D 72 51.43 25.74 58.74
CA THR D 72 51.39 25.85 57.29
C THR D 72 50.16 26.59 56.71
N MET D 73 49.28 27.04 57.61
CA MET D 73 48.04 27.70 57.23
C MET D 73 48.20 29.22 57.23
N ASP D 74 48.70 29.74 58.34
CA ASP D 74 49.18 31.13 58.43
C ASP D 74 50.25 31.43 57.34
N SER D 75 50.79 30.36 56.72
CA SER D 75 51.76 30.45 55.63
C SER D 75 51.07 30.84 54.35
N VAL D 76 49.87 30.31 54.18
CA VAL D 76 49.03 30.73 53.10
C VAL D 76 48.49 32.12 53.42
N ARG D 77 47.82 32.25 54.56
CA ARG D 77 47.14 33.49 54.87
C ARG D 77 48.07 34.72 54.91
N SER D 78 49.37 34.50 55.02
CA SER D 78 50.33 35.61 55.07
C SER D 78 51.20 35.71 53.80
N GLY D 79 50.74 35.09 52.72
CA GLY D 79 51.56 34.98 51.53
C GLY D 79 50.92 35.41 50.22
N PRO D 80 50.59 34.45 49.35
CA PRO D 80 50.30 34.71 47.93
C PRO D 80 48.95 35.36 47.68
N PHE D 81 47.95 34.52 47.38
CA PHE D 81 46.57 34.94 47.39
C PHE D 81 45.98 34.52 48.72
N GLY D 82 46.57 35.07 49.78
CA GLY D 82 46.25 34.66 51.14
C GLY D 82 44.85 35.08 51.52
N GLN D 83 44.52 36.32 51.19
CA GLN D 83 43.28 36.92 51.63
C GLN D 83 42.02 36.19 51.14
N ILE D 84 42.18 35.23 50.23
CA ILE D 84 41.05 34.79 49.44
C ILE D 84 40.10 33.73 50.01
N PHE D 85 40.61 32.77 50.79
CA PHE D 85 39.77 31.65 51.25
C PHE D 85 38.89 32.07 52.39
N ARG D 86 37.65 31.58 52.38
CA ARG D 86 36.68 31.98 53.41
C ARG D 86 37.21 31.63 54.80
N PRO D 87 37.13 32.60 55.71
CA PRO D 87 37.64 32.44 57.09
C PRO D 87 37.46 31.06 57.79
N ASP D 88 36.23 30.64 58.12
CA ASP D 88 36.05 29.35 58.80
C ASP D 88 35.84 28.25 57.79
N ASN D 89 36.54 28.38 56.69
CA ASN D 89 36.74 27.30 55.76
C ASN D 89 38.09 26.62 56.04
N PHE D 90 38.79 27.13 57.08
CA PHE D 90 40.08 26.60 57.55
C PHE D 90 39.82 25.63 58.69
N VAL D 91 40.43 24.45 58.66
CA VAL D 91 40.32 23.53 59.79
C VAL D 91 41.68 23.29 60.48
N PHE D 92 41.88 23.93 61.64
CA PHE D 92 43.13 23.87 62.42
C PHE D 92 43.30 22.57 63.17
N GLY D 93 44.54 22.19 63.39
CA GLY D 93 44.80 20.94 64.08
C GLY D 93 45.02 21.14 65.55
N GLN D 94 45.95 22.06 65.87
CA GLN D 94 46.53 22.25 67.23
C GLN D 94 47.52 21.14 67.61
N SER D 95 47.04 19.90 67.59
CA SER D 95 47.80 18.71 67.98
C SER D 95 49.13 18.55 67.23
N GLY D 96 49.80 17.42 67.47
CA GLY D 96 50.88 16.97 66.59
C GLY D 96 50.28 16.42 65.29
N ALA D 97 51.15 16.25 64.30
CA ALA D 97 50.78 15.61 63.05
C ALA D 97 51.60 14.32 62.96
N GLY D 98 52.83 14.39 63.46
CA GLY D 98 53.64 13.21 63.69
C GLY D 98 54.46 12.67 62.53
N ASN D 99 54.07 12.96 61.29
CA ASN D 99 54.67 12.33 60.10
C ASN D 99 54.53 10.82 60.26
N ASN D 100 53.36 10.45 60.76
CA ASN D 100 53.05 9.08 61.17
C ASN D 100 51.61 8.79 60.78
N TRP D 101 51.41 7.99 59.72
CA TRP D 101 50.09 7.72 59.16
C TRP D 101 49.05 7.47 60.23
N ALA D 102 49.38 6.59 61.16
CA ALA D 102 48.45 6.16 62.19
C ALA D 102 47.84 7.32 62.95
N LYS D 103 48.69 8.23 63.42
CA LYS D 103 48.23 9.42 64.10
C LYS D 103 47.14 10.08 63.25
N GLY D 104 47.48 10.38 61.99
CA GLY D 104 46.60 11.06 61.09
C GLY D 104 45.32 10.31 60.75
N HIS D 105 45.38 8.97 60.80
CA HIS D 105 44.22 8.17 60.40
C HIS D 105 43.38 7.67 61.58
N TYR D 106 44.01 7.52 62.74
CA TYR D 106 43.31 6.97 63.89
C TYR D 106 43.13 7.95 65.03
N THR D 107 44.19 8.21 65.79
CA THR D 107 44.08 9.05 66.99
C THR D 107 43.98 10.55 66.67
N GLU D 108 45.11 11.25 66.70
CA GLU D 108 45.15 12.72 66.58
C GLU D 108 44.41 13.29 65.35
N GLY D 109 44.15 12.43 64.37
CA GLY D 109 43.44 12.83 63.17
C GLY D 109 41.91 12.72 63.25
N ALA D 110 41.41 11.50 63.45
CA ALA D 110 39.97 11.27 63.59
C ALA D 110 39.41 12.19 64.64
N GLU D 111 40.19 12.36 65.70
CA GLU D 111 40.12 13.52 66.57
C GLU D 111 39.38 14.68 65.92
N LEU D 112 39.90 15.14 64.78
CA LEU D 112 39.40 16.33 64.11
C LEU D 112 38.33 15.97 63.09
N VAL D 113 38.72 15.29 62.01
CA VAL D 113 37.80 14.73 61.00
C VAL D 113 36.45 15.41 60.88
N ASP D 114 35.69 15.41 61.96
CA ASP D 114 34.32 15.91 61.94
C ASP D 114 34.23 17.39 61.56
N SER D 115 34.91 18.25 62.32
CA SER D 115 34.95 19.68 62.02
C SER D 115 35.37 19.97 60.58
N VAL D 116 35.99 18.98 59.92
CA VAL D 116 36.31 19.04 58.49
C VAL D 116 35.10 18.64 57.66
N LEU D 117 34.63 17.42 57.91
CA LEU D 117 33.41 16.91 57.30
C LEU D 117 32.28 17.93 57.48
N ASP D 118 32.27 18.59 58.64
CA ASP D 118 31.27 19.60 59.00
C ASP D 118 31.33 20.82 58.08
N VAL D 119 32.49 21.04 57.48
CA VAL D 119 32.63 22.11 56.50
C VAL D 119 32.32 21.58 55.09
N VAL D 120 32.88 20.43 54.70
CA VAL D 120 32.56 19.85 53.37
C VAL D 120 31.07 19.65 53.17
N ARG D 121 30.39 19.24 54.23
CA ARG D 121 28.95 19.09 54.22
C ARG D 121 28.29 20.40 53.78
N LYS D 122 28.75 21.54 54.29
CA LYS D 122 28.13 22.85 53.96
C LYS D 122 28.31 23.22 52.51
N GLU D 123 29.55 23.17 52.04
CA GLU D 123 29.88 23.52 50.64
C GLU D 123 29.10 22.62 49.68
N SER D 124 29.17 21.32 49.96
CA SER D 124 28.54 20.31 49.12
C SER D 124 27.02 20.42 49.08
N GLU D 125 26.39 20.55 50.24
CA GLU D 125 24.95 20.76 50.32
C GLU D 125 24.53 22.20 49.96
N SER D 126 25.54 23.02 49.58
CA SER D 126 25.30 24.35 49.00
C SER D 126 25.37 24.29 47.47
N CYS D 127 26.35 23.53 46.97
CA CYS D 127 26.50 23.25 45.54
C CYS D 127 25.19 22.79 44.84
N ASP D 128 24.76 23.55 43.83
CA ASP D 128 23.51 23.28 43.10
C ASP D 128 23.38 21.87 42.42
N CYS D 129 24.43 21.40 41.78
CA CYS D 129 24.56 19.96 41.47
C CYS D 129 26.04 19.54 41.64
N LEU D 130 26.38 19.01 42.81
CA LEU D 130 27.77 18.71 43.11
C LEU D 130 28.25 17.50 42.35
N GLN D 131 29.28 17.71 41.54
CA GLN D 131 29.97 16.70 40.76
C GLN D 131 30.72 15.69 41.60
N GLY D 132 31.57 16.20 42.48
CA GLY D 132 32.47 15.39 43.27
C GLY D 132 33.56 16.24 43.88
N PHE D 133 34.44 15.60 44.65
CA PHE D 133 35.48 16.31 45.33
C PHE D 133 36.80 15.93 44.71
N GLN D 134 37.78 16.80 44.91
CA GLN D 134 39.18 16.50 44.66
C GLN D 134 40.04 16.92 45.84
N LEU D 135 41.13 16.20 46.02
CA LEU D 135 41.98 16.41 47.18
C LEU D 135 43.44 16.34 46.84
N THR D 136 44.20 17.23 47.46
CA THR D 136 45.65 17.26 47.28
C THR D 136 46.30 17.02 48.63
N HIS D 137 47.42 16.28 48.60
CA HIS D 137 48.15 15.84 49.80
C HIS D 137 49.36 14.97 49.53
N SER D 138 50.23 14.92 50.54
CA SER D 138 51.39 14.02 50.59
C SER D 138 51.00 12.55 50.86
N LEU D 139 51.83 11.62 50.41
CA LEU D 139 51.54 10.21 50.62
C LEU D 139 52.38 9.63 51.75
N GLY D 140 53.63 10.10 51.88
CA GLY D 140 54.51 9.83 53.01
C GLY D 140 54.49 11.07 53.90
N GLY D 141 54.48 10.88 55.22
CA GLY D 141 54.08 11.95 56.13
C GLY D 141 52.58 11.89 56.39
N GLY D 142 52.19 12.09 57.65
CA GLY D 142 50.88 11.68 58.15
C GLY D 142 49.64 12.56 58.00
N THR D 143 49.75 13.84 58.33
CA THR D 143 48.56 14.71 58.35
C THR D 143 47.79 14.67 57.02
N GLY D 144 48.52 14.71 55.91
CA GLY D 144 47.93 14.71 54.58
C GLY D 144 47.50 13.34 54.11
N SER D 145 48.39 12.37 54.23
CA SER D 145 48.10 11.02 53.76
C SER D 145 47.20 10.30 54.71
N GLY D 146 47.44 10.46 56.00
CA GLY D 146 46.70 9.75 57.04
C GLY D 146 45.26 10.20 57.18
N MET D 147 45.07 11.47 57.54
CA MET D 147 43.72 12.03 57.65
C MET D 147 43.05 12.05 56.29
N GLY D 148 43.81 12.35 55.26
CA GLY D 148 43.30 12.42 53.91
C GLY D 148 42.64 11.15 53.46
N THR D 149 43.34 10.02 53.59
CA THR D 149 42.75 8.76 53.22
C THR D 149 41.48 8.55 54.01
N LEU D 150 41.54 8.90 55.30
CA LEU D 150 40.36 8.82 56.18
C LEU D 150 39.23 9.72 55.68
N LEU D 151 39.57 10.99 55.52
CA LEU D 151 38.65 11.95 54.97
C LEU D 151 37.86 11.32 53.84
N ILE D 152 38.55 10.76 52.85
CA ILE D 152 37.88 10.25 51.64
C ILE D 152 37.00 9.03 51.98
N SER D 153 37.44 8.30 53.01
CA SER D 153 36.75 7.11 53.46
C SER D 153 35.56 7.52 54.25
N LYS D 154 35.52 8.79 54.63
CA LYS D 154 34.35 9.39 55.24
C LYS D 154 33.52 10.18 54.22
N ILE D 155 34.19 10.66 53.16
CA ILE D 155 33.52 11.40 52.09
C ILE D 155 32.68 10.42 51.33
N ARG D 156 33.32 9.38 50.80
CA ARG D 156 32.59 8.20 50.32
C ARG D 156 31.86 7.71 51.54
N GLU D 157 30.65 7.15 51.36
CA GLU D 157 29.81 6.79 52.50
C GLU D 157 28.81 7.91 52.76
N GLU D 158 29.30 9.15 52.82
CA GLU D 158 28.43 10.32 52.92
C GLU D 158 27.96 10.55 51.49
N TYR D 159 28.93 10.38 50.59
CA TYR D 159 28.78 10.63 49.18
C TYR D 159 29.45 9.46 48.48
N PRO D 160 28.69 8.40 48.21
CA PRO D 160 29.19 7.28 47.41
C PRO D 160 28.97 7.63 45.95
N ASP D 161 27.69 7.80 45.59
CA ASP D 161 27.19 8.89 44.77
C ASP D 161 28.11 9.60 43.77
N ARG D 162 28.82 10.62 44.28
CA ARG D 162 29.66 11.53 43.49
C ARG D 162 31.07 11.04 43.39
N ILE D 163 31.82 11.58 42.44
CA ILE D 163 33.12 10.96 42.15
C ILE D 163 34.33 11.50 42.91
N MET D 164 35.44 10.78 42.84
CA MET D 164 36.48 10.99 43.81
C MET D 164 37.90 11.12 43.28
N ASN D 165 38.37 12.35 43.31
CA ASN D 165 39.59 12.73 42.64
C ASN D 165 40.68 13.17 43.62
N THR D 166 41.93 12.76 43.35
CA THR D 166 43.08 13.20 44.17
C THR D 166 44.42 13.25 43.44
N PHE D 167 45.15 14.31 43.72
CA PHE D 167 46.55 14.46 43.35
C PHE D 167 47.22 14.10 44.61
N SER D 168 47.84 12.94 44.61
CA SER D 168 48.64 12.51 45.73
C SER D 168 50.09 12.38 45.30
N VAL D 169 50.98 12.89 46.12
CA VAL D 169 52.36 12.96 45.74
C VAL D 169 53.19 11.81 46.33
N MET D 170 53.25 10.70 45.60
CA MET D 170 54.09 9.55 45.99
C MET D 170 55.58 9.92 46.18
N PRO D 171 56.14 9.67 47.38
CA PRO D 171 57.45 10.21 47.78
C PRO D 171 58.67 9.31 47.60
N SER D 172 59.85 9.93 47.64
CA SER D 172 61.10 9.29 47.27
C SER D 172 62.22 9.42 48.32
N PRO D 173 63.25 8.58 48.24
CA PRO D 173 64.37 8.63 49.19
C PRO D 173 65.31 9.85 49.06
N LYS D 174 65.19 10.64 48.00
CA LYS D 174 65.96 11.89 47.87
C LYS D 174 64.91 12.97 47.85
N VAL D 175 65.19 14.11 48.49
CA VAL D 175 64.12 15.13 48.76
C VAL D 175 62.90 14.57 49.55
N SER D 176 63.22 14.28 50.82
CA SER D 176 62.31 13.76 51.82
C SER D 176 63.16 13.74 53.10
N ASP D 177 62.58 13.20 54.18
CA ASP D 177 63.09 13.43 55.53
C ASP D 177 62.86 12.23 56.48
N THR D 178 61.61 11.77 56.51
CA THR D 178 61.18 10.67 57.36
C THR D 178 61.55 9.33 56.75
N VAL D 179 62.62 8.75 57.29
CA VAL D 179 62.96 7.35 57.10
C VAL D 179 61.71 6.49 56.83
N VAL D 180 60.56 6.92 57.38
CA VAL D 180 59.33 6.12 57.46
C VAL D 180 58.45 6.11 56.22
N GLU D 181 58.59 7.10 55.36
CA GLU D 181 57.61 7.38 54.29
C GLU D 181 57.03 6.20 53.51
N PRO D 182 57.88 5.25 53.09
CA PRO D 182 57.41 3.99 52.51
C PRO D 182 56.17 3.46 53.23
N TYR D 183 56.32 3.26 54.55
CA TYR D 183 55.26 2.83 55.44
C TYR D 183 54.01 3.67 55.16
N ASN D 184 54.15 4.97 55.35
CA ASN D 184 53.04 5.90 55.28
C ASN D 184 52.36 5.75 53.95
N ALA D 185 53.18 5.76 52.90
CA ALA D 185 52.67 5.72 51.52
C ALA D 185 51.87 4.45 51.17
N THR D 186 52.51 3.31 51.44
CA THR D 186 51.91 1.99 51.22
C THR D 186 50.54 1.93 51.85
N LEU D 187 50.47 2.34 53.12
CA LEU D 187 49.24 2.37 53.93
C LEU D 187 48.13 3.17 53.28
N SER D 188 48.56 4.22 52.57
CA SER D 188 47.66 5.12 51.88
C SER D 188 47.28 4.59 50.47
N VAL D 189 48.30 4.02 49.82
CA VAL D 189 48.19 3.41 48.51
C VAL D 189 47.03 2.42 48.51
N HIS D 190 47.09 1.49 49.47
CA HIS D 190 45.98 0.62 49.87
C HIS D 190 44.67 1.42 49.94
N GLN D 191 44.64 2.41 50.82
CA GLN D 191 43.42 3.18 51.05
C GLN D 191 42.82 3.76 49.75
N LEU D 192 43.71 4.34 48.93
CA LEU D 192 43.33 5.00 47.67
C LEU D 192 42.71 4.02 46.67
N VAL D 193 43.47 2.94 46.38
CA VAL D 193 43.03 1.90 45.47
C VAL D 193 41.55 1.52 45.68
N GLU D 194 41.04 1.64 46.91
CA GLU D 194 39.71 1.13 47.27
C GLU D 194 38.66 2.21 47.18
N ASN D 195 39.10 3.45 47.39
CA ASN D 195 38.17 4.56 47.67
C ASN D 195 38.16 5.81 46.73
N THR D 196 39.03 5.83 45.72
CA THR D 196 39.04 6.93 44.74
C THR D 196 38.66 6.42 43.37
N ASP D 197 38.38 7.35 42.48
CA ASP D 197 37.89 6.98 41.17
C ASP D 197 39.02 7.26 40.18
N GLU D 198 39.81 8.30 40.47
CA GLU D 198 41.07 8.61 39.78
C GLU D 198 42.05 9.23 40.75
N THR D 199 43.30 8.81 40.61
CA THR D 199 44.40 9.44 41.34
C THR D 199 45.57 9.80 40.39
N TYR D 200 45.87 11.09 40.34
CA TYR D 200 47.03 11.52 39.61
C TYR D 200 48.21 11.15 40.48
N SER D 201 49.15 10.40 39.90
CA SER D 201 50.36 10.02 40.58
C SER D 201 51.45 11.02 40.24
N ILE D 202 51.64 12.00 41.12
CA ILE D 202 52.79 12.89 41.00
C ILE D 202 54.01 12.42 41.87
N ASP D 203 55.10 12.03 41.20
CA ASP D 203 56.27 11.52 41.89
C ASP D 203 57.19 12.68 42.20
N ASN D 204 57.66 12.74 43.43
CA ASN D 204 58.65 13.75 43.77
C ASN D 204 59.96 13.38 43.12
N GLU D 205 60.20 12.08 42.99
CA GLU D 205 61.36 11.55 42.29
C GLU D 205 61.45 12.03 40.85
N ALA D 206 60.31 12.09 40.19
CA ALA D 206 60.27 12.63 38.85
C ALA D 206 60.54 14.11 38.99
N LEU D 207 59.73 14.72 39.85
CA LEU D 207 59.65 16.16 39.97
C LEU D 207 61.03 16.76 40.16
N TYR D 208 61.77 16.21 41.11
CA TYR D 208 63.15 16.62 41.37
C TYR D 208 64.03 16.35 40.16
N ASP D 209 63.74 15.27 39.44
CA ASP D 209 64.57 14.92 38.30
C ASP D 209 64.43 15.90 37.14
N ILE D 210 63.17 16.19 36.78
CA ILE D 210 62.85 17.24 35.80
C ILE D 210 63.59 18.58 36.05
N CYS D 211 64.06 18.84 37.27
CA CYS D 211 64.68 20.14 37.63
C CYS D 211 66.17 20.15 37.39
N PHE D 212 66.79 19.01 37.66
CA PHE D 212 68.24 18.90 37.75
C PHE D 212 68.76 18.11 36.56
N ARG D 213 67.89 17.23 36.04
CA ARG D 213 68.23 16.39 34.88
C ARG D 213 68.01 17.22 33.63
N THR D 214 67.07 18.16 33.74
CA THR D 214 66.68 19.03 32.65
C THR D 214 66.17 20.39 33.13
N LEU D 215 67.07 21.31 33.45
CA LEU D 215 66.72 22.68 33.80
C LEU D 215 67.96 23.41 34.28
N LYS D 216 68.88 22.65 34.89
CA LYS D 216 70.08 23.17 35.55
C LYS D 216 69.75 23.77 36.94
N LEU D 217 68.51 23.54 37.42
CA LEU D 217 68.07 23.95 38.77
C LEU D 217 68.83 23.20 39.90
N THR D 218 69.82 23.89 40.48
CA THR D 218 70.83 23.32 41.38
C THR D 218 70.36 22.73 42.72
N THR D 219 69.77 23.58 43.57
CA THR D 219 69.43 23.18 44.93
C THR D 219 67.92 23.27 45.14
N PRO D 220 67.16 22.40 44.46
CA PRO D 220 65.72 22.61 44.26
C PRO D 220 64.91 22.70 45.56
N THR D 221 64.22 23.84 45.74
CA THR D 221 63.38 24.10 46.92
C THR D 221 62.28 23.09 46.92
N TYR D 222 61.44 23.16 47.93
CA TYR D 222 60.08 22.67 47.78
C TYR D 222 59.31 23.66 46.90
N GLY D 223 59.93 24.82 46.68
CA GLY D 223 59.39 25.87 45.82
C GLY D 223 59.41 25.46 44.37
N ASP D 224 60.44 25.90 43.65
CA ASP D 224 60.62 25.41 42.30
C ASP D 224 60.60 23.89 42.41
N LEU D 225 59.60 23.27 41.78
CA LEU D 225 59.29 21.86 42.00
C LEU D 225 57.84 21.78 42.47
N ASN D 226 57.44 22.71 43.33
CA ASN D 226 56.01 22.93 43.56
C ASN D 226 55.46 23.47 42.26
N HIS D 227 56.27 24.30 41.62
CA HIS D 227 55.92 24.99 40.39
C HIS D 227 55.35 24.05 39.31
N LEU D 228 55.99 22.89 39.15
CA LEU D 228 55.55 21.88 38.19
C LEU D 228 54.15 21.39 38.51
N VAL D 229 53.97 20.93 39.73
CA VAL D 229 52.68 20.41 40.17
C VAL D 229 51.51 21.35 39.89
N SER D 230 51.69 22.60 40.32
CA SER D 230 50.75 23.68 40.07
C SER D 230 50.45 23.81 38.58
N ALA D 231 51.50 23.77 37.76
CA ALA D 231 51.31 23.91 36.32
C ALA D 231 50.57 22.71 35.73
N THR D 232 50.96 21.53 36.22
CA THR D 232 50.37 20.27 35.81
C THR D 232 48.88 20.16 36.14
N MET D 233 48.51 20.64 37.31
CA MET D 233 47.13 20.67 37.79
C MET D 233 46.27 21.65 37.00
N SER D 234 46.88 22.75 36.60
CA SER D 234 46.24 23.71 35.73
C SER D 234 45.84 23.00 34.45
N GLY D 235 46.86 22.45 33.78
CA GLY D 235 46.71 21.76 32.52
C GLY D 235 45.68 20.66 32.61
N VAL D 236 45.80 19.86 33.65
CA VAL D 236 44.87 18.79 33.85
C VAL D 236 43.47 19.30 33.96
N THR D 237 43.22 20.33 34.78
CA THR D 237 41.84 20.79 35.04
C THR D 237 41.09 21.52 33.91
N THR D 238 41.79 22.39 33.20
CA THR D 238 41.25 23.19 32.09
C THR D 238 39.85 22.85 31.54
N CYS D 239 39.70 21.66 30.99
CA CYS D 239 38.49 21.26 30.30
C CYS D 239 37.30 21.15 31.23
N LEU D 240 37.58 21.06 32.52
CA LEU D 240 36.53 21.11 33.52
C LEU D 240 36.05 22.56 33.62
N ARG D 241 37.01 23.47 33.48
CA ARG D 241 36.85 24.86 33.89
C ARG D 241 37.13 25.96 32.84
N PHE D 242 36.61 25.80 31.62
CA PHE D 242 36.80 26.84 30.58
C PHE D 242 35.78 26.91 29.42
N PRO D 243 35.86 25.97 28.48
CA PRO D 243 35.42 26.23 27.12
C PRO D 243 33.96 25.88 26.93
N GLY D 244 33.76 24.67 26.38
CA GLY D 244 32.51 24.24 25.78
C GLY D 244 32.85 23.34 24.59
N GLN D 245 34.06 22.73 24.66
CA GLN D 245 34.56 21.69 23.74
C GLN D 245 33.74 20.38 23.89
N LEU D 246 34.13 19.57 24.88
CA LEU D 246 33.33 18.45 25.38
C LEU D 246 32.38 19.12 26.41
N ASN D 247 32.44 18.72 27.68
CA ASN D 247 32.35 19.64 28.84
C ASN D 247 33.02 19.04 30.07
N ALA D 248 33.42 17.77 29.93
CA ALA D 248 34.25 17.02 30.89
C ALA D 248 33.66 16.88 32.31
N ASP D 249 33.02 15.74 32.55
CA ASP D 249 32.26 15.49 33.77
C ASP D 249 33.13 15.09 34.91
N LEU D 250 34.44 14.88 34.66
CA LEU D 250 35.30 14.31 35.67
C LEU D 250 34.77 12.92 35.94
N ARG D 251 33.46 12.74 35.87
CA ARG D 251 32.86 11.42 35.77
C ARG D 251 33.10 10.96 34.36
N LYS D 252 32.61 11.69 33.37
CA LYS D 252 32.90 11.34 31.99
C LYS D 252 34.37 10.91 31.95
N LEU D 253 35.27 11.75 32.50
CA LEU D 253 36.69 11.43 32.50
C LEU D 253 36.97 10.02 33.02
N ALA D 254 36.43 9.70 34.19
CA ALA D 254 36.76 8.44 34.84
C ALA D 254 36.33 7.25 33.99
N VAL D 255 35.02 7.14 33.75
CA VAL D 255 34.46 6.01 33.02
C VAL D 255 35.19 5.74 31.72
N ASN D 256 35.62 6.80 31.05
CA ASN D 256 36.37 6.67 29.83
C ASN D 256 37.83 6.26 30.01
N MET D 257 38.40 6.67 31.13
CA MET D 257 39.80 6.54 31.27
C MET D 257 40.15 5.20 31.86
N VAL D 258 39.23 4.63 32.63
CA VAL D 258 39.59 3.42 33.35
C VAL D 258 38.78 2.20 32.95
N PRO D 259 39.50 1.23 32.35
CA PRO D 259 38.98 -0.10 32.03
C PRO D 259 38.61 -0.89 33.28
N PHE D 260 39.55 -0.96 34.21
CA PHE D 260 39.38 -1.77 35.40
C PHE D 260 39.50 -1.01 36.72
N PRO D 261 38.53 -1.29 37.61
CA PRO D 261 38.12 -0.39 38.70
C PRO D 261 39.29 -0.05 39.59
N ARG D 262 40.08 -1.08 39.80
CA ARG D 262 41.25 -0.98 40.63
C ARG D 262 42.38 -0.06 40.05
N LEU D 263 42.45 0.05 38.71
CA LEU D 263 43.66 0.62 38.08
C LEU D 263 43.62 2.13 37.75
N HIS D 264 42.81 2.90 38.49
CA HIS D 264 42.70 4.37 38.31
C HIS D 264 43.98 5.23 38.61
N PHE D 265 45.13 4.79 38.12
CA PHE D 265 46.36 5.55 38.33
C PHE D 265 46.99 6.13 37.06
N PHE D 266 46.84 7.46 36.97
CA PHE D 266 47.36 8.29 35.89
C PHE D 266 48.75 8.85 36.17
N MET D 267 49.67 8.70 35.23
CA MET D 267 50.83 9.58 35.25
C MET D 267 50.55 10.75 34.36
N PRO D 268 50.67 11.95 34.90
CA PRO D 268 50.51 13.18 34.10
C PRO D 268 51.84 13.61 33.49
N GLY D 269 51.83 14.73 32.78
CA GLY D 269 53.00 15.20 32.07
C GLY D 269 52.70 16.52 31.39
N PHE D 270 53.76 17.34 31.26
CA PHE D 270 53.60 18.71 30.77
C PHE D 270 54.42 19.08 29.54
N ALA D 271 53.97 20.17 28.89
CA ALA D 271 54.58 20.71 27.68
C ALA D 271 55.94 21.45 27.91
N PRO D 272 55.89 22.80 28.00
CA PRO D 272 57.07 23.59 28.41
C PRO D 272 57.22 23.80 29.94
N LEU D 273 58.43 24.10 30.39
CA LEU D 273 58.73 24.07 31.82
C LEU D 273 59.84 25.02 32.26
N THR D 274 59.67 25.60 33.46
CA THR D 274 60.69 26.38 34.24
C THR D 274 60.06 27.59 35.01
N SER D 275 60.90 28.37 35.71
CA SER D 275 60.55 29.70 36.27
C SER D 275 61.66 30.73 36.06
N LEU D 284 58.38 25.94 21.22
CA LEU D 284 57.08 25.31 21.39
C LEU D 284 56.31 25.50 20.11
N THR D 285 56.00 24.39 19.43
CA THR D 285 55.64 24.42 18.00
C THR D 285 54.39 23.63 17.55
N VAL D 286 53.96 22.67 18.38
CA VAL D 286 52.95 21.63 18.12
C VAL D 286 53.64 20.26 17.98
N PRO D 287 54.39 19.99 16.89
CA PRO D 287 55.23 18.78 16.82
C PRO D 287 56.16 18.67 18.01
N GLU D 288 57.05 19.66 18.18
CA GLU D 288 57.97 19.75 19.31
C GLU D 288 57.21 19.81 20.63
N LEU D 289 55.90 20.04 20.53
CA LEU D 289 55.04 20.03 21.69
C LEU D 289 54.49 18.64 21.94
N THR D 290 54.35 17.85 20.89
CA THR D 290 53.71 16.57 21.03
C THR D 290 54.63 15.51 21.58
N GLN D 291 55.79 15.32 20.97
CA GLN D 291 56.71 14.34 21.51
C GLN D 291 57.43 14.82 22.79
N GLN D 292 57.21 16.08 23.20
CA GLN D 292 57.74 16.55 24.51
C GLN D 292 56.76 16.16 25.63
N MET D 293 55.53 15.91 25.23
CA MET D 293 54.50 15.59 26.19
C MET D 293 54.40 14.09 26.31
N PHE D 294 54.91 13.41 25.29
CA PHE D 294 54.90 11.96 25.27
C PHE D 294 56.28 11.42 25.53
N ASP D 295 57.19 12.30 25.94
CA ASP D 295 58.54 11.90 26.34
C ASP D 295 58.52 11.41 27.78
N SER D 296 59.30 10.35 28.01
CA SER D 296 59.39 9.71 29.31
C SER D 296 59.99 10.69 30.29
N LYS D 297 61.25 11.04 30.01
CA LYS D 297 62.01 12.08 30.70
C LYS D 297 61.18 13.39 30.96
N ASN D 298 59.87 13.35 30.69
CA ASN D 298 58.98 14.51 30.78
C ASN D 298 57.57 14.15 31.35
N MET D 299 57.52 13.01 32.03
CA MET D 299 56.33 12.54 32.75
C MET D 299 56.31 13.16 34.15
N MET D 300 55.14 13.18 34.77
CA MET D 300 55.02 13.66 36.13
C MET D 300 55.28 12.58 37.18
N ALA D 301 55.11 11.31 36.78
CA ALA D 301 55.50 10.17 37.62
C ALA D 301 56.86 9.59 37.19
N ALA D 302 57.57 9.00 38.15
CA ALA D 302 58.83 8.32 37.85
C ALA D 302 58.58 6.88 37.34
N CYS D 303 58.27 6.78 36.05
CA CYS D 303 58.35 5.53 35.32
C CYS D 303 58.89 5.93 33.95
N ASP D 304 58.97 4.96 33.04
CA ASP D 304 59.32 5.24 31.65
C ASP D 304 58.26 4.55 30.83
N PRO D 305 57.24 5.32 30.43
CA PRO D 305 56.22 4.86 29.48
C PRO D 305 56.80 4.12 28.26
N ARG D 306 57.79 3.28 28.55
CA ARG D 306 58.38 2.35 27.61
C ARG D 306 58.04 0.94 28.09
N HIS D 307 58.71 0.48 29.15
CA HIS D 307 58.32 -0.77 29.84
C HIS D 307 56.90 -0.59 30.45
N GLY D 308 55.92 -1.10 29.73
CA GLY D 308 54.55 -0.83 30.07
C GLY D 308 53.92 0.05 29.02
N ARG D 309 52.82 -0.48 28.50
CA ARG D 309 52.01 0.16 27.47
C ARG D 309 50.93 1.10 28.03
N TYR D 310 50.33 1.88 27.15
CA TYR D 310 49.31 2.80 27.58
C TYR D 310 48.01 2.08 27.48
N LEU D 311 47.26 2.11 28.58
CA LEU D 311 45.89 1.64 28.58
C LEU D 311 45.04 2.62 27.79
N THR D 312 44.88 3.83 28.33
CA THR D 312 44.19 4.89 27.62
C THR D 312 44.84 6.22 27.99
N VAL D 313 44.79 7.17 27.06
CA VAL D 313 45.41 8.47 27.28
C VAL D 313 44.53 9.61 26.80
N ALA D 314 44.27 10.55 27.69
CA ALA D 314 43.64 11.80 27.32
C ALA D 314 44.73 12.86 27.23
N ALA D 315 44.62 13.76 26.25
CA ALA D 315 45.56 14.88 26.20
C ALA D 315 44.90 16.20 25.82
N VAL D 316 45.53 17.29 26.27
CA VAL D 316 44.94 18.63 26.17
C VAL D 316 45.95 19.79 25.86
N PHE D 317 45.64 20.50 24.77
CA PHE D 317 46.51 21.50 24.14
C PHE D 317 45.98 22.90 24.39
N ARG D 318 46.87 23.82 24.68
CA ARG D 318 46.45 25.19 24.96
C ARG D 318 47.01 26.28 24.06
N GLY D 319 46.12 27.15 23.58
CA GLY D 319 46.50 28.34 22.83
C GLY D 319 46.16 28.36 21.34
N ARG D 320 45.44 29.41 20.91
CA ARG D 320 44.96 29.53 19.53
C ARG D 320 46.06 29.10 18.54
N MET D 321 45.92 27.86 18.05
CA MET D 321 46.70 27.34 16.93
C MET D 321 45.84 26.28 16.26
N SER D 322 45.97 26.09 14.93
CA SER D 322 45.07 25.19 14.19
C SER D 322 45.26 23.72 14.56
N MET D 323 44.15 23.10 15.00
CA MET D 323 44.15 21.71 15.42
C MET D 323 44.18 20.74 14.23
N LYS D 324 43.95 21.26 13.02
CA LYS D 324 44.18 20.52 11.78
C LYS D 324 45.59 19.94 11.77
N GLU D 325 46.47 20.58 12.55
CA GLU D 325 47.80 20.07 12.82
C GLU D 325 47.86 19.18 14.08
N VAL D 326 47.08 19.50 15.10
CA VAL D 326 47.07 18.68 16.33
C VAL D 326 46.61 17.24 16.05
N ASP D 327 45.63 17.08 15.16
CA ASP D 327 45.15 15.77 14.72
C ASP D 327 46.29 15.05 14.04
N GLU D 328 46.81 15.71 13.01
CA GLU D 328 47.88 15.22 12.16
C GLU D 328 49.10 14.72 12.96
N GLN D 329 49.36 15.32 14.12
CA GLN D 329 50.50 14.95 14.94
C GLN D 329 50.14 13.88 15.97
N MET D 330 49.00 14.06 16.64
CA MET D 330 48.46 13.08 17.58
C MET D 330 48.39 11.73 16.89
N LEU D 331 47.71 11.72 15.76
CA LEU D 331 47.62 10.56 14.88
C LEU D 331 48.97 9.99 14.49
N ASN D 332 50.01 10.83 14.50
CA ASN D 332 51.33 10.37 14.15
C ASN D 332 51.94 9.52 15.24
N VAL D 333 51.94 10.03 16.47
CA VAL D 333 52.60 9.28 17.56
C VAL D 333 51.87 7.98 17.94
N GLN D 334 50.69 7.73 17.35
CA GLN D 334 50.07 6.41 17.44
C GLN D 334 50.52 5.46 16.31
N ASN D 335 51.64 5.80 15.67
CA ASN D 335 52.20 5.02 14.59
C ASN D 335 53.69 4.99 14.76
N LYS D 336 54.25 6.16 15.06
CA LYS D 336 55.63 6.27 15.47
C LYS D 336 55.85 5.53 16.80
N ASN D 337 54.73 5.22 17.49
CA ASN D 337 54.75 4.37 18.68
C ASN D 337 53.65 3.27 18.64
N SER D 338 52.96 3.13 17.50
CA SER D 338 51.86 2.16 17.29
C SER D 338 51.85 0.92 18.21
N SER D 339 53.03 0.34 18.44
CA SER D 339 53.19 -0.76 19.39
C SER D 339 52.55 -0.45 20.75
N TYR D 340 52.96 0.67 21.36
CA TYR D 340 52.68 0.97 22.78
C TYR D 340 51.31 1.56 23.13
N PHE D 341 50.28 1.13 22.40
CA PHE D 341 48.91 1.33 22.84
C PHE D 341 48.16 0.03 22.63
N VAL D 342 47.98 -0.69 23.72
CA VAL D 342 47.05 -1.81 23.80
C VAL D 342 46.00 -1.81 22.65
N GLU D 343 46.03 -2.86 21.82
CA GLU D 343 45.12 -2.95 20.68
C GLU D 343 43.69 -3.35 21.08
N TRP D 344 43.49 -3.77 22.33
CA TRP D 344 42.18 -4.32 22.73
C TRP D 344 41.17 -3.29 23.22
N ILE D 345 41.64 -2.09 23.54
CA ILE D 345 40.78 -0.91 23.64
C ILE D 345 40.99 -0.15 22.32
N PRO D 346 39.93 0.01 21.51
CA PRO D 346 40.05 0.71 20.23
C PRO D 346 40.54 2.13 20.45
N ASN D 347 39.86 3.12 19.89
CA ASN D 347 40.42 4.48 19.80
C ASN D 347 40.72 5.16 21.14
N ASN D 348 41.82 4.69 21.76
CA ASN D 348 42.12 4.91 23.18
C ASN D 348 42.96 6.14 23.45
N VAL D 349 43.15 6.96 22.42
CA VAL D 349 43.65 8.32 22.61
C VAL D 349 42.62 9.28 22.10
N LYS D 350 42.14 10.17 22.97
CA LYS D 350 41.33 11.33 22.57
C LYS D 350 42.12 12.58 22.99
N THR D 351 42.03 13.64 22.20
CA THR D 351 42.67 14.90 22.59
C THR D 351 41.76 16.03 22.32
N ALA D 352 41.93 17.06 23.12
CA ALA D 352 41.13 18.29 23.00
C ALA D 352 42.03 19.52 23.09
N VAL D 353 41.43 20.65 22.72
CA VAL D 353 42.14 21.88 22.46
C VAL D 353 41.41 23.02 23.16
N CYS D 354 42.17 23.77 23.94
CA CYS D 354 41.64 25.01 24.49
C CYS D 354 42.52 26.18 24.13
N ASP D 355 41.87 27.23 23.60
CA ASP D 355 42.56 28.35 22.94
C ASP D 355 42.77 29.56 23.84
N ILE D 356 43.11 29.32 25.10
CA ILE D 356 43.42 30.42 26.01
C ILE D 356 44.59 30.08 26.97
N PRO D 357 45.82 30.53 26.61
CA PRO D 357 47.08 30.06 27.21
C PRO D 357 47.15 30.16 28.76
N PRO D 358 48.11 29.48 29.40
CA PRO D 358 48.30 29.59 30.87
C PRO D 358 48.98 30.92 31.30
N ARG D 359 49.41 31.04 32.56
CA ARG D 359 50.30 32.14 33.00
C ARG D 359 51.59 32.10 32.14
N GLY D 360 51.96 33.23 31.53
CA GLY D 360 52.99 33.24 30.49
C GLY D 360 52.65 32.36 29.30
N LEU D 361 53.64 32.01 28.48
CA LEU D 361 53.54 30.95 27.44
C LEU D 361 52.46 31.10 26.33
N LYS D 362 52.93 31.16 25.07
CA LYS D 362 52.02 31.26 23.91
C LYS D 362 51.30 29.92 23.62
N MET D 363 52.01 28.83 23.84
CA MET D 363 51.57 27.48 23.49
C MET D 363 51.97 26.47 24.60
N SER D 364 51.01 25.67 25.05
CA SER D 364 51.24 24.63 26.07
C SER D 364 50.63 23.31 25.63
N ALA D 365 50.87 22.27 26.42
CA ALA D 365 50.08 21.04 26.31
C ALA D 365 50.28 20.14 27.52
N THR D 366 49.25 19.31 27.76
CA THR D 366 49.25 18.45 28.93
C THR D 366 48.70 17.03 28.65
N PHE D 367 49.29 16.08 29.38
CA PHE D 367 49.17 14.65 29.12
C PHE D 367 48.58 13.91 30.33
N ILE D 368 47.51 13.17 30.10
CA ILE D 368 46.96 12.36 31.19
C ILE D 368 47.13 10.90 30.82
N GLY D 369 47.71 10.10 31.71
CA GLY D 369 48.15 8.78 31.30
C GLY D 369 47.96 7.52 32.14
N ASN D 370 46.90 6.77 31.81
CA ASN D 370 46.70 5.41 32.34
C ASN D 370 47.73 4.36 31.84
N SER D 371 48.99 4.48 32.26
CA SER D 371 49.99 3.54 31.77
C SER D 371 50.30 2.49 32.82
N THR D 372 50.56 1.26 32.38
CA THR D 372 50.99 0.21 33.28
C THR D 372 52.45 0.44 33.60
N ALA D 373 53.03 1.49 33.01
CA ALA D 373 54.38 1.94 33.36
C ALA D 373 54.43 2.29 34.84
N ILE D 374 53.25 2.73 35.33
CA ILE D 374 52.97 3.07 36.74
C ILE D 374 53.41 1.99 37.73
N GLN D 375 53.24 0.73 37.31
CA GLN D 375 53.66 -0.46 38.05
C GLN D 375 55.05 -0.23 38.57
N GLU D 376 55.87 0.45 37.76
CA GLU D 376 57.26 0.77 38.09
C GLU D 376 57.39 1.51 39.42
N LEU D 377 56.50 2.50 39.58
CA LEU D 377 56.43 3.37 40.76
C LEU D 377 56.11 2.56 42.03
N PHE D 378 54.88 1.98 42.07
CA PHE D 378 54.44 1.11 43.17
C PHE D 378 55.53 0.09 43.60
N LYS D 379 55.96 -0.71 42.62
CA LYS D 379 57.00 -1.70 42.79
C LYS D 379 58.23 -1.15 43.51
N ARG D 380 58.59 0.11 43.23
CA ARG D 380 59.81 0.63 43.81
C ARG D 380 59.65 1.05 45.26
N ILE D 381 58.43 1.47 45.64
CA ILE D 381 58.14 1.79 47.04
C ILE D 381 57.97 0.52 47.88
N SER D 382 57.19 -0.43 47.35
CA SER D 382 56.94 -1.70 48.04
C SER D 382 58.23 -2.52 48.22
N GLU D 383 59.32 -2.04 47.61
CA GLU D 383 60.61 -2.71 47.59
C GLU D 383 61.57 -2.13 48.64
N GLN D 384 61.31 -0.88 49.03
CA GLN D 384 61.93 -0.30 50.22
C GLN D 384 60.95 -0.39 51.42
N PHE D 385 59.73 -0.85 51.16
CA PHE D 385 58.80 -1.16 52.24
C PHE D 385 59.09 -2.54 52.86
N THR D 386 59.08 -3.60 52.03
CA THR D 386 59.32 -4.99 52.48
C THR D 386 60.78 -5.16 52.84
N ALA D 387 61.58 -4.18 52.41
CA ALA D 387 62.96 -4.00 52.82
C ALA D 387 63.04 -3.41 54.24
N MET D 388 61.94 -2.87 54.72
CA MET D 388 61.91 -2.27 56.04
C MET D 388 61.06 -3.09 57.02
N PHE D 389 59.85 -3.44 56.60
CA PHE D 389 58.96 -4.31 57.39
C PHE D 389 59.63 -5.64 57.64
N ARG D 390 60.71 -5.90 56.89
CA ARG D 390 61.69 -6.98 57.11
C ARG D 390 61.72 -7.42 58.57
N ARG D 391 62.82 -7.12 59.26
CA ARG D 391 62.97 -7.42 60.68
C ARG D 391 62.13 -6.45 61.52
N LYS D 392 60.93 -6.13 61.02
CA LYS D 392 59.98 -5.15 61.59
C LYS D 392 60.77 -3.95 62.15
N ALA D 393 61.11 -3.03 61.26
CA ALA D 393 61.81 -1.81 61.66
C ALA D 393 60.86 -0.84 62.37
N PHE D 394 60.92 0.45 62.04
CA PHE D 394 60.31 1.53 62.84
C PHE D 394 58.86 1.33 63.28
N LEU D 395 58.30 0.21 62.86
CA LEU D 395 56.93 -0.17 63.13
C LEU D 395 56.41 0.17 64.53
N HIS D 396 57.25 0.03 65.54
CA HIS D 396 56.79 0.27 66.89
C HIS D 396 56.17 1.66 67.09
N TRP D 397 56.40 2.59 66.16
CA TRP D 397 55.75 3.90 66.22
C TRP D 397 54.26 3.81 65.93
N TYR D 398 53.87 2.76 65.24
CA TYR D 398 52.48 2.51 64.82
C TYR D 398 51.85 1.43 65.71
N THR D 399 52.56 0.32 65.89
CA THR D 399 52.19 -0.72 66.85
C THR D 399 51.58 -0.06 68.08
N GLY D 400 52.33 0.89 68.61
CA GLY D 400 52.03 1.54 69.87
C GLY D 400 50.82 2.46 69.85
N GLU D 401 50.47 3.04 68.69
CA GLU D 401 49.35 3.97 68.63
C GLU D 401 48.03 3.24 68.51
N GLY D 402 48.11 1.90 68.52
CA GLY D 402 46.94 1.05 68.54
C GLY D 402 46.67 0.38 67.21
N MET D 403 47.71 0.25 66.39
CA MET D 403 47.56 -0.37 65.09
C MET D 403 48.05 -1.81 65.12
N ASP D 404 47.57 -2.59 64.15
CA ASP D 404 47.89 -4.00 64.14
C ASP D 404 49.16 -4.39 63.37
N GLU D 405 49.89 -5.31 63.99
CA GLU D 405 51.02 -5.98 63.38
C GLU D 405 50.73 -6.39 61.91
N MET D 406 49.64 -7.11 61.71
CA MET D 406 49.31 -7.70 60.41
C MET D 406 48.65 -6.72 59.40
N GLU D 407 48.20 -5.56 59.87
CA GLU D 407 47.54 -4.56 59.00
C GLU D 407 48.53 -4.07 57.97
N PHE D 408 49.79 -3.97 58.38
CA PHE D 408 50.89 -3.64 57.49
C PHE D 408 51.02 -4.69 56.36
N THR D 409 51.25 -5.96 56.72
CA THR D 409 51.31 -7.03 55.73
C THR D 409 50.02 -7.07 54.89
N GLU D 410 48.90 -6.70 55.51
CA GLU D 410 47.58 -6.71 54.87
C GLU D 410 47.43 -5.62 53.81
N ALA D 411 48.34 -4.63 53.85
CA ALA D 411 48.42 -3.55 52.86
C ALA D 411 49.48 -3.87 51.80
N GLU D 412 50.68 -4.23 52.26
CA GLU D 412 51.68 -4.88 51.42
C GLU D 412 51.00 -5.79 50.40
N SER D 413 50.41 -6.88 50.90
CA SER D 413 49.66 -7.87 50.11
C SER D 413 48.70 -7.27 49.10
N ASN D 414 47.88 -6.31 49.55
CA ASN D 414 46.90 -5.62 48.70
C ASN D 414 47.51 -4.75 47.60
N MET D 415 48.55 -4.01 47.95
CA MET D 415 49.34 -3.29 46.99
C MET D 415 50.06 -4.26 46.06
N ASN D 416 50.80 -5.22 46.64
CA ASN D 416 51.50 -6.23 45.87
C ASN D 416 50.65 -6.87 44.79
N ASP D 417 49.34 -6.88 45.00
CA ASP D 417 48.38 -7.31 43.99
C ASP D 417 48.38 -6.36 42.81
N LEU D 418 48.03 -5.10 43.10
CA LEU D 418 47.91 -4.04 42.10
C LEU D 418 49.12 -3.94 41.18
N VAL D 419 50.29 -4.27 41.71
CA VAL D 419 51.49 -4.47 40.91
C VAL D 419 51.21 -5.55 39.84
N SER D 420 50.79 -6.72 40.30
CA SER D 420 50.67 -7.90 39.46
C SER D 420 49.35 -7.96 38.73
N GLU D 421 48.73 -6.80 38.56
CA GLU D 421 47.48 -6.66 37.82
C GLU D 421 47.74 -5.81 36.60
N TYR D 422 48.58 -4.79 36.80
CA TYR D 422 49.18 -4.00 35.72
C TYR D 422 50.06 -4.90 34.83
N GLN D 423 50.81 -5.79 35.48
CA GLN D 423 51.61 -6.85 34.84
C GLN D 423 50.70 -7.78 34.04
N GLN D 424 49.60 -8.15 34.67
CA GLN D 424 48.55 -8.96 34.08
C GLN D 424 47.99 -8.33 32.81
N TYR D 425 48.00 -7.01 32.73
CA TYR D 425 47.56 -6.34 31.52
C TYR D 425 48.77 -5.88 30.72
N GLN D 426 49.27 -6.82 29.94
CA GLN D 426 50.23 -6.61 28.89
C GLN D 426 50.04 -7.91 28.12
N ASP D 427 48.86 -7.94 27.46
CA ASP D 427 48.11 -9.15 27.12
C ASP D 427 48.09 -9.58 25.64
N ALA D 428 46.97 -9.41 24.94
CA ALA D 428 46.86 -9.85 23.56
C ALA D 428 45.58 -9.35 22.93
N ALA E 1 -50.11 -33.95 -65.75
CA ALA E 1 -49.86 -34.79 -66.97
C ALA E 1 -51.13 -35.20 -67.78
N ASP E 2 -52.31 -34.69 -67.37
CA ASP E 2 -53.70 -34.92 -67.92
C ASP E 2 -54.74 -35.59 -66.94
N MET E 3 -55.56 -34.72 -66.33
CA MET E 3 -55.97 -34.77 -64.90
C MET E 3 -56.88 -35.85 -64.27
N GLU E 4 -58.19 -35.72 -64.49
CA GLU E 4 -59.24 -36.24 -63.60
C GLU E 4 -59.09 -35.63 -62.21
N VAL E 5 -60.11 -34.86 -61.80
CA VAL E 5 -60.07 -34.06 -60.57
C VAL E 5 -61.39 -34.11 -59.79
N ILE E 6 -61.39 -34.74 -58.62
CA ILE E 6 -62.55 -34.76 -57.72
C ILE E 6 -62.80 -33.32 -57.31
N GLU E 7 -63.91 -33.03 -56.65
CA GLU E 7 -64.22 -31.63 -56.27
C GLU E 7 -65.06 -31.47 -55.01
N LEU E 8 -64.42 -31.38 -53.84
CA LEU E 8 -65.12 -31.03 -52.60
C LEU E 8 -65.50 -29.55 -52.65
N ASN E 9 -66.60 -29.18 -52.00
CA ASN E 9 -66.87 -27.77 -51.65
C ASN E 9 -67.01 -26.69 -52.79
N LYS E 10 -68.23 -26.26 -53.06
CA LYS E 10 -68.45 -24.97 -53.71
C LYS E 10 -68.97 -24.10 -52.59
N CYS E 11 -68.52 -22.84 -52.57
CA CYS E 11 -68.77 -21.95 -51.45
C CYS E 11 -69.34 -20.58 -51.81
N THR E 12 -69.58 -19.75 -50.80
CA THR E 12 -70.10 -18.40 -51.01
C THR E 12 -69.16 -17.62 -51.93
N SER E 13 -67.95 -17.40 -51.40
CA SER E 13 -66.90 -16.71 -52.09
C SER E 13 -65.66 -17.62 -52.14
N GLY E 14 -65.82 -18.82 -52.72
CA GLY E 14 -64.72 -19.77 -52.88
C GLY E 14 -65.00 -21.08 -53.60
N GLN E 15 -63.96 -21.82 -53.94
CA GLN E 15 -64.07 -23.16 -54.54
C GLN E 15 -62.89 -24.05 -54.13
N SER E 16 -63.15 -25.32 -53.79
CA SER E 16 -62.10 -26.30 -53.48
C SER E 16 -62.21 -27.42 -54.47
N PHE E 17 -61.24 -28.34 -54.45
CA PHE E 17 -61.22 -29.49 -55.35
C PHE E 17 -59.86 -30.09 -55.29
N GLU E 18 -59.77 -31.36 -54.99
CA GLU E 18 -58.46 -32.00 -55.10
C GLU E 18 -58.14 -32.29 -56.57
N VAL E 19 -56.90 -32.64 -56.86
CA VAL E 19 -56.60 -33.16 -58.19
C VAL E 19 -55.57 -34.32 -58.13
N ILE E 20 -56.00 -35.51 -57.67
CA ILE E 20 -55.17 -36.73 -57.63
C ILE E 20 -54.69 -36.97 -59.04
N LEU E 21 -53.39 -37.07 -59.23
CA LEU E 21 -52.84 -37.03 -60.59
C LEU E 21 -52.20 -38.36 -61.11
N LYS E 22 -51.53 -39.09 -60.22
CA LYS E 22 -51.02 -40.43 -60.51
C LYS E 22 -51.28 -41.38 -59.32
N PRO E 23 -52.07 -42.43 -59.53
CA PRO E 23 -52.48 -43.35 -58.44
C PRO E 23 -51.47 -43.53 -57.29
N PRO E 24 -51.97 -43.51 -56.04
CA PRO E 24 -51.14 -43.64 -54.81
C PRO E 24 -50.04 -44.72 -54.84
N SER E 25 -50.39 -45.92 -55.29
CA SER E 25 -49.44 -46.96 -55.69
C SER E 25 -48.44 -47.45 -54.64
N PHE E 26 -48.90 -48.42 -53.85
CA PHE E 26 -48.12 -49.04 -52.80
C PHE E 26 -49.00 -50.02 -52.02
N ASP E 27 -48.66 -50.16 -50.74
CA ASP E 27 -49.40 -50.98 -49.79
C ASP E 27 -50.23 -50.06 -48.90
N PRO E 42 -51.25 -38.61 -25.17
CA PRO E 42 -51.67 -38.80 -23.77
C PRO E 42 -51.04 -37.79 -22.78
N SER E 43 -51.33 -36.48 -22.95
CA SER E 43 -50.53 -35.35 -22.39
C SER E 43 -50.73 -34.83 -20.90
N LEU E 44 -51.65 -35.47 -20.14
CA LEU E 44 -52.19 -35.01 -18.81
C LEU E 44 -51.26 -34.28 -17.78
N GLU E 45 -51.88 -33.78 -16.69
CA GLU E 45 -51.35 -32.65 -15.85
C GLU E 45 -50.35 -32.93 -14.72
N GLU E 46 -50.79 -33.51 -13.59
CA GLU E 46 -49.95 -33.73 -12.37
C GLU E 46 -48.71 -32.81 -12.16
N ILE E 47 -47.83 -32.87 -13.15
CA ILE E 47 -46.55 -32.18 -13.24
C ILE E 47 -46.60 -30.67 -13.63
N GLN E 48 -46.98 -29.90 -12.64
CA GLN E 48 -46.37 -28.61 -12.46
C GLN E 48 -45.55 -28.81 -11.15
N LYS E 49 -45.65 -30.03 -10.61
CA LYS E 49 -44.80 -30.51 -9.52
C LYS E 49 -43.44 -30.89 -10.08
N LYS E 50 -43.22 -30.55 -11.36
CA LYS E 50 -41.90 -30.48 -11.95
C LYS E 50 -41.36 -29.08 -11.75
N LEU E 51 -42.13 -28.07 -12.14
CA LEU E 51 -41.68 -26.67 -12.08
C LEU E 51 -41.63 -26.00 -10.67
N GLU E 52 -41.87 -26.81 -9.63
CA GLU E 52 -41.44 -26.46 -8.26
C GLU E 52 -40.18 -27.21 -7.81
N ALA E 53 -40.03 -28.46 -8.20
CA ALA E 53 -38.79 -29.19 -7.96
C ALA E 53 -37.58 -28.57 -8.71
N ALA E 54 -37.84 -27.60 -9.58
CA ALA E 54 -36.79 -26.81 -10.23
C ALA E 54 -36.56 -25.56 -9.41
N GLU E 55 -37.61 -25.15 -8.73
CA GLU E 55 -37.56 -24.02 -7.81
C GLU E 55 -36.96 -24.46 -6.51
N GLU E 56 -36.98 -25.77 -6.24
CA GLU E 56 -36.28 -26.28 -5.07
C GLU E 56 -34.82 -26.60 -5.39
N ARG E 57 -34.32 -26.00 -6.47
CA ARG E 57 -32.91 -26.06 -6.79
C ARG E 57 -32.40 -24.63 -6.79
N ARG E 58 -33.08 -23.78 -7.55
CA ARG E 58 -32.77 -22.35 -7.59
C ARG E 58 -32.78 -21.76 -6.18
N LYS E 59 -33.27 -22.56 -5.24
CA LYS E 59 -33.21 -22.17 -3.87
C LYS E 59 -31.97 -22.77 -3.23
N TYR E 60 -31.79 -24.08 -3.37
CA TYR E 60 -30.68 -24.79 -2.73
C TYR E 60 -29.35 -24.27 -3.22
N GLN E 61 -29.34 -23.76 -4.45
CA GLN E 61 -28.14 -23.19 -5.08
C GLN E 61 -27.87 -21.75 -4.62
N GLU E 62 -28.93 -20.95 -4.47
CA GLU E 62 -28.84 -19.59 -3.92
C GLU E 62 -28.69 -19.67 -2.39
N ALA E 63 -29.63 -20.34 -1.73
CA ALA E 63 -29.61 -20.46 -0.28
C ALA E 63 -28.35 -21.17 0.22
N GLU E 64 -27.38 -21.39 -0.67
CA GLU E 64 -26.06 -21.85 -0.26
C GLU E 64 -24.92 -20.83 -0.55
N LEU E 65 -24.87 -20.27 -1.78
CA LEU E 65 -23.93 -19.18 -2.11
C LEU E 65 -24.44 -17.91 -1.42
N LEU E 66 -25.08 -18.16 -0.28
CA LEU E 66 -25.55 -17.16 0.67
C LEU E 66 -24.87 -17.59 1.99
N LYS E 67 -25.19 -18.81 2.45
CA LYS E 67 -24.56 -19.45 3.61
C LYS E 67 -23.06 -19.66 3.36
N HIS E 68 -22.58 -19.18 2.22
CA HIS E 68 -21.17 -19.30 1.85
C HIS E 68 -20.50 -17.94 1.97
N LEU E 69 -21.32 -16.90 2.02
CA LEU E 69 -20.84 -15.56 2.32
C LEU E 69 -20.98 -15.39 3.82
N ALA E 70 -21.82 -16.24 4.43
CA ALA E 70 -21.95 -16.35 5.88
C ALA E 70 -20.59 -16.72 6.43
N GLU E 71 -19.91 -17.58 5.68
CA GLU E 71 -18.53 -18.04 5.93
C GLU E 71 -17.56 -16.88 5.67
N LYS E 72 -17.40 -16.50 4.39
CA LYS E 72 -16.46 -15.46 4.00
C LYS E 72 -16.82 -14.09 4.61
N ARG E 73 -17.65 -14.11 5.65
CA ARG E 73 -17.89 -12.95 6.48
C ARG E 73 -17.21 -13.21 7.80
N GLU E 74 -17.83 -14.01 8.67
CA GLU E 74 -17.27 -14.34 9.98
C GLU E 74 -15.88 -14.96 9.81
N HIS E 75 -15.13 -14.41 8.86
CA HIS E 75 -13.69 -14.59 8.70
C HIS E 75 -13.14 -13.21 8.93
N GLU E 76 -13.89 -12.20 8.47
CA GLU E 76 -13.63 -10.80 8.80
C GLU E 76 -13.52 -10.74 10.29
N ARG E 77 -14.63 -11.07 10.93
CA ARG E 77 -14.66 -11.27 12.38
C ARG E 77 -13.26 -11.79 12.82
N GLU E 78 -12.89 -12.97 12.32
CA GLU E 78 -11.65 -13.64 12.69
C GLU E 78 -10.41 -12.78 12.48
N VAL E 79 -10.31 -12.13 11.33
CA VAL E 79 -9.09 -11.42 10.96
C VAL E 79 -9.00 -10.06 11.61
N ILE E 80 -10.13 -9.38 11.81
CA ILE E 80 -10.10 -8.08 12.45
C ILE E 80 -9.73 -8.28 13.92
N GLN E 81 -10.10 -9.47 14.42
CA GLN E 81 -10.02 -9.83 15.84
C GLN E 81 -8.72 -10.52 16.27
N LYS E 82 -8.03 -11.14 15.30
CA LYS E 82 -6.71 -11.72 15.55
C LYS E 82 -5.63 -10.68 15.28
N ALA E 83 -6.05 -9.45 15.00
CA ALA E 83 -5.15 -8.31 14.76
C ALA E 83 -5.01 -7.56 16.05
N ILE E 84 -6.16 -7.36 16.68
CA ILE E 84 -6.25 -6.83 18.02
C ILE E 84 -5.80 -7.92 19.01
N GLU E 85 -6.20 -9.17 18.77
CA GLU E 85 -5.77 -10.28 19.65
C GLU E 85 -4.25 -10.32 19.78
N GLU E 86 -3.57 -10.15 18.63
CA GLU E 86 -2.12 -10.14 18.55
C GLU E 86 -1.47 -8.76 18.78
N ASN E 87 -2.25 -7.67 18.80
CA ASN E 87 -1.66 -6.38 19.12
C ASN E 87 -1.54 -6.11 20.62
N ASN E 88 -2.64 -6.19 21.38
CA ASN E 88 -2.48 -6.04 22.85
C ASN E 88 -1.56 -7.12 23.44
N ASN E 89 -1.40 -8.20 22.67
CA ASN E 89 -0.43 -9.24 22.97
C ASN E 89 0.97 -8.66 23.05
N PHE E 90 1.29 -7.75 22.14
CA PHE E 90 2.57 -7.06 22.09
C PHE E 90 2.71 -6.03 23.19
N ILE E 91 1.74 -5.12 23.28
CA ILE E 91 1.78 -4.05 24.26
C ILE E 91 1.89 -4.57 25.72
N LYS E 92 0.96 -5.44 26.10
CA LYS E 92 0.93 -6.05 27.44
C LYS E 92 1.78 -7.33 27.53
N MET E 93 2.85 -7.38 26.73
CA MET E 93 3.99 -8.25 26.96
C MET E 93 5.19 -7.31 27.16
N ALA E 94 5.25 -6.26 26.33
CA ALA E 94 6.35 -5.28 26.34
C ALA E 94 6.19 -4.20 27.41
N LYS E 95 5.04 -4.20 28.09
CA LYS E 95 4.85 -3.42 29.32
C LYS E 95 5.71 -4.01 30.44
N GLU E 96 5.44 -5.26 30.83
CA GLU E 96 6.20 -5.94 31.88
C GLU E 96 7.58 -6.47 31.42
N LYS E 97 7.82 -6.51 30.11
CA LYS E 97 9.17 -6.68 29.57
C LYS E 97 10.02 -5.51 30.05
N LEU E 98 9.37 -4.50 30.61
CA LEU E 98 10.05 -3.37 31.22
C LEU E 98 10.16 -3.56 32.72
N ALA E 99 9.34 -2.85 33.49
CA ALA E 99 9.46 -2.81 34.96
C ALA E 99 9.39 -4.16 35.68
N GLN E 100 10.05 -5.16 35.10
CA GLN E 100 10.30 -6.46 35.72
C GLN E 100 11.70 -6.82 35.24
N LYS E 101 12.31 -5.80 34.66
CA LYS E 101 13.64 -5.85 34.08
C LYS E 101 14.01 -4.38 34.28
N MET E 102 13.68 -3.90 35.46
CA MET E 102 13.91 -2.52 35.81
C MET E 102 13.55 -2.40 37.27
N GLU E 103 12.75 -3.34 37.73
CA GLU E 103 12.53 -3.53 39.15
C GLU E 103 13.37 -4.74 39.58
N SER E 104 14.15 -5.24 38.64
CA SER E 104 15.29 -6.07 38.98
C SER E 104 16.56 -5.20 38.85
N ASN E 105 16.40 -3.98 38.33
CA ASN E 105 17.50 -3.04 38.13
C ASN E 105 17.74 -2.10 39.30
N LYS E 106 16.68 -1.47 39.80
CA LYS E 106 16.74 -0.64 41.01
C LYS E 106 17.10 -1.50 42.24
N GLU E 107 16.64 -2.76 42.22
CA GLU E 107 17.02 -3.75 43.23
C GLU E 107 18.51 -4.14 43.13
N ASN E 108 19.04 -4.14 41.90
CA ASN E 108 20.43 -4.53 41.61
C ASN E 108 21.49 -3.56 42.15
N ARG E 109 21.42 -2.32 41.69
CA ARG E 109 22.32 -1.28 42.15
C ARG E 109 22.19 -1.10 43.65
N GLU E 110 20.98 -0.82 44.14
CA GLU E 110 20.73 -0.46 45.55
C GLU E 110 21.46 -1.38 46.55
N ALA E 111 21.44 -2.67 46.26
CA ALA E 111 22.10 -3.69 47.06
C ALA E 111 23.61 -3.75 46.80
N HIS E 112 24.02 -3.29 45.62
CA HIS E 112 25.44 -3.15 45.29
C HIS E 112 25.96 -1.82 45.87
N LEU E 113 25.06 -0.84 46.10
CA LEU E 113 25.40 0.37 46.86
C LEU E 113 25.65 -0.04 48.31
N ALA E 114 24.65 -0.71 48.89
CA ALA E 114 24.71 -1.18 50.28
C ALA E 114 25.88 -2.11 50.58
N ALA E 115 26.24 -3.00 49.64
CA ALA E 115 27.41 -3.89 49.83
C ALA E 115 28.76 -3.21 49.56
N MET E 116 28.69 -1.89 49.36
CA MET E 116 29.83 -1.00 49.41
C MET E 116 29.80 -0.24 50.72
N LEU E 117 28.62 0.00 51.27
CA LEU E 117 28.52 0.66 52.57
C LEU E 117 28.82 -0.30 53.74
N GLU E 118 28.46 -1.56 53.54
CA GLU E 118 28.76 -2.66 54.49
C GLU E 118 30.22 -3.11 54.39
N ARG E 119 30.88 -2.77 53.26
CA ARG E 119 32.34 -2.95 53.03
C ARG E 119 33.10 -1.73 53.58
N LEU E 120 32.33 -0.72 53.97
CA LEU E 120 32.86 0.56 54.43
C LEU E 120 32.45 0.91 55.87
N GLN E 121 31.38 0.30 56.37
CA GLN E 121 31.07 0.38 57.80
C GLN E 121 31.99 -0.57 58.60
N GLU E 122 32.55 -1.55 57.90
CA GLU E 122 33.40 -2.63 58.43
C GLU E 122 34.88 -2.24 58.56
N LYS E 123 35.34 -1.28 57.77
CA LYS E 123 36.63 -0.64 58.03
C LYS E 123 36.36 0.72 58.72
N ASP E 124 35.14 0.85 59.25
CA ASP E 124 34.76 1.94 60.17
C ASP E 124 34.49 1.48 61.63
N LYS E 125 33.86 0.31 61.83
CA LYS E 125 33.85 -0.34 63.15
C LYS E 125 35.24 -0.89 63.57
N HIS E 126 36.26 -0.68 62.71
CA HIS E 126 37.69 -1.12 62.86
C HIS E 126 38.63 -0.04 63.43
N ALA E 127 38.38 1.22 63.05
CA ALA E 127 39.05 2.34 63.69
C ALA E 127 38.56 2.48 65.14
N GLU E 128 37.29 2.14 65.37
CA GLU E 128 36.68 2.19 66.71
C GLU E 128 37.29 1.20 67.72
N GLU E 129 37.76 0.05 67.21
CA GLU E 129 38.30 -1.04 68.04
C GLU E 129 39.81 -0.96 68.28
N VAL E 130 40.54 -0.20 67.45
CA VAL E 130 41.96 0.17 67.75
C VAL E 130 42.14 1.59 68.39
N ARG E 131 41.12 2.46 68.24
CA ARG E 131 41.05 3.80 68.86
C ARG E 131 40.87 3.72 70.39
N LYS E 132 39.98 2.82 70.83
CA LYS E 132 39.87 2.46 72.24
C LYS E 132 40.81 1.30 72.57
N ASN E 133 41.70 0.96 71.63
CA ASN E 133 42.84 0.08 71.92
C ASN E 133 44.10 0.89 72.30
N LYS E 134 44.13 2.16 71.91
CA LYS E 134 45.07 3.14 72.46
C LYS E 134 44.82 3.18 73.96
N GLU E 135 43.56 3.14 74.36
CA GLU E 135 43.19 2.89 75.76
C GLU E 135 43.59 1.47 76.17
N LEU E 136 44.83 1.09 75.84
CA LEU E 136 45.52 -0.13 76.28
C LEU E 136 46.99 -0.09 75.83
N LYS E 137 47.83 0.59 76.62
CA LYS E 137 49.27 0.66 76.40
C LYS E 137 49.86 1.47 77.53
N GLU E 138 50.74 0.85 78.34
CA GLU E 138 51.37 1.49 79.51
C GLU E 138 52.84 1.12 79.67
#